data_7WDQ
#
_entry.id   7WDQ
#
_cell.length_a   76.490
_cell.length_b   115.931
_cell.length_c   153.097
_cell.angle_alpha   90.000
_cell.angle_beta   90.000
_cell.angle_gamma   90.000
#
_symmetry.space_group_name_H-M   'P 21 21 21'
#
loop_
_entity.id
_entity.type
_entity.pdbx_description
1 polymer 'SAM-dependent MTHB methyltransferase'
2 non-polymer S-ADENOSYLMETHIONINE
3 water water
#
_entity_poly.entity_id   1
_entity_poly.type   'polypeptide(L)'
_entity_poly.pdbx_seq_one_letter_code
;MTLLTNAEEISDIAFGFMGSKALFAALHHGVFTCLADGPLSVEEMAAATGLHPDRVQTLLTALASLGVVSAVEGRFANSP
AAESFLVKGAKYDFGDYLRLQVDRQMYGLLDQIEDAIANNLPDDATSSYADWFSDPEQAKLYSNSQHAGSLGPARGLAKL
IDLSGGKKLLDVGGGTGAFAITLCKAFADLAATIVDFPNVAALGKGYVEKAGLSDRIEYVIGDALRTEWPREQDAILMSY
LFSGVAGDEHDSLLKRAYDHLVPGGRLLIHDFVVTADRTGPKLAALWQLQHTAFTPEARSLDDEWLAEQLKKTGFTDVKV
GPMIPGMTMLAEAVRPE
;
_entity_poly.pdbx_strand_id   A,B,C,D
#
# COMPACT_ATOMS: atom_id res chain seq x y z
N THR A 2 -5.64 4.86 7.71
CA THR A 2 -4.93 3.83 8.47
C THR A 2 -4.17 4.45 9.61
N LEU A 3 -3.90 3.65 10.62
CA LEU A 3 -3.11 4.05 11.76
C LEU A 3 -2.16 2.89 11.93
N LEU A 4 -0.87 3.17 11.93
CA LEU A 4 0.13 2.11 11.97
C LEU A 4 0.13 1.39 13.31
N THR A 5 0.39 0.09 13.25
CA THR A 5 0.47 -0.74 14.45
C THR A 5 1.78 -1.52 14.49
N ASN A 6 2.36 -1.79 13.33
CA ASN A 6 3.49 -2.72 13.20
C ASN A 6 4.86 -2.06 12.99
N ALA A 7 5.91 -2.70 13.50
CA ALA A 7 7.28 -2.19 13.33
C ALA A 7 7.61 -2.15 11.85
N GLU A 8 7.13 -3.15 11.11
CA GLU A 8 7.36 -3.20 9.68
C GLU A 8 6.83 -1.95 9.00
N GLU A 9 5.65 -1.50 9.38
CA GLU A 9 5.07 -0.32 8.77
C GLU A 9 5.90 0.94 9.08
N ILE A 10 6.55 0.98 10.24
CA ILE A 10 7.45 2.07 10.55
C ILE A 10 8.69 1.96 9.66
N SER A 11 9.22 0.74 9.52
CA SER A 11 10.38 0.49 8.67
C SER A 11 10.15 0.95 7.25
N ASP A 12 8.97 0.66 6.72
CA ASP A 12 8.64 1.01 5.34
C ASP A 12 8.75 2.51 5.16
N ILE A 13 8.23 3.25 6.14
CA ILE A 13 8.35 4.70 6.11
C ILE A 13 9.82 5.12 6.28
N ALA A 14 10.46 4.68 7.36
CA ALA A 14 11.87 5.04 7.62
C ALA A 14 12.75 4.85 6.39
N PHE A 15 12.54 3.75 5.64
CA PHE A 15 13.46 3.42 4.55
C PHE A 15 13.01 3.84 3.15
N GLY A 16 11.89 4.56 3.05
CA GLY A 16 11.41 5.04 1.77
C GLY A 16 12.45 5.83 1.01
N PHE A 17 13.30 6.58 1.72
CA PHE A 17 14.31 7.39 1.02
C PHE A 17 15.23 6.52 0.15
N MET A 18 15.48 5.30 0.59
CA MET A 18 16.31 4.40 -0.21
C MET A 18 15.60 4.01 -1.49
N GLY A 19 14.28 3.81 -1.41
CA GLY A 19 13.50 3.56 -2.59
C GLY A 19 13.58 4.71 -3.58
N SER A 20 13.43 5.93 -3.07
CA SER A 20 13.41 7.11 -3.93
C SER A 20 14.72 7.22 -4.71
N LYS A 21 15.82 6.95 -4.01
CA LYS A 21 17.14 7.09 -4.59
C LYS A 21 17.44 5.98 -5.58
N ALA A 22 16.92 4.79 -5.33
CA ALA A 22 17.01 3.73 -6.32
C ALA A 22 16.33 4.19 -7.60
N LEU A 23 15.07 4.62 -7.51
CA LEU A 23 14.37 5.15 -8.67
C LEU A 23 15.21 6.23 -9.33
N PHE A 24 15.69 7.18 -8.52
CA PHE A 24 16.40 8.35 -9.05
C PHE A 24 17.71 7.96 -9.76
N ALA A 25 18.51 7.10 -9.14
CA ALA A 25 19.75 6.67 -9.77
C ALA A 25 19.44 6.07 -11.14
N ALA A 26 18.45 5.18 -11.19
CA ALA A 26 18.04 4.54 -12.42
C ALA A 26 17.67 5.54 -13.51
N LEU A 27 16.95 6.59 -13.14
CA LEU A 27 16.68 7.65 -14.11
C LEU A 27 17.98 8.30 -14.60
N HIS A 28 18.90 8.56 -13.69
CA HIS A 28 20.12 9.25 -14.11
C HIS A 28 20.89 8.45 -15.15
N HIS A 29 20.77 7.13 -15.08
CA HIS A 29 21.49 6.28 -16.00
C HIS A 29 20.57 5.66 -17.04
N GLY A 30 19.40 6.24 -17.21
CA GLY A 30 18.49 5.86 -18.27
C GLY A 30 18.06 4.40 -18.29
N VAL A 31 18.04 3.75 -17.13
CA VAL A 31 17.61 2.36 -17.03
C VAL A 31 16.28 2.01 -17.74
N PHE A 32 15.22 2.77 -17.45
CA PHE A 32 13.91 2.43 -18.01
C PHE A 32 13.82 2.62 -19.52
N THR A 33 14.57 3.58 -20.04
CA THR A 33 14.63 3.81 -21.47
C THR A 33 15.35 2.64 -22.19
N CYS A 34 16.34 2.05 -21.55
CA CYS A 34 17.04 0.90 -22.12
C CYS A 34 16.15 -0.32 -22.24
N LEU A 35 15.15 -0.40 -21.35
CA LEU A 35 14.20 -1.52 -21.30
C LEU A 35 12.93 -1.31 -22.17
N ALA A 36 12.83 -0.17 -22.83
CA ALA A 36 11.59 0.15 -23.55
C ALA A 36 11.29 -0.81 -24.69
N ASP A 37 12.33 -1.44 -25.21
CA ASP A 37 12.20 -2.35 -26.36
C ASP A 37 12.12 -3.81 -25.95
N GLY A 38 11.69 -4.06 -24.72
CA GLY A 38 11.55 -5.42 -24.23
C GLY A 38 12.64 -5.77 -23.25
N PRO A 39 12.47 -6.89 -22.53
CA PRO A 39 13.30 -7.34 -21.41
C PRO A 39 14.77 -7.56 -21.78
N LEU A 40 15.65 -7.25 -20.83
CA LEU A 40 17.08 -7.35 -20.97
C LEU A 40 17.66 -8.09 -19.77
N SER A 41 18.78 -8.78 -19.99
CA SER A 41 19.53 -9.39 -18.91
C SER A 41 20.41 -8.36 -18.24
N VAL A 42 21.02 -8.73 -17.12
CA VAL A 42 21.95 -7.84 -16.45
C VAL A 42 23.06 -7.38 -17.40
N GLU A 43 23.71 -8.31 -18.08
CA GLU A 43 24.82 -7.96 -18.98
C GLU A 43 24.35 -7.20 -20.22
N GLU A 44 23.18 -7.55 -20.74
CA GLU A 44 22.59 -6.76 -21.81
C GLU A 44 22.36 -5.32 -21.32
N MET A 45 21.94 -5.20 -20.07
CA MET A 45 21.76 -3.90 -19.45
C MET A 45 23.09 -3.15 -19.19
N ALA A 46 24.08 -3.87 -18.69
CA ALA A 46 25.42 -3.30 -18.45
C ALA A 46 25.97 -2.72 -19.75
N ALA A 47 25.67 -3.36 -20.87
CA ALA A 47 26.23 -2.90 -22.13
C ALA A 47 25.60 -1.59 -22.53
N ALA A 48 24.26 -1.58 -22.57
CA ALA A 48 23.52 -0.42 -23.07
C ALA A 48 23.72 0.85 -22.26
N THR A 49 24.07 0.70 -20.99
CA THR A 49 24.12 1.85 -20.08
C THR A 49 25.53 2.18 -19.64
N GLY A 50 26.48 1.31 -19.97
CA GLY A 50 27.85 1.49 -19.57
C GLY A 50 28.09 1.32 -18.08
N LEU A 51 27.10 0.78 -17.37
CA LEU A 51 27.31 0.46 -15.97
C LEU A 51 27.95 -0.92 -15.82
N HIS A 52 28.70 -1.12 -14.75
CA HIS A 52 29.24 -2.43 -14.43
C HIS A 52 28.14 -3.45 -14.07
N PRO A 53 28.23 -4.68 -14.63
CA PRO A 53 27.22 -5.73 -14.41
C PRO A 53 26.79 -5.87 -12.95
N ASP A 54 27.73 -5.78 -12.02
CA ASP A 54 27.41 -5.90 -10.61
C ASP A 54 26.61 -4.72 -10.02
N ARG A 55 26.96 -3.48 -10.35
CA ARG A 55 26.13 -2.36 -9.91
C ARG A 55 24.73 -2.42 -10.52
N VAL A 56 24.62 -2.77 -11.80
CA VAL A 56 23.30 -2.86 -12.42
C VAL A 56 22.44 -3.93 -11.73
N GLN A 57 23.05 -5.03 -11.34
CA GLN A 57 22.35 -6.09 -10.64
C GLN A 57 21.77 -5.57 -9.33
N THR A 58 22.61 -4.91 -8.54
CA THR A 58 22.20 -4.30 -7.29
C THR A 58 21.06 -3.30 -7.47
N LEU A 59 21.20 -2.42 -8.46
CA LEU A 59 20.17 -1.41 -8.73
C LEU A 59 18.85 -2.01 -9.22
N LEU A 60 18.90 -2.97 -10.13
CA LEU A 60 17.70 -3.62 -10.66
C LEU A 60 17.01 -4.50 -9.61
N THR A 61 17.78 -5.23 -8.82
CA THR A 61 17.19 -6.02 -7.74
C THR A 61 16.38 -5.10 -6.83
N ALA A 62 16.95 -3.95 -6.46
CA ALA A 62 16.26 -3.00 -5.61
C ALA A 62 14.93 -2.56 -6.24
N LEU A 63 15.00 -2.19 -7.52
CA LEU A 63 13.84 -1.78 -8.28
C LEU A 63 12.77 -2.88 -8.34
N ALA A 64 13.19 -4.12 -8.54
CA ALA A 64 12.26 -5.24 -8.65
C ALA A 64 11.51 -5.42 -7.34
N SER A 65 12.22 -5.27 -6.23
CA SER A 65 11.63 -5.45 -4.91
C SER A 65 10.66 -4.33 -4.57
N LEU A 66 10.64 -3.27 -5.39
CA LEU A 66 9.63 -2.21 -5.24
C LEU A 66 8.54 -2.35 -6.29
N GLY A 67 8.71 -3.35 -7.18
CA GLY A 67 7.77 -3.57 -8.25
C GLY A 67 7.87 -2.54 -9.38
N VAL A 68 8.99 -1.84 -9.45
CA VAL A 68 9.16 -0.85 -10.51
C VAL A 68 9.51 -1.56 -11.81
N VAL A 69 10.22 -2.69 -11.72
CA VAL A 69 10.44 -3.55 -12.88
C VAL A 69 10.14 -4.99 -12.47
N SER A 70 9.91 -5.85 -13.46
CA SER A 70 9.78 -7.28 -13.21
C SER A 70 11.12 -7.97 -13.39
N ALA A 71 11.30 -9.07 -12.67
CA ALA A 71 12.48 -9.91 -12.76
C ALA A 71 12.01 -11.34 -13.01
N VAL A 72 12.03 -11.74 -14.27
CA VAL A 72 11.58 -13.07 -14.65
C VAL A 72 12.73 -13.80 -15.35
N GLU A 73 13.23 -14.84 -14.69
CA GLU A 73 14.29 -15.67 -15.24
C GLU A 73 15.53 -14.84 -15.52
N GLY A 74 15.97 -14.09 -14.52
CA GLY A 74 17.10 -13.19 -14.71
C GLY A 74 16.94 -12.17 -15.84
N ARG A 75 15.70 -11.94 -16.29
CA ARG A 75 15.42 -10.90 -17.25
C ARG A 75 14.59 -9.79 -16.60
N PHE A 76 14.97 -8.56 -16.86
CA PHE A 76 14.25 -7.42 -16.29
C PHE A 76 13.40 -6.72 -17.32
N ALA A 77 12.21 -6.28 -16.93
CA ALA A 77 11.33 -5.55 -17.84
C ALA A 77 10.60 -4.43 -17.12
N ASN A 78 10.27 -3.35 -17.83
CA ASN A 78 9.53 -2.23 -17.27
C ASN A 78 8.15 -2.64 -16.76
N SER A 79 7.77 -2.13 -15.60
CA SER A 79 6.38 -2.22 -15.19
C SER A 79 5.55 -1.28 -16.07
N PRO A 80 4.23 -1.45 -16.05
CA PRO A 80 3.38 -0.53 -16.80
C PRO A 80 3.63 0.91 -16.39
N ALA A 81 3.85 1.14 -15.09
CA ALA A 81 4.13 2.48 -14.60
C ALA A 81 5.39 3.03 -15.24
N ALA A 82 6.46 2.24 -15.23
CA ALA A 82 7.71 2.67 -15.85
C ALA A 82 7.52 3.03 -17.33
N GLU A 83 6.80 2.19 -18.05
CA GLU A 83 6.57 2.39 -19.47
C GLU A 83 5.95 3.76 -19.69
N SER A 84 4.92 4.07 -18.92
CA SER A 84 4.23 5.34 -19.06
C SER A 84 4.94 6.57 -18.45
N PHE A 85 5.63 6.41 -17.33
CA PHE A 85 6.06 7.58 -16.57
C PHE A 85 7.57 7.85 -16.56
N LEU A 86 8.37 6.84 -16.89
CA LEU A 86 9.82 6.93 -16.66
C LEU A 86 10.68 6.76 -17.91
N VAL A 87 10.07 6.36 -19.02
CA VAL A 87 10.76 6.25 -20.30
C VAL A 87 10.83 7.63 -20.96
N LYS A 88 12.01 8.05 -21.40
CA LYS A 88 12.09 9.35 -22.07
C LYS A 88 11.21 9.32 -23.31
N GLY A 89 10.22 10.21 -23.35
CA GLY A 89 9.32 10.28 -24.48
C GLY A 89 7.92 9.77 -24.18
N ALA A 90 7.79 8.97 -23.11
CA ALA A 90 6.49 8.38 -22.80
C ALA A 90 5.40 9.44 -22.64
N LYS A 91 4.17 9.03 -22.88
CA LYS A 91 3.00 9.88 -22.78
C LYS A 91 3.01 10.73 -21.52
N TYR A 92 3.37 10.14 -20.38
CA TYR A 92 3.31 10.86 -19.12
C TYR A 92 4.68 10.98 -18.47
N ASP A 93 5.71 11.10 -19.30
CA ASP A 93 7.08 11.15 -18.82
C ASP A 93 7.31 12.29 -17.81
N PHE A 94 7.83 11.96 -16.62
CA PHE A 94 8.39 12.99 -15.76
C PHE A 94 9.69 12.52 -15.10
N GLY A 95 10.44 11.72 -15.85
CA GLY A 95 11.71 11.21 -15.39
C GLY A 95 12.73 12.32 -15.16
N ASP A 96 12.80 13.26 -16.10
CA ASP A 96 13.73 14.36 -15.95
C ASP A 96 13.33 15.29 -14.79
N TYR A 97 12.03 15.55 -14.64
CA TYR A 97 11.56 16.30 -13.48
C TYR A 97 12.09 15.64 -12.19
N LEU A 98 11.88 14.33 -12.07
CA LEU A 98 12.28 13.61 -10.86
C LEU A 98 13.80 13.64 -10.59
N ARG A 99 14.62 13.40 -11.60
CA ARG A 99 16.06 13.27 -11.35
C ARG A 99 16.81 14.61 -11.26
N LEU A 100 16.27 15.65 -11.89
CA LEU A 100 16.93 16.94 -11.91
C LEU A 100 16.52 17.77 -10.68
N GLN A 101 15.26 18.17 -10.61
CA GLN A 101 14.82 18.97 -9.48
C GLN A 101 14.65 18.13 -8.20
N VAL A 102 13.89 17.05 -8.27
CA VAL A 102 13.58 16.34 -7.04
C VAL A 102 14.86 15.74 -6.46
N ASP A 103 15.59 14.98 -7.27
CA ASP A 103 16.78 14.29 -6.79
C ASP A 103 17.99 15.19 -6.50
N ARG A 104 18.41 15.99 -7.48
CA ARG A 104 19.63 16.80 -7.31
C ARG A 104 19.44 17.98 -6.37
N GLN A 105 18.21 18.51 -6.30
CA GLN A 105 17.87 19.62 -5.39
C GLN A 105 17.04 19.21 -4.17
N MET A 106 15.80 18.78 -4.36
CA MET A 106 14.90 18.55 -3.20
C MET A 106 15.41 17.56 -2.16
N TYR A 107 15.97 16.43 -2.62
CA TYR A 107 16.55 15.45 -1.70
C TYR A 107 17.55 16.11 -0.72
N GLY A 108 18.64 16.66 -1.23
CA GLY A 108 19.64 17.29 -0.37
C GLY A 108 19.11 18.40 0.54
N LEU A 109 18.22 19.24 0.02
CA LEU A 109 17.68 20.35 0.81
C LEU A 109 16.90 19.87 2.02
N LEU A 110 16.23 18.72 1.90
CA LEU A 110 15.44 18.19 2.99
C LEU A 110 16.32 17.79 4.20
N ASP A 111 17.63 17.63 3.97
CA ASP A 111 18.58 17.41 5.07
C ASP A 111 18.59 18.57 6.05
N GLN A 112 17.88 19.64 5.70
CA GLN A 112 17.79 20.82 6.54
C GLN A 112 16.58 20.85 7.50
N ILE A 113 15.56 20.01 7.29
CA ILE A 113 14.35 20.21 8.10
C ILE A 113 14.60 20.03 9.57
N GLU A 114 15.55 19.20 9.98
CA GLU A 114 15.74 19.07 11.42
C GLU A 114 15.96 20.43 12.07
N ASP A 115 16.67 21.31 11.38
CA ASP A 115 16.95 22.66 11.88
C ASP A 115 15.87 23.62 11.46
N ALA A 116 15.33 23.42 10.25
CA ALA A 116 14.29 24.32 9.78
C ALA A 116 13.05 24.27 10.66
N ILE A 117 12.58 23.07 11.04
CA ILE A 117 11.33 23.00 11.84
C ILE A 117 11.52 23.54 13.25
N ALA A 118 12.77 23.83 13.60
CA ALA A 118 13.08 24.39 14.91
C ALA A 118 13.39 25.87 14.74
N ASN A 119 13.14 26.38 13.55
CA ASN A 119 13.46 27.76 13.21
C ASN A 119 14.85 28.12 13.68
N ASN A 120 15.80 27.24 13.35
CA ASN A 120 17.20 27.36 13.73
C ASN A 120 18.14 26.93 12.59
N LEU A 121 17.91 27.45 11.39
CA LEU A 121 18.84 27.14 10.31
C LEU A 121 20.26 27.64 10.64
N PRO A 122 21.27 26.92 10.17
CA PRO A 122 22.66 27.36 10.24
C PRO A 122 22.93 28.39 9.15
N ASP A 123 23.90 29.26 9.38
CA ASP A 123 24.27 30.30 8.42
C ASP A 123 24.48 29.79 6.99
N ASP A 124 25.10 28.63 6.85
CA ASP A 124 25.43 28.15 5.50
C ASP A 124 24.28 27.45 4.76
N ALA A 125 23.09 27.45 5.36
CA ALA A 125 21.93 26.80 4.74
C ALA A 125 21.16 27.74 3.84
N THR A 126 20.42 27.16 2.91
CA THR A 126 19.55 27.91 2.02
C THR A 126 18.29 28.26 2.77
N SER A 127 17.99 29.55 2.87
CA SER A 127 16.98 30.02 3.79
C SER A 127 15.77 30.63 3.08
N SER A 128 15.77 30.57 1.76
CA SER A 128 14.62 31.07 1.01
C SER A 128 14.85 30.92 -0.47
N TYR A 129 13.77 31.04 -1.25
CA TYR A 129 13.87 31.03 -2.69
C TYR A 129 14.86 32.07 -3.16
N ALA A 130 14.80 33.26 -2.58
CA ALA A 130 15.67 34.40 -2.95
C ALA A 130 17.13 34.02 -2.87
N ASP A 131 17.54 33.58 -1.70
CA ASP A 131 18.89 33.15 -1.43
C ASP A 131 19.21 32.06 -2.44
N TRP A 132 18.26 31.15 -2.62
CA TRP A 132 18.52 29.91 -3.38
C TRP A 132 18.75 30.25 -4.85
N PHE A 133 17.84 31.02 -5.42
CA PHE A 133 17.94 31.37 -6.83
C PHE A 133 18.97 32.47 -7.14
N SER A 134 19.67 32.95 -6.10
N SER A 134 19.70 32.94 -6.13
CA SER A 134 20.81 33.82 -6.31
CA SER A 134 20.80 33.86 -6.38
C SER A 134 21.83 33.09 -7.18
C SER A 134 21.97 33.12 -7.04
N ASP A 135 21.95 31.79 -6.95
CA ASP A 135 22.85 30.95 -7.72
C ASP A 135 22.15 30.65 -9.05
N PRO A 136 22.71 31.14 -10.17
CA PRO A 136 22.04 31.03 -11.46
C PRO A 136 21.97 29.59 -11.97
N GLU A 137 22.91 28.75 -11.58
CA GLU A 137 22.83 27.34 -11.91
C GLU A 137 21.73 26.62 -11.09
N GLN A 138 21.46 27.08 -9.88
CA GLN A 138 20.35 26.48 -9.13
C GLN A 138 19.03 26.97 -9.71
N ALA A 139 18.98 28.23 -10.09
CA ALA A 139 17.75 28.76 -10.68
C ALA A 139 17.36 27.97 -11.92
N LYS A 140 18.35 27.63 -12.75
CA LYS A 140 18.12 26.87 -13.97
C LYS A 140 17.74 25.41 -13.71
N LEU A 141 18.54 24.73 -12.89
CA LEU A 141 18.29 23.35 -12.57
C LEU A 141 16.84 23.21 -12.11
N TYR A 142 16.43 24.11 -11.22
CA TYR A 142 15.07 24.15 -10.72
C TYR A 142 14.05 24.50 -11.79
N SER A 143 14.27 25.61 -12.49
CA SER A 143 13.21 26.15 -13.34
C SER A 143 12.93 25.32 -14.60
N ASN A 144 13.96 24.79 -15.24
CA ASN A 144 13.72 23.97 -16.44
C ASN A 144 12.74 22.83 -16.17
N SER A 145 12.92 22.12 -15.06
CA SER A 145 12.06 20.99 -14.72
C SER A 145 10.70 21.48 -14.23
N GLN A 146 10.71 22.60 -13.50
CA GLN A 146 9.47 23.16 -13.01
C GLN A 146 8.59 23.57 -14.19
N HIS A 147 9.20 24.20 -15.19
CA HIS A 147 8.47 24.65 -16.37
C HIS A 147 7.82 23.46 -17.09
N ALA A 148 8.61 22.43 -17.40
CA ALA A 148 8.07 21.26 -18.11
C ALA A 148 6.94 20.62 -17.29
N GLY A 149 7.20 20.37 -16.00
CA GLY A 149 6.19 19.90 -15.07
C GLY A 149 4.92 20.72 -14.89
N SER A 150 4.97 22.02 -15.14
CA SER A 150 3.75 22.83 -14.95
C SER A 150 2.91 23.01 -16.21
N LEU A 151 3.43 22.63 -17.36
CA LEU A 151 2.66 22.78 -18.60
C LEU A 151 1.32 22.06 -18.51
N GLY A 152 1.36 20.77 -18.17
CA GLY A 152 0.16 19.97 -17.95
C GLY A 152 -0.86 20.71 -17.10
N PRO A 153 -0.52 20.98 -15.84
CA PRO A 153 -1.42 21.72 -14.96
C PRO A 153 -1.89 23.03 -15.57
N ALA A 154 -1.01 23.76 -16.26
CA ALA A 154 -1.39 25.02 -16.91
C ALA A 154 -2.44 24.81 -17.99
N ARG A 155 -2.26 23.77 -18.79
CA ARG A 155 -3.27 23.41 -19.78
C ARG A 155 -4.60 23.01 -19.08
N GLY A 156 -4.51 22.34 -17.95
CA GLY A 156 -5.69 22.01 -17.17
C GLY A 156 -6.42 23.27 -16.72
N LEU A 157 -5.64 24.28 -16.34
CA LEU A 157 -6.17 25.54 -15.82
C LEU A 157 -6.93 26.37 -16.88
N ALA A 158 -6.39 26.43 -18.09
CA ALA A 158 -7.03 27.16 -19.20
C ALA A 158 -8.43 26.65 -19.49
N LYS A 159 -8.60 25.33 -19.38
CA LYS A 159 -9.89 24.71 -19.61
C LYS A 159 -10.96 25.18 -18.60
N LEU A 160 -10.54 25.53 -17.39
CA LEU A 160 -11.50 25.87 -16.33
C LEU A 160 -11.98 27.30 -16.40
N ILE A 161 -11.04 28.23 -16.53
CA ILE A 161 -11.34 29.65 -16.51
C ILE A 161 -11.43 30.19 -17.93
N ASP A 162 -12.12 31.32 -18.07
CA ASP A 162 -12.19 31.99 -19.36
C ASP A 162 -11.58 33.40 -19.26
N LEU A 163 -10.56 33.65 -20.10
CA LEU A 163 -9.84 34.92 -20.08
C LEU A 163 -9.79 35.59 -21.45
N SER A 164 -10.68 35.18 -22.35
CA SER A 164 -10.80 35.81 -23.66
C SER A 164 -11.19 37.28 -23.57
N GLY A 165 -11.07 38.00 -24.68
CA GLY A 165 -11.32 39.43 -24.70
C GLY A 165 -10.04 40.17 -24.34
N GLY A 166 -10.09 41.49 -24.30
CA GLY A 166 -8.90 42.28 -24.01
C GLY A 166 -8.55 42.26 -22.53
N LYS A 167 -7.79 41.26 -22.10
CA LYS A 167 -7.54 41.07 -20.67
C LYS A 167 -6.06 41.01 -20.23
N LYS A 168 -5.83 41.41 -18.99
CA LYS A 168 -4.49 41.43 -18.42
C LYS A 168 -4.37 40.48 -17.25
N LEU A 169 -3.32 39.67 -17.27
CA LEU A 169 -3.09 38.67 -16.25
C LEU A 169 -1.82 39.03 -15.51
N LEU A 170 -1.83 38.88 -14.18
CA LEU A 170 -0.64 39.13 -13.38
C LEU A 170 -0.30 37.83 -12.68
N ASP A 171 0.90 37.31 -12.93
CA ASP A 171 1.32 36.04 -12.35
C ASP A 171 2.40 36.24 -11.30
N VAL A 172 2.01 36.35 -10.04
CA VAL A 172 2.97 36.61 -8.99
C VAL A 172 3.73 35.35 -8.62
N GLY A 173 5.02 35.32 -9.00
CA GLY A 173 5.83 34.14 -8.81
C GLY A 173 5.61 33.13 -9.92
N GLY A 174 5.37 33.63 -11.12
CA GLY A 174 5.13 32.79 -12.27
C GLY A 174 6.33 32.10 -12.87
N GLY A 175 7.46 32.10 -12.16
CA GLY A 175 8.63 31.38 -12.64
C GLY A 175 9.00 31.75 -14.07
N THR A 176 9.25 30.74 -14.91
CA THR A 176 9.67 30.97 -16.29
C THR A 176 8.49 31.00 -17.28
N GLY A 177 7.28 31.17 -16.77
CA GLY A 177 6.13 31.49 -17.60
C GLY A 177 5.27 30.34 -18.09
N ALA A 178 5.49 29.13 -17.57
CA ALA A 178 4.73 27.97 -18.03
C ALA A 178 3.23 28.24 -18.02
N PHE A 179 2.75 28.89 -16.96
CA PHE A 179 1.32 29.28 -16.92
C PHE A 179 0.97 30.44 -17.85
N ALA A 180 1.76 31.50 -17.80
CA ALA A 180 1.42 32.69 -18.55
C ALA A 180 1.49 32.35 -20.04
N ILE A 181 2.53 31.61 -20.41
CA ILE A 181 2.71 31.23 -21.80
C ILE A 181 1.54 30.37 -22.26
N THR A 182 1.25 29.32 -21.51
CA THR A 182 0.12 28.45 -21.82
C THR A 182 -1.19 29.23 -21.92
N LEU A 183 -1.43 30.11 -20.97
CA LEU A 183 -2.65 30.91 -21.01
C LEU A 183 -2.67 31.82 -22.25
N CYS A 184 -1.55 32.48 -22.54
CA CYS A 184 -1.44 33.36 -23.69
C CYS A 184 -1.58 32.63 -25.03
N LYS A 185 -1.16 31.36 -25.09
CA LYS A 185 -1.33 30.56 -26.30
C LYS A 185 -2.79 30.17 -26.48
N ALA A 186 -3.53 30.10 -25.37
CA ALA A 186 -4.93 29.68 -25.39
C ALA A 186 -5.91 30.82 -25.66
N PHE A 187 -5.60 32.01 -25.19
CA PHE A 187 -6.48 33.17 -25.32
C PHE A 187 -5.79 34.30 -26.07
N ALA A 188 -6.38 34.67 -27.20
CA ALA A 188 -5.74 35.54 -28.19
C ALA A 188 -5.36 36.95 -27.74
N ASP A 189 -6.22 37.60 -26.98
CA ASP A 189 -5.97 39.01 -26.69
C ASP A 189 -5.31 39.22 -25.32
N LEU A 190 -4.85 38.12 -24.72
CA LEU A 190 -4.32 38.14 -23.37
C LEU A 190 -2.89 38.69 -23.27
N ALA A 191 -2.72 39.70 -22.42
CA ALA A 191 -1.41 40.21 -22.05
C ALA A 191 -1.07 39.77 -20.63
N ALA A 192 0.17 39.36 -20.41
CA ALA A 192 0.58 38.90 -19.09
C ALA A 192 1.78 39.65 -18.51
N THR A 193 1.81 39.73 -17.19
CA THR A 193 2.97 40.25 -16.45
C THR A 193 3.37 39.17 -15.46
N ILE A 194 4.67 38.89 -15.39
CA ILE A 194 5.19 37.92 -14.47
C ILE A 194 6.12 38.62 -13.46
N VAL A 195 5.92 38.35 -12.17
CA VAL A 195 6.88 38.79 -11.16
C VAL A 195 7.72 37.61 -10.66
N ASP A 196 9.04 37.76 -10.71
CA ASP A 196 9.94 36.77 -10.13
C ASP A 196 11.36 37.33 -9.94
N PHE A 197 12.19 36.50 -9.30
CA PHE A 197 13.59 36.83 -9.06
C PHE A 197 14.45 36.98 -10.31
N PRO A 198 15.47 37.83 -10.24
CA PRO A 198 16.18 38.22 -11.45
C PRO A 198 16.74 37.03 -12.22
N ASN A 199 17.27 36.04 -11.53
CA ASN A 199 17.77 34.87 -12.24
C ASN A 199 16.66 34.03 -12.86
N VAL A 200 15.45 34.10 -12.30
CA VAL A 200 14.37 33.31 -12.87
C VAL A 200 13.80 34.06 -14.08
N ALA A 201 13.66 35.37 -13.95
CA ALA A 201 13.20 36.19 -15.06
C ALA A 201 14.10 36.11 -16.29
N ALA A 202 15.42 36.08 -16.10
CA ALA A 202 16.36 35.99 -17.22
C ALA A 202 16.20 34.69 -18.04
N LEU A 203 15.87 33.59 -17.38
CA LEU A 203 15.59 32.34 -18.09
C LEU A 203 14.22 32.44 -18.73
N GLY A 204 13.31 33.11 -18.05
CA GLY A 204 11.94 33.25 -18.51
C GLY A 204 11.86 33.96 -19.84
N LYS A 205 12.62 35.04 -19.97
CA LYS A 205 12.68 35.81 -21.20
C LYS A 205 12.88 34.88 -22.40
N GLY A 206 13.81 33.94 -22.26
CA GLY A 206 14.08 32.96 -23.31
C GLY A 206 12.91 32.05 -23.69
N TYR A 207 12.18 31.53 -22.70
CA TYR A 207 10.98 30.73 -22.99
C TYR A 207 9.92 31.55 -23.73
N VAL A 208 9.81 32.82 -23.37
CA VAL A 208 8.81 33.72 -23.94
C VAL A 208 9.17 34.09 -25.39
N GLU A 209 10.46 34.24 -25.66
CA GLU A 209 10.95 34.37 -27.05
C GLU A 209 10.68 33.12 -27.86
N LYS A 210 11.12 31.97 -27.36
CA LYS A 210 10.88 30.70 -28.07
C LYS A 210 9.43 30.60 -28.52
N ALA A 211 8.50 30.99 -27.66
CA ALA A 211 7.08 30.93 -27.93
C ALA A 211 6.60 32.12 -28.76
N GLY A 212 7.50 33.04 -29.07
CA GLY A 212 7.15 34.22 -29.83
C GLY A 212 6.14 35.12 -29.13
N LEU A 213 6.23 35.24 -27.81
CA LEU A 213 5.25 36.02 -27.05
C LEU A 213 5.84 37.26 -26.39
N SER A 214 7.08 37.59 -26.77
CA SER A 214 7.78 38.72 -26.17
C SER A 214 6.97 40.00 -26.22
N ASP A 215 6.03 40.08 -27.16
CA ASP A 215 5.18 41.26 -27.30
C ASP A 215 3.97 41.27 -26.36
N ARG A 216 3.73 40.18 -25.62
CA ARG A 216 2.50 40.04 -24.84
C ARG A 216 2.74 39.68 -23.36
N ILE A 217 3.99 39.33 -23.04
CA ILE A 217 4.35 38.89 -21.69
C ILE A 217 5.58 39.64 -21.23
N GLU A 218 5.43 40.46 -20.18
CA GLU A 218 6.55 41.22 -19.61
C GLU A 218 6.92 40.69 -18.25
N TYR A 219 8.19 40.84 -17.88
CA TYR A 219 8.62 40.50 -16.54
C TYR A 219 8.81 41.75 -15.73
N VAL A 220 8.43 41.68 -14.47
CA VAL A 220 8.72 42.71 -13.50
C VAL A 220 9.61 42.07 -12.42
N ILE A 221 10.88 42.45 -12.41
CA ILE A 221 11.86 41.70 -11.66
C ILE A 221 11.98 42.12 -10.19
N GLY A 222 12.19 41.14 -9.33
CA GLY A 222 12.44 41.43 -7.94
C GLY A 222 11.58 40.62 -7.02
N ASP A 223 11.80 40.79 -5.72
CA ASP A 223 11.05 40.10 -4.69
C ASP A 223 9.62 40.65 -4.69
N ALA A 224 8.64 39.78 -4.93
CA ALA A 224 7.23 40.18 -5.04
C ALA A 224 6.68 41.02 -3.86
N LEU A 225 7.22 40.78 -2.67
CA LEU A 225 6.80 41.50 -1.48
C LEU A 225 7.33 42.93 -1.41
N ARG A 226 8.39 43.23 -2.18
CA ARG A 226 9.04 44.53 -2.09
C ARG A 226 8.98 45.29 -3.40
N THR A 227 8.35 44.69 -4.40
CA THR A 227 8.28 45.31 -5.72
C THR A 227 6.84 45.72 -5.98
N GLU A 228 6.63 46.69 -6.86
CA GLU A 228 5.28 47.14 -7.16
C GLU A 228 4.65 46.30 -8.28
N TRP A 229 3.40 45.91 -8.11
CA TRP A 229 2.68 45.18 -9.15
C TRP A 229 1.93 46.17 -10.02
N PRO A 230 1.65 45.79 -11.29
CA PRO A 230 0.78 46.57 -12.18
C PRO A 230 -0.64 46.58 -11.62
N ARG A 231 -1.37 47.68 -11.83
CA ARG A 231 -2.74 47.80 -11.29
C ARG A 231 -3.86 47.44 -12.26
N GLU A 232 -5.07 47.38 -11.73
CA GLU A 232 -6.27 47.09 -12.51
C GLU A 232 -6.09 45.89 -13.44
N GLN A 233 -5.78 44.75 -12.84
CA GLN A 233 -5.59 43.52 -13.59
C GLN A 233 -6.91 42.80 -13.65
N ASP A 234 -7.08 41.96 -14.66
CA ASP A 234 -8.32 41.22 -14.86
C ASP A 234 -8.30 39.88 -14.15
N ALA A 235 -7.08 39.37 -13.91
CA ALA A 235 -6.91 38.16 -13.13
C ALA A 235 -5.49 38.07 -12.58
N ILE A 236 -5.36 37.50 -11.39
CA ILE A 236 -4.05 37.33 -10.77
C ILE A 236 -3.84 35.87 -10.39
N LEU A 237 -2.68 35.32 -10.75
CA LEU A 237 -2.39 33.92 -10.46
C LEU A 237 -1.26 33.78 -9.46
N MET A 238 -1.48 32.93 -8.47
CA MET A 238 -0.42 32.64 -7.51
C MET A 238 -0.30 31.14 -7.37
N SER A 239 0.70 30.60 -8.06
CA SER A 239 0.89 29.17 -8.16
C SER A 239 2.18 28.75 -7.44
N TYR A 240 2.02 28.07 -6.31
CA TYR A 240 3.11 27.66 -5.44
C TYR A 240 3.82 28.84 -4.81
N LEU A 241 3.11 29.96 -4.67
CA LEU A 241 3.69 31.13 -3.99
C LEU A 241 3.60 31.01 -2.46
N PHE A 242 2.37 30.86 -1.97
CA PHE A 242 2.11 30.81 -0.52
C PHE A 242 2.99 29.82 0.26
N SER A 243 3.24 28.66 -0.36
CA SER A 243 4.07 27.60 0.19
C SER A 243 5.52 27.99 0.43
N GLY A 244 6.03 28.91 -0.37
CA GLY A 244 7.42 29.30 -0.27
C GLY A 244 7.63 30.66 0.37
N VAL A 245 6.59 31.20 0.98
CA VAL A 245 6.65 32.49 1.65
C VAL A 245 6.28 32.36 3.13
N ALA A 246 6.85 33.24 3.97
CA ALA A 246 6.59 33.26 5.40
C ALA A 246 5.11 33.48 5.71
N GLY A 247 4.64 32.77 6.73
CA GLY A 247 3.24 32.76 7.15
C GLY A 247 2.67 34.16 7.38
N ASP A 248 3.48 35.05 7.95
CA ASP A 248 3.05 36.40 8.29
C ASP A 248 2.72 37.23 7.06
N GLU A 249 3.19 36.79 5.89
CA GLU A 249 2.95 37.52 4.66
C GLU A 249 1.63 37.15 3.97
N HIS A 250 0.98 36.10 4.44
CA HIS A 250 -0.17 35.54 3.72
C HIS A 250 -1.36 36.50 3.55
N ASP A 251 -1.73 37.20 4.62
CA ASP A 251 -2.89 38.10 4.55
C ASP A 251 -2.63 39.28 3.62
N SER A 252 -1.46 39.90 3.76
CA SER A 252 -1.12 41.06 2.93
C SER A 252 -1.11 40.73 1.44
N LEU A 253 -0.66 39.52 1.10
CA LEU A 253 -0.69 39.06 -0.30
C LEU A 253 -2.12 39.03 -0.82
N LEU A 254 -3.03 38.53 0.01
CA LEU A 254 -4.45 38.52 -0.36
C LEU A 254 -5.00 39.94 -0.51
N LYS A 255 -4.65 40.80 0.44
CA LYS A 255 -5.11 42.19 0.41
C LYS A 255 -4.52 42.93 -0.78
N ARG A 256 -3.22 42.76 -1.02
CA ARG A 256 -2.64 43.41 -2.18
C ARG A 256 -3.32 42.90 -3.45
N ALA A 257 -3.60 41.61 -3.50
CA ALA A 257 -4.17 41.01 -4.70
C ALA A 257 -5.53 41.63 -4.97
N TYR A 258 -6.36 41.64 -3.94
CA TYR A 258 -7.68 42.24 -4.07
C TYR A 258 -7.57 43.66 -4.63
N ASP A 259 -6.58 44.39 -4.14
CA ASP A 259 -6.43 45.79 -4.53
C ASP A 259 -5.96 46.02 -5.97
N HIS A 260 -5.18 45.10 -6.51
CA HIS A 260 -4.65 45.27 -7.86
C HIS A 260 -5.56 44.65 -8.91
N LEU A 261 -6.80 44.36 -8.52
CA LEU A 261 -7.72 43.64 -9.38
C LEU A 261 -8.86 44.61 -9.75
N VAL A 262 -9.26 44.67 -11.01
CA VAL A 262 -10.46 45.43 -11.38
C VAL A 262 -11.69 44.75 -10.79
N PRO A 263 -12.76 45.51 -10.55
CA PRO A 263 -14.05 44.92 -10.17
C PRO A 263 -14.44 43.81 -11.13
N GLY A 264 -14.79 42.64 -10.60
CA GLY A 264 -15.12 41.51 -11.44
C GLY A 264 -13.91 40.64 -11.72
N GLY A 265 -12.74 41.11 -11.32
CA GLY A 265 -11.50 40.38 -11.52
C GLY A 265 -11.43 39.10 -10.69
N ARG A 266 -10.61 38.15 -11.13
CA ARG A 266 -10.48 36.89 -10.39
C ARG A 266 -9.08 36.68 -9.80
N LEU A 267 -9.06 36.27 -8.53
CA LEU A 267 -7.86 35.74 -7.92
C LEU A 267 -7.85 34.21 -8.05
N LEU A 268 -6.74 33.69 -8.55
CA LEU A 268 -6.51 32.25 -8.64
C LEU A 268 -5.25 31.85 -7.83
N ILE A 269 -5.46 30.99 -6.85
CA ILE A 269 -4.37 30.50 -6.03
C ILE A 269 -4.26 28.98 -6.17
N HIS A 270 -3.11 28.53 -6.62
CA HIS A 270 -2.84 27.12 -6.85
C HIS A 270 -1.69 26.72 -5.95
N ASP A 271 -1.92 25.70 -5.13
CA ASP A 271 -0.91 25.36 -4.16
C ASP A 271 -1.18 24.04 -3.45
N PHE A 272 -0.17 23.59 -2.74
CA PHE A 272 -0.26 22.42 -1.86
C PHE A 272 -1.15 22.80 -0.71
N VAL A 273 -2.34 22.22 -0.69
CA VAL A 273 -3.27 22.54 0.38
C VAL A 273 -3.83 21.28 1.02
N VAL A 274 -3.70 21.17 2.33
CA VAL A 274 -4.33 20.05 3.01
C VAL A 274 -5.78 20.35 3.40
N THR A 275 -6.54 19.29 3.65
CA THR A 275 -7.90 19.43 4.15
C THR A 275 -7.86 19.84 5.61
N ALA A 276 -8.89 20.56 6.05
CA ALA A 276 -8.91 21.11 7.41
C ALA A 276 -8.84 20.04 8.52
N ASP A 277 -9.17 18.80 8.21
CA ASP A 277 -9.09 17.74 9.21
C ASP A 277 -7.64 17.27 9.39
N ARG A 278 -6.77 17.77 8.52
CA ARG A 278 -5.33 17.59 8.61
C ARG A 278 -4.94 16.15 8.47
N THR A 279 -5.56 15.48 7.53
CA THR A 279 -5.43 14.05 7.39
C THR A 279 -4.74 13.71 6.08
N GLY A 280 -4.56 14.72 5.24
CA GLY A 280 -4.03 14.57 3.91
C GLY A 280 -4.56 15.73 3.11
N PRO A 281 -4.47 15.77 1.70
CA PRO A 281 -3.79 14.61 1.09
C PRO A 281 -2.30 14.51 1.40
N LYS A 282 -1.81 13.29 1.40
CA LYS A 282 -0.44 12.96 1.75
C LYS A 282 0.64 13.79 1.06
N LEU A 283 0.63 13.84 -0.27
CA LEU A 283 1.62 14.58 -1.04
C LEU A 283 1.56 16.09 -0.83
N ALA A 284 0.37 16.63 -0.58
CA ALA A 284 0.28 18.05 -0.27
C ALA A 284 1.07 18.31 1.03
N ALA A 285 0.83 17.48 2.04
CA ALA A 285 1.48 17.61 3.33
C ALA A 285 2.98 17.41 3.22
N LEU A 286 3.41 16.36 2.54
CA LEU A 286 4.84 16.13 2.41
C LEU A 286 5.50 17.30 1.68
N TRP A 287 4.91 17.77 0.58
CA TRP A 287 5.50 18.92 -0.11
C TRP A 287 5.56 20.16 0.80
N GLN A 288 4.53 20.35 1.63
CA GLN A 288 4.49 21.47 2.58
C GLN A 288 5.71 21.41 3.50
N LEU A 289 6.00 20.23 4.01
CA LEU A 289 7.19 20.00 4.83
C LEU A 289 8.48 20.25 4.03
N GLN A 290 8.49 19.83 2.77
CA GLN A 290 9.65 20.03 1.90
C GLN A 290 9.96 21.53 1.70
N HIS A 291 8.92 22.34 1.54
CA HIS A 291 9.13 23.78 1.39
C HIS A 291 9.57 24.41 2.73
N THR A 292 9.10 23.85 3.85
CA THR A 292 9.52 24.36 5.14
C THR A 292 11.04 24.27 5.32
N ALA A 293 11.69 23.35 4.62
CA ALA A 293 13.12 23.14 4.78
C ALA A 293 13.96 24.38 4.39
N PHE A 294 13.54 25.07 3.33
CA PHE A 294 14.14 26.35 2.95
C PHE A 294 13.20 27.53 3.12
N THR A 295 12.11 27.33 3.84
CA THR A 295 11.19 28.42 4.16
C THR A 295 10.75 28.22 5.60
N PRO A 296 11.67 28.43 6.56
CA PRO A 296 11.40 28.02 7.94
C PRO A 296 10.29 28.82 8.63
N GLU A 297 9.74 29.85 8.00
CA GLU A 297 8.57 30.52 8.57
C GLU A 297 7.30 30.22 7.78
N ALA A 298 7.33 29.14 7.01
CA ALA A 298 6.13 28.62 6.33
C ALA A 298 5.04 28.18 7.32
N ARG A 299 3.80 28.51 6.98
CA ARG A 299 2.68 27.90 7.67
C ARG A 299 1.90 26.99 6.73
N SER A 300 1.44 25.86 7.25
CA SER A 300 0.62 24.93 6.49
C SER A 300 -0.70 25.55 6.04
N LEU A 301 -0.97 25.53 4.73
CA LEU A 301 -2.28 25.92 4.21
C LEU A 301 -3.30 24.79 4.27
N ASP A 302 -4.49 25.07 4.81
CA ASP A 302 -5.61 24.15 4.70
C ASP A 302 -6.78 24.83 4.02
N ASP A 303 -7.69 24.03 3.46
CA ASP A 303 -8.73 24.54 2.57
C ASP A 303 -9.71 25.52 3.20
N GLU A 304 -10.06 25.35 4.46
CA GLU A 304 -11.08 26.25 4.98
C GLU A 304 -10.51 27.53 5.55
N TRP A 305 -9.25 27.51 5.98
CA TRP A 305 -8.58 28.74 6.33
C TRP A 305 -8.54 29.62 5.09
N LEU A 306 -8.14 29.01 3.98
CA LEU A 306 -7.98 29.74 2.74
C LEU A 306 -9.29 30.37 2.33
N ALA A 307 -10.36 29.56 2.34
CA ALA A 307 -11.67 30.09 1.96
C ALA A 307 -12.01 31.24 2.88
N GLU A 308 -11.82 31.05 4.18
CA GLU A 308 -12.17 32.06 5.16
C GLU A 308 -11.42 33.39 4.96
N GLN A 309 -10.10 33.32 4.84
CA GLN A 309 -9.29 34.52 4.61
C GLN A 309 -9.67 35.25 3.35
N LEU A 310 -10.06 34.51 2.32
CA LEU A 310 -10.46 35.15 1.06
C LEU A 310 -11.74 35.96 1.29
N LYS A 311 -12.68 35.41 2.06
CA LYS A 311 -13.90 36.16 2.41
C LYS A 311 -13.59 37.33 3.34
N LYS A 312 -12.74 37.08 4.34
CA LYS A 312 -12.31 38.16 5.24
C LYS A 312 -11.71 39.31 4.44
N THR A 313 -11.04 38.97 3.34
CA THR A 313 -10.38 39.93 2.49
C THR A 313 -11.39 40.73 1.67
N GLY A 314 -12.56 40.15 1.45
CA GLY A 314 -13.63 40.88 0.78
C GLY A 314 -14.02 40.31 -0.57
N PHE A 315 -13.43 39.18 -0.91
CA PHE A 315 -13.73 38.48 -2.16
C PHE A 315 -15.08 37.80 -2.10
N THR A 316 -15.61 37.44 -3.27
CA THR A 316 -16.89 36.74 -3.37
C THR A 316 -16.81 35.48 -4.24
N ASP A 317 -17.89 34.69 -4.25
CA ASP A 317 -17.97 33.55 -5.14
C ASP A 317 -16.70 32.75 -4.97
N VAL A 318 -16.34 32.52 -3.70
CA VAL A 318 -15.13 31.82 -3.31
C VAL A 318 -15.29 30.31 -3.42
N LYS A 319 -14.45 29.65 -4.21
CA LYS A 319 -14.41 28.18 -4.25
C LYS A 319 -13.00 27.57 -4.18
N VAL A 320 -12.91 26.43 -3.50
CA VAL A 320 -11.66 25.68 -3.35
C VAL A 320 -11.87 24.21 -3.67
N GLY A 321 -11.10 23.66 -4.61
CA GLY A 321 -11.29 22.28 -5.00
C GLY A 321 -10.00 21.73 -5.57
N PRO A 322 -9.97 20.42 -5.90
CA PRO A 322 -8.78 19.76 -6.43
C PRO A 322 -8.27 20.46 -7.68
N MET A 323 -6.94 20.50 -7.84
CA MET A 323 -6.34 20.83 -9.12
C MET A 323 -5.57 19.58 -9.58
N ILE A 324 -4.36 19.39 -9.09
CA ILE A 324 -3.65 18.15 -9.38
C ILE A 324 -4.05 17.12 -8.34
N PRO A 325 -4.69 16.03 -8.78
CA PRO A 325 -5.34 15.07 -7.86
C PRO A 325 -4.38 14.51 -6.82
N GLY A 326 -4.75 14.64 -5.54
CA GLY A 326 -3.94 14.18 -4.43
C GLY A 326 -2.75 15.07 -4.06
N MET A 327 -2.63 16.25 -4.67
CA MET A 327 -1.45 17.09 -4.42
C MET A 327 -1.72 18.58 -4.26
N THR A 328 -2.53 19.16 -5.13
CA THR A 328 -2.78 20.59 -5.08
C THR A 328 -4.25 20.91 -5.22
N MET A 329 -4.62 22.10 -4.78
CA MET A 329 -5.97 22.61 -4.91
C MET A 329 -5.97 23.94 -5.66
N LEU A 330 -7.12 24.27 -6.23
CA LEU A 330 -7.30 25.55 -6.88
C LEU A 330 -8.35 26.32 -6.09
N ALA A 331 -7.96 27.49 -5.60
CA ALA A 331 -8.88 28.41 -4.95
C ALA A 331 -9.16 29.51 -5.94
N GLU A 332 -10.39 29.97 -5.93
CA GLU A 332 -10.88 30.88 -6.94
C GLU A 332 -11.75 31.91 -6.25
N ALA A 333 -11.52 33.18 -6.53
CA ALA A 333 -12.21 34.25 -5.84
C ALA A 333 -12.46 35.43 -6.78
N VAL A 334 -13.51 36.18 -6.49
CA VAL A 334 -13.90 37.28 -7.35
C VAL A 334 -14.05 38.57 -6.55
N ARG A 335 -13.37 39.64 -7.00
CA ARG A 335 -13.62 40.99 -6.49
C ARG A 335 -14.98 41.48 -7.01
N PRO A 336 -15.86 41.90 -6.09
CA PRO A 336 -17.26 42.21 -6.44
C PRO A 336 -17.44 43.09 -7.70
N GLU A 337 -18.50 42.80 -8.46
CA GLU A 337 -18.87 43.56 -9.65
C GLU A 337 -20.40 43.66 -9.77
N THR B 2 -1.85 -1.52 -9.89
CA THR B 2 -1.08 -2.72 -9.61
C THR B 2 -1.46 -3.83 -10.57
N LEU B 3 -0.46 -4.56 -11.04
CA LEU B 3 -0.67 -5.74 -11.85
C LEU B 3 -0.15 -6.88 -11.02
N LEU B 4 -1.01 -7.85 -10.75
CA LEU B 4 -0.66 -8.97 -9.89
C LEU B 4 0.37 -9.91 -10.51
N THR B 5 1.24 -10.45 -9.67
CA THR B 5 2.25 -11.40 -10.11
C THR B 5 2.25 -12.68 -9.25
N ASN B 6 1.71 -12.59 -8.04
CA ASN B 6 1.78 -13.70 -7.06
C ASN B 6 0.48 -14.43 -6.76
N ALA B 7 0.59 -15.75 -6.60
CA ALA B 7 -0.55 -16.56 -6.19
C ALA B 7 -1.26 -15.96 -4.97
N GLU B 8 -0.49 -15.52 -3.98
CA GLU B 8 -1.10 -15.02 -2.75
C GLU B 8 -2.00 -13.81 -3.03
N GLU B 9 -1.66 -13.05 -4.07
CA GLU B 9 -2.43 -11.87 -4.43
C GLU B 9 -3.77 -12.33 -5.00
N ILE B 10 -3.74 -13.42 -5.76
CA ILE B 10 -4.95 -14.08 -6.20
C ILE B 10 -5.78 -14.54 -5.01
N SER B 11 -5.11 -15.12 -4.02
CA SER B 11 -5.81 -15.59 -2.84
C SER B 11 -6.48 -14.45 -2.09
N ASP B 12 -5.81 -13.29 -2.00
CA ASP B 12 -6.44 -12.14 -1.36
C ASP B 12 -7.80 -11.85 -2.01
N ILE B 13 -7.82 -11.80 -3.33
CA ILE B 13 -9.06 -11.52 -4.03
C ILE B 13 -10.10 -12.63 -3.83
N ALA B 14 -9.69 -13.88 -4.01
CA ALA B 14 -10.63 -14.99 -3.86
C ALA B 14 -11.26 -15.08 -2.48
N PHE B 15 -10.49 -14.76 -1.45
CA PHE B 15 -10.98 -14.79 -0.06
C PHE B 15 -11.70 -13.52 0.41
N GLY B 16 -11.72 -12.49 -0.42
CA GLY B 16 -12.41 -11.26 -0.09
C GLY B 16 -13.79 -11.46 0.51
N PHE B 17 -14.51 -12.48 0.05
CA PHE B 17 -15.89 -12.67 0.49
C PHE B 17 -15.99 -13.11 1.96
N MET B 18 -14.96 -13.76 2.47
CA MET B 18 -14.91 -14.16 3.86
C MET B 18 -14.66 -12.94 4.75
N GLY B 19 -13.89 -11.99 4.21
CA GLY B 19 -13.68 -10.74 4.92
C GLY B 19 -14.99 -10.01 5.11
N SER B 20 -15.76 -9.88 4.03
CA SER B 20 -17.03 -9.14 4.07
C SER B 20 -17.95 -9.81 5.07
N LYS B 21 -18.02 -11.13 5.00
CA LYS B 21 -18.93 -11.84 5.87
C LYS B 21 -18.53 -11.72 7.33
N ALA B 22 -17.24 -11.62 7.59
CA ALA B 22 -16.78 -11.48 8.96
C ALA B 22 -17.25 -10.13 9.49
N LEU B 23 -17.11 -9.11 8.65
CA LEU B 23 -17.56 -7.79 9.02
C LEU B 23 -19.07 -7.79 9.22
N PHE B 24 -19.81 -8.45 8.33
CA PHE B 24 -21.25 -8.41 8.42
C PHE B 24 -21.75 -9.15 9.67
N ALA B 25 -21.12 -10.28 9.97
CA ALA B 25 -21.48 -11.06 11.14
C ALA B 25 -21.25 -10.29 12.45
N ALA B 26 -20.23 -9.44 12.48
CA ALA B 26 -19.94 -8.62 13.65
C ALA B 26 -21.03 -7.59 13.85
N LEU B 27 -21.48 -6.96 12.76
CA LEU B 27 -22.54 -5.98 12.86
C LEU B 27 -23.85 -6.61 13.30
N HIS B 28 -24.16 -7.81 12.78
CA HIS B 28 -25.36 -8.53 13.23
C HIS B 28 -25.32 -8.79 14.72
N HIS B 29 -24.14 -9.03 15.26
CA HIS B 29 -24.09 -9.32 16.70
C HIS B 29 -23.60 -8.13 17.49
N GLY B 30 -23.64 -6.95 16.87
CA GLY B 30 -23.31 -5.71 17.56
C GLY B 30 -21.98 -5.63 18.27
N VAL B 31 -20.97 -6.21 17.66
CA VAL B 31 -19.64 -6.19 18.22
C VAL B 31 -19.14 -4.76 18.52
N PHE B 32 -19.20 -3.89 17.52
CA PHE B 32 -18.58 -2.57 17.65
C PHE B 32 -19.29 -1.70 18.67
N THR B 33 -20.61 -1.78 18.67
CA THR B 33 -21.40 -1.12 19.67
C THR B 33 -21.01 -1.58 21.07
N CYS B 34 -20.79 -2.88 21.23
CA CYS B 34 -20.38 -3.42 22.53
C CYS B 34 -18.98 -3.01 22.92
N LEU B 35 -18.18 -2.60 21.94
CA LEU B 35 -16.78 -2.23 22.20
C LEU B 35 -16.67 -0.74 22.45
N ALA B 36 -17.77 -0.03 22.23
CA ALA B 36 -17.78 1.44 22.29
C ALA B 36 -17.38 2.00 23.65
N ASP B 37 -17.62 1.20 24.70
CA ASP B 37 -17.42 1.63 26.08
C ASP B 37 -15.98 1.43 26.55
N GLY B 38 -15.22 0.65 25.79
CA GLY B 38 -13.83 0.41 26.12
C GLY B 38 -13.45 -1.00 25.76
N PRO B 39 -12.14 -1.31 25.77
CA PRO B 39 -11.71 -2.64 25.32
C PRO B 39 -12.29 -3.77 26.19
N LEU B 40 -12.55 -4.91 25.56
CA LEU B 40 -13.13 -6.03 26.25
C LEU B 40 -12.39 -7.31 25.87
N SER B 41 -12.37 -8.23 26.82
CA SER B 41 -11.83 -9.56 26.66
C SER B 41 -12.84 -10.45 25.94
N VAL B 42 -12.37 -11.61 25.50
CA VAL B 42 -13.25 -12.60 24.89
C VAL B 42 -14.39 -13.00 25.82
N GLU B 43 -14.10 -13.22 27.09
CA GLU B 43 -15.15 -13.54 28.05
C GLU B 43 -16.22 -12.46 28.15
N GLU B 44 -15.79 -11.22 28.33
CA GLU B 44 -16.73 -10.11 28.44
C GLU B 44 -17.54 -9.98 27.15
N MET B 45 -16.89 -10.12 26.00
CA MET B 45 -17.59 -10.05 24.71
C MET B 45 -18.61 -11.17 24.54
N ALA B 46 -18.32 -12.35 25.09
CA ALA B 46 -19.29 -13.44 24.95
C ALA B 46 -20.53 -13.10 25.76
N ALA B 47 -20.32 -12.46 26.90
CA ALA B 47 -21.41 -11.98 27.73
C ALA B 47 -22.20 -10.91 27.00
N ALA B 48 -21.49 -9.96 26.38
CA ALA B 48 -22.16 -8.86 25.70
C ALA B 48 -22.92 -9.30 24.43
N THR B 49 -22.33 -10.19 23.64
CA THR B 49 -22.92 -10.58 22.35
C THR B 49 -23.85 -11.78 22.46
N GLY B 50 -23.66 -12.61 23.47
CA GLY B 50 -24.47 -13.81 23.60
C GLY B 50 -23.84 -14.98 22.86
N LEU B 51 -22.73 -14.75 22.17
CA LEU B 51 -22.10 -15.85 21.42
C LEU B 51 -21.22 -16.73 22.30
N HIS B 52 -20.94 -17.93 21.82
CA HIS B 52 -20.01 -18.81 22.50
C HIS B 52 -18.62 -18.18 22.43
N PRO B 53 -17.88 -18.25 23.54
CA PRO B 53 -16.49 -17.77 23.64
C PRO B 53 -15.57 -18.17 22.50
N ASP B 54 -15.68 -19.40 22.00
CA ASP B 54 -14.83 -19.83 20.89
C ASP B 54 -15.27 -19.10 19.62
N ARG B 55 -16.57 -18.95 19.45
CA ARG B 55 -17.08 -18.25 18.28
C ARG B 55 -16.65 -16.77 18.32
N VAL B 56 -16.77 -16.14 19.49
CA VAL B 56 -16.33 -14.77 19.67
C VAL B 56 -14.85 -14.63 19.34
N GLN B 57 -14.05 -15.55 19.84
CA GLN B 57 -12.61 -15.43 19.63
C GLN B 57 -12.24 -15.47 18.16
N THR B 58 -12.72 -16.46 17.42
CA THR B 58 -12.40 -16.54 15.98
C THR B 58 -12.89 -15.30 15.22
N LEU B 59 -14.09 -14.83 15.53
CA LEU B 59 -14.61 -13.61 14.94
C LEU B 59 -13.70 -12.41 15.21
N LEU B 60 -13.37 -12.18 16.47
CA LEU B 60 -12.57 -11.04 16.85
C LEU B 60 -11.18 -11.07 16.21
N THR B 61 -10.58 -12.26 16.09
CA THR B 61 -9.26 -12.28 15.45
C THR B 61 -9.34 -12.10 13.93
N ALA B 62 -10.43 -12.56 13.32
CA ALA B 62 -10.66 -12.21 11.93
C ALA B 62 -10.67 -10.69 11.83
N LEU B 63 -11.48 -10.06 12.68
CA LEU B 63 -11.60 -8.61 12.69
C LEU B 63 -10.26 -7.89 13.00
N ALA B 64 -9.50 -8.40 13.98
CA ALA B 64 -8.16 -7.83 14.21
C ALA B 64 -7.27 -7.91 12.96
N SER B 65 -7.27 -9.07 12.30
CA SER B 65 -6.42 -9.28 11.12
C SER B 65 -6.81 -8.36 9.96
N LEU B 66 -8.05 -7.88 10.00
CA LEU B 66 -8.55 -6.94 9.01
C LEU B 66 -8.24 -5.49 9.41
N GLY B 67 -7.81 -5.30 10.65
CA GLY B 67 -7.60 -3.96 11.16
C GLY B 67 -8.85 -3.20 11.59
N VAL B 68 -9.98 -3.90 11.74
CA VAL B 68 -11.22 -3.25 12.16
C VAL B 68 -11.32 -3.07 13.69
N VAL B 69 -10.70 -3.98 14.43
CA VAL B 69 -10.48 -3.85 15.86
C VAL B 69 -8.97 -4.00 16.12
N SER B 70 -8.50 -3.47 17.24
CA SER B 70 -7.16 -3.77 17.70
C SER B 70 -7.23 -4.91 18.72
N ALA B 71 -6.14 -5.68 18.80
CA ALA B 71 -6.00 -6.75 19.79
C ALA B 71 -4.72 -6.52 20.58
N VAL B 72 -4.89 -6.19 21.86
CA VAL B 72 -3.78 -5.79 22.70
C VAL B 72 -3.88 -6.39 24.10
N GLU B 73 -2.88 -7.18 24.48
CA GLU B 73 -2.83 -7.72 25.82
C GLU B 73 -4.15 -8.37 26.21
N GLY B 74 -4.65 -9.23 25.33
CA GLY B 74 -5.84 -10.01 25.58
C GLY B 74 -7.17 -9.27 25.52
N ARG B 75 -7.19 -8.06 24.98
CA ARG B 75 -8.45 -7.32 24.88
C ARG B 75 -8.63 -6.65 23.52
N PHE B 76 -9.89 -6.44 23.14
CA PHE B 76 -10.20 -5.88 21.84
C PHE B 76 -10.85 -4.53 21.95
N ALA B 77 -10.51 -3.66 21.01
CA ALA B 77 -11.05 -2.31 20.98
C ALA B 77 -11.41 -1.96 19.55
N ASN B 78 -12.31 -1.00 19.38
CA ASN B 78 -12.63 -0.50 18.05
C ASN B 78 -11.45 0.21 17.44
N SER B 79 -11.15 -0.12 16.19
CA SER B 79 -10.38 0.80 15.34
C SER B 79 -11.16 2.11 15.28
N PRO B 80 -10.47 3.22 15.01
CA PRO B 80 -11.17 4.50 14.94
C PRO B 80 -12.29 4.50 13.89
N ALA B 81 -12.07 3.80 12.77
CA ALA B 81 -13.09 3.69 11.73
C ALA B 81 -14.35 3.00 12.23
N ALA B 82 -14.20 2.00 13.10
CA ALA B 82 -15.36 1.26 13.62
C ALA B 82 -16.09 2.15 14.62
N GLU B 83 -15.28 2.84 15.40
CA GLU B 83 -15.78 3.75 16.41
C GLU B 83 -16.68 4.79 15.74
N SER B 84 -16.26 5.24 14.55
CA SER B 84 -16.97 6.34 13.89
C SER B 84 -18.16 5.88 13.06
N PHE B 85 -18.02 4.74 12.40
CA PHE B 85 -19.00 4.35 11.40
C PHE B 85 -19.79 3.08 11.71
N LEU B 86 -19.42 2.34 12.75
CA LEU B 86 -19.99 1.01 12.93
C LEU B 86 -20.73 0.81 14.23
N VAL B 87 -20.64 1.78 15.14
CA VAL B 87 -21.34 1.63 16.41
C VAL B 87 -22.71 2.29 16.33
N LYS B 88 -23.69 1.65 16.96
CA LYS B 88 -25.07 2.09 16.91
C LYS B 88 -25.22 3.45 17.61
N GLY B 89 -25.74 4.42 16.86
CA GLY B 89 -26.00 5.74 17.40
C GLY B 89 -24.90 6.75 17.16
N ALA B 90 -23.79 6.31 16.61
CA ALA B 90 -22.71 7.22 16.27
C ALA B 90 -23.16 8.20 15.18
N LYS B 91 -22.77 9.46 15.36
CA LYS B 91 -22.94 10.52 14.38
C LYS B 91 -22.87 10.08 12.91
N TYR B 92 -21.79 9.40 12.54
CA TYR B 92 -21.57 8.97 11.15
C TYR B 92 -21.90 7.48 10.95
N ASP B 93 -22.57 6.86 11.91
CA ASP B 93 -22.84 5.43 11.81
C ASP B 93 -23.51 5.04 10.48
N PHE B 94 -23.01 3.97 9.87
CA PHE B 94 -23.69 3.40 8.71
C PHE B 94 -23.57 1.88 8.68
N GLY B 95 -23.38 1.30 9.85
CA GLY B 95 -23.39 -0.15 10.01
C GLY B 95 -24.64 -0.87 9.49
N ASP B 96 -25.82 -0.26 9.66
CA ASP B 96 -27.08 -0.92 9.27
C ASP B 96 -27.24 -0.96 7.77
N TYR B 97 -26.53 -0.07 7.09
CA TYR B 97 -26.42 -0.11 5.64
C TYR B 97 -25.71 -1.39 5.18
N LEU B 98 -24.61 -1.74 5.84
CA LEU B 98 -23.87 -2.94 5.49
C LEU B 98 -24.58 -4.20 6.02
N ARG B 99 -25.17 -4.07 7.20
CA ARG B 99 -25.74 -5.20 7.92
C ARG B 99 -26.94 -5.79 7.18
N LEU B 100 -27.79 -4.93 6.62
CA LEU B 100 -29.05 -5.38 6.02
C LEU B 100 -29.00 -5.42 4.50
N GLN B 101 -28.97 -4.27 3.84
CA GLN B 101 -28.91 -4.27 2.38
C GLN B 101 -27.77 -5.10 1.81
N VAL B 102 -26.54 -4.80 2.24
CA VAL B 102 -25.38 -5.35 1.55
C VAL B 102 -25.24 -6.82 1.86
N ASP B 103 -25.35 -7.16 3.13
CA ASP B 103 -25.25 -8.54 3.58
C ASP B 103 -26.44 -9.47 3.21
N ARG B 104 -27.66 -9.01 3.46
CA ARG B 104 -28.86 -9.84 3.25
C ARG B 104 -29.42 -9.76 1.83
N GLN B 105 -29.02 -8.74 1.06
CA GLN B 105 -29.47 -8.65 -0.34
C GLN B 105 -28.36 -8.77 -1.40
N MET B 106 -27.41 -7.84 -1.37
CA MET B 106 -26.36 -7.77 -2.37
C MET B 106 -25.52 -9.04 -2.42
N TYR B 107 -25.12 -9.53 -1.26
CA TYR B 107 -24.32 -10.73 -1.21
C TYR B 107 -24.92 -11.89 -1.99
N GLY B 108 -26.16 -12.27 -1.67
CA GLY B 108 -26.84 -13.37 -2.35
C GLY B 108 -27.23 -13.05 -3.80
N LEU B 109 -27.65 -11.84 -4.05
CA LEU B 109 -27.97 -11.44 -5.42
C LEU B 109 -26.77 -11.64 -6.33
N LEU B 110 -25.57 -11.39 -5.81
CA LEU B 110 -24.38 -11.51 -6.64
C LEU B 110 -24.14 -12.97 -7.04
N ASP B 111 -24.71 -13.91 -6.32
CA ASP B 111 -24.65 -15.30 -6.78
C ASP B 111 -25.31 -15.50 -8.16
N GLN B 112 -26.06 -14.50 -8.61
CA GLN B 112 -26.61 -14.49 -9.96
C GLN B 112 -25.61 -14.09 -11.06
N ILE B 113 -24.45 -13.51 -10.73
CA ILE B 113 -23.66 -12.94 -11.84
C ILE B 113 -23.21 -13.90 -12.91
N GLU B 114 -23.01 -15.18 -12.57
CA GLU B 114 -22.57 -16.11 -13.60
C GLU B 114 -23.55 -16.04 -14.78
N ASP B 115 -24.85 -16.14 -14.50
CA ASP B 115 -25.88 -16.11 -15.56
C ASP B 115 -26.20 -14.73 -16.11
N ALA B 116 -26.02 -13.71 -15.27
CA ALA B 116 -26.39 -12.35 -15.62
C ALA B 116 -25.40 -11.85 -16.64
N ILE B 117 -24.13 -12.19 -16.43
CA ILE B 117 -23.06 -11.83 -17.35
C ILE B 117 -23.34 -12.37 -18.73
N ALA B 118 -24.01 -13.51 -18.78
CA ALA B 118 -24.33 -14.12 -20.06
C ALA B 118 -25.75 -13.77 -20.54
N ASN B 119 -26.39 -12.79 -19.91
CA ASN B 119 -27.77 -12.45 -20.24
C ASN B 119 -28.64 -13.70 -20.31
N ASN B 120 -28.53 -14.53 -19.28
CA ASN B 120 -29.18 -15.82 -19.27
C ASN B 120 -29.70 -16.16 -17.87
N LEU B 121 -30.31 -15.17 -17.21
CA LEU B 121 -30.88 -15.40 -15.90
C LEU B 121 -32.11 -16.32 -16.00
N PRO B 122 -32.31 -17.17 -14.98
CA PRO B 122 -33.49 -18.03 -14.89
C PRO B 122 -34.71 -17.17 -14.61
N ASP B 123 -35.90 -17.72 -14.79
CA ASP B 123 -37.16 -16.97 -14.65
C ASP B 123 -37.47 -16.52 -13.23
N ASP B 124 -36.92 -17.22 -12.26
CA ASP B 124 -37.18 -16.89 -10.85
C ASP B 124 -36.10 -15.97 -10.27
N ALA B 125 -35.24 -15.45 -11.14
CA ALA B 125 -34.18 -14.54 -10.71
C ALA B 125 -34.70 -13.11 -10.74
N THR B 126 -34.21 -12.29 -9.82
CA THR B 126 -34.53 -10.86 -9.79
C THR B 126 -33.76 -10.15 -10.89
N SER B 127 -34.47 -9.51 -11.81
CA SER B 127 -33.85 -8.95 -13.00
C SER B 127 -34.16 -7.47 -13.21
N SER B 128 -34.73 -6.83 -12.18
CA SER B 128 -34.94 -5.40 -12.24
C SER B 128 -35.26 -4.82 -10.85
N TYR B 129 -34.96 -3.55 -10.67
CA TYR B 129 -35.39 -2.81 -9.48
C TYR B 129 -36.91 -2.85 -9.33
N ALA B 130 -37.64 -2.60 -10.42
CA ALA B 130 -39.11 -2.48 -10.38
C ALA B 130 -39.78 -3.72 -9.80
N ASP B 131 -39.41 -4.89 -10.31
CA ASP B 131 -39.92 -6.15 -9.84
C ASP B 131 -39.45 -6.43 -8.42
N TRP B 132 -38.16 -6.24 -8.18
CA TRP B 132 -37.55 -6.43 -6.87
C TRP B 132 -38.32 -5.71 -5.76
N PHE B 133 -38.55 -4.42 -5.95
CA PHE B 133 -39.13 -3.57 -4.91
C PHE B 133 -40.66 -3.63 -4.88
N SER B 134 -41.27 -4.37 -5.81
CA SER B 134 -42.69 -4.62 -5.74
C SER B 134 -42.97 -5.45 -4.48
N ASP B 135 -41.93 -6.06 -3.92
CA ASP B 135 -42.02 -6.71 -2.61
C ASP B 135 -41.70 -5.72 -1.50
N PRO B 136 -42.69 -5.40 -0.64
CA PRO B 136 -42.49 -4.34 0.33
C PRO B 136 -41.43 -4.67 1.38
N GLU B 137 -41.30 -5.95 1.73
CA GLU B 137 -40.28 -6.35 2.69
C GLU B 137 -38.91 -6.08 2.08
N GLN B 138 -38.76 -6.42 0.81
CA GLN B 138 -37.49 -6.23 0.13
C GLN B 138 -37.20 -4.74 -0.05
N ALA B 139 -38.25 -3.96 -0.23
CA ALA B 139 -38.07 -2.53 -0.44
C ALA B 139 -37.62 -1.87 0.85
N LYS B 140 -38.15 -2.35 1.97
CA LYS B 140 -37.81 -1.77 3.27
C LYS B 140 -36.36 -2.10 3.68
N LEU B 141 -36.02 -3.39 3.59
CA LEU B 141 -34.68 -3.89 3.79
C LEU B 141 -33.62 -3.11 2.98
N TYR B 142 -33.91 -2.84 1.72
CA TYR B 142 -33.01 -2.05 0.89
C TYR B 142 -32.98 -0.57 1.28
N SER B 143 -34.15 0.01 1.49
CA SER B 143 -34.26 1.46 1.59
C SER B 143 -33.86 2.07 2.91
N ASN B 144 -34.26 1.46 4.03
CA ASN B 144 -33.82 1.99 5.33
C ASN B 144 -32.30 1.99 5.38
N SER B 145 -31.70 0.93 4.85
CA SER B 145 -30.24 0.84 4.76
C SER B 145 -29.63 1.91 3.84
N GLN B 146 -30.19 2.04 2.64
CA GLN B 146 -29.70 3.01 1.68
C GLN B 146 -29.75 4.43 2.28
N HIS B 147 -30.83 4.73 2.99
CA HIS B 147 -31.00 6.07 3.50
C HIS B 147 -29.83 6.39 4.40
N ALA B 148 -29.51 5.45 5.29
CA ALA B 148 -28.41 5.62 6.24
C ALA B 148 -27.05 5.77 5.54
N GLY B 149 -26.81 4.98 4.50
CA GLY B 149 -25.56 5.12 3.76
C GLY B 149 -25.45 6.36 2.88
N SER B 150 -26.56 7.06 2.65
CA SER B 150 -26.54 8.19 1.73
C SER B 150 -26.45 9.53 2.46
N LEU B 151 -26.86 9.55 3.72
CA LEU B 151 -26.83 10.77 4.51
C LEU B 151 -25.44 11.42 4.47
N GLY B 152 -24.41 10.64 4.77
CA GLY B 152 -23.05 11.18 4.74
C GLY B 152 -22.74 11.88 3.44
N PRO B 153 -22.88 11.16 2.31
CA PRO B 153 -22.62 11.75 0.99
C PRO B 153 -23.60 12.88 0.63
N ALA B 154 -24.82 12.82 1.15
CA ALA B 154 -25.78 13.93 0.97
C ALA B 154 -25.27 15.25 1.58
N ARG B 155 -24.71 15.20 2.79
CA ARG B 155 -24.10 16.37 3.43
C ARG B 155 -22.92 16.92 2.65
N GLY B 156 -22.08 16.02 2.10
CA GLY B 156 -20.99 16.43 1.24
C GLY B 156 -21.50 17.28 0.08
N LEU B 157 -22.46 16.74 -0.65
CA LEU B 157 -23.07 17.44 -1.79
C LEU B 157 -23.66 18.79 -1.39
N ALA B 158 -24.28 18.86 -0.22
CA ALA B 158 -24.82 20.13 0.25
C ALA B 158 -23.77 21.26 0.29
N LYS B 159 -22.50 20.90 0.53
CA LYS B 159 -21.40 21.86 0.54
C LYS B 159 -20.90 22.18 -0.87
N LEU B 160 -20.97 21.20 -1.76
CA LEU B 160 -20.46 21.38 -3.11
C LEU B 160 -21.28 22.35 -3.97
N ILE B 161 -22.59 22.43 -3.76
CA ILE B 161 -23.45 23.20 -4.65
C ILE B 161 -24.41 24.12 -3.93
N ASP B 162 -24.81 25.21 -4.59
CA ASP B 162 -25.69 26.19 -3.97
C ASP B 162 -27.06 26.19 -4.61
N LEU B 163 -28.07 25.75 -3.87
CA LEU B 163 -29.42 25.73 -4.37
C LEU B 163 -30.29 26.74 -3.63
N SER B 164 -29.69 27.84 -3.17
CA SER B 164 -30.49 28.90 -2.55
C SER B 164 -31.23 29.69 -3.62
N GLY B 165 -32.07 30.62 -3.18
CA GLY B 165 -33.06 31.22 -4.05
C GLY B 165 -34.25 30.30 -3.92
N GLY B 166 -35.40 30.74 -4.39
CA GLY B 166 -36.56 29.86 -4.38
C GLY B 166 -36.43 28.93 -5.57
N LYS B 167 -35.65 27.86 -5.43
CA LYS B 167 -35.45 26.93 -6.54
C LYS B 167 -36.35 25.68 -6.44
N LYS B 168 -36.46 24.95 -7.54
CA LYS B 168 -37.23 23.71 -7.54
C LYS B 168 -36.33 22.53 -7.92
N LEU B 169 -36.33 21.49 -7.09
CA LEU B 169 -35.48 20.32 -7.29
C LEU B 169 -36.27 19.07 -7.62
N LEU B 170 -35.80 18.37 -8.66
CA LEU B 170 -36.40 17.11 -9.09
C LEU B 170 -35.37 16.01 -8.93
N ASP B 171 -35.68 15.06 -8.06
CA ASP B 171 -34.76 14.00 -7.70
C ASP B 171 -35.30 12.70 -8.28
N VAL B 172 -34.76 12.32 -9.43
CA VAL B 172 -35.28 11.17 -10.16
C VAL B 172 -34.69 9.90 -9.59
N GLY B 173 -35.51 9.07 -8.97
CA GLY B 173 -35.02 7.88 -8.31
C GLY B 173 -34.38 8.22 -6.98
N GLY B 174 -34.95 9.19 -6.27
CA GLY B 174 -34.40 9.65 -5.01
C GLY B 174 -34.64 8.78 -3.79
N GLY B 175 -35.23 7.60 -3.98
CA GLY B 175 -35.42 6.67 -2.87
C GLY B 175 -36.23 7.33 -1.77
N THR B 176 -35.77 7.16 -0.53
CA THR B 176 -36.48 7.65 0.64
C THR B 176 -36.10 9.09 1.03
N GLY B 177 -35.40 9.77 0.12
CA GLY B 177 -35.15 11.18 0.23
C GLY B 177 -33.95 11.65 1.00
N ALA B 178 -32.97 10.78 1.20
CA ALA B 178 -31.78 11.17 1.94
C ALA B 178 -31.17 12.43 1.36
N PHE B 179 -31.04 12.49 0.05
CA PHE B 179 -30.50 13.68 -0.60
C PHE B 179 -31.45 14.86 -0.54
N ALA B 180 -32.71 14.63 -0.86
CA ALA B 180 -33.70 15.68 -0.84
C ALA B 180 -33.77 16.34 0.53
N ILE B 181 -33.99 15.53 1.56
CA ILE B 181 -34.03 15.98 2.93
C ILE B 181 -32.80 16.85 3.23
N THR B 182 -31.62 16.28 3.06
CA THR B 182 -30.38 16.98 3.37
C THR B 182 -30.23 18.30 2.61
N LEU B 183 -30.63 18.32 1.35
CA LEU B 183 -30.56 19.56 0.58
C LEU B 183 -31.58 20.59 1.04
N CYS B 184 -32.81 20.15 1.29
CA CYS B 184 -33.84 21.05 1.80
C CYS B 184 -33.47 21.60 3.19
N LYS B 185 -32.80 20.81 4.03
CA LYS B 185 -32.39 21.32 5.33
C LYS B 185 -31.32 22.41 5.19
N ALA B 186 -30.36 22.20 4.28
CA ALA B 186 -29.30 23.19 4.00
C ALA B 186 -29.81 24.47 3.30
N PHE B 187 -30.86 24.35 2.50
CA PHE B 187 -31.44 25.46 1.72
C PHE B 187 -32.93 25.58 1.98
N ALA B 188 -33.32 26.46 2.90
CA ALA B 188 -34.69 26.53 3.42
C ALA B 188 -35.75 27.05 2.45
N ASP B 189 -35.31 27.57 1.31
CA ASP B 189 -36.20 28.05 0.25
C ASP B 189 -36.63 26.89 -0.65
N LEU B 190 -35.77 25.88 -0.72
CA LEU B 190 -35.85 24.85 -1.75
C LEU B 190 -37.08 23.94 -1.67
N ALA B 191 -37.70 23.70 -2.81
CA ALA B 191 -38.77 22.71 -2.91
C ALA B 191 -38.28 21.52 -3.74
N ALA B 192 -38.68 20.32 -3.35
CA ALA B 192 -38.17 19.14 -4.02
C ALA B 192 -39.31 18.23 -4.45
N THR B 193 -39.03 17.44 -5.48
CA THR B 193 -39.97 16.42 -5.95
C THR B 193 -39.15 15.15 -6.17
N ILE B 194 -39.61 14.05 -5.59
CA ILE B 194 -38.90 12.79 -5.68
C ILE B 194 -39.74 11.79 -6.47
N VAL B 195 -39.15 11.21 -7.51
CA VAL B 195 -39.78 10.16 -8.30
C VAL B 195 -39.15 8.83 -7.94
N ASP B 196 -39.97 7.86 -7.55
CA ASP B 196 -39.50 6.51 -7.25
C ASP B 196 -40.68 5.54 -7.19
N PHE B 197 -40.36 4.25 -7.12
CA PHE B 197 -41.36 3.20 -7.03
C PHE B 197 -42.24 3.30 -5.78
N PRO B 198 -43.52 2.91 -5.90
CA PRO B 198 -44.54 3.10 -4.85
C PRO B 198 -44.17 2.54 -3.49
N ASN B 199 -43.60 1.35 -3.43
CA ASN B 199 -43.16 0.82 -2.15
C ASN B 199 -42.02 1.63 -1.53
N VAL B 200 -41.22 2.29 -2.38
CA VAL B 200 -40.12 3.11 -1.86
C VAL B 200 -40.67 4.44 -1.44
N ALA B 201 -41.51 5.03 -2.28
CA ALA B 201 -42.19 6.27 -1.94
C ALA B 201 -42.93 6.14 -0.60
N ALA B 202 -43.56 5.00 -0.35
CA ALA B 202 -44.29 4.78 0.92
C ALA B 202 -43.43 4.84 2.17
N LEU B 203 -42.18 4.40 2.07
CA LEU B 203 -41.23 4.61 3.16
C LEU B 203 -40.74 6.05 3.15
N GLY B 204 -40.51 6.59 1.96
CA GLY B 204 -39.98 7.94 1.85
C GLY B 204 -40.81 8.96 2.62
N LYS B 205 -42.11 8.85 2.45
CA LYS B 205 -43.05 9.77 3.06
C LYS B 205 -42.83 9.85 4.57
N GLY B 206 -42.60 8.71 5.19
CA GLY B 206 -42.22 8.67 6.59
C GLY B 206 -41.02 9.55 6.87
N TYR B 207 -39.92 9.34 6.15
CA TYR B 207 -38.71 10.10 6.42
C TYR B 207 -38.91 11.61 6.24
N VAL B 208 -39.75 11.97 5.29
CA VAL B 208 -40.03 13.37 5.03
C VAL B 208 -40.86 14.00 6.16
N GLU B 209 -41.78 13.21 6.74
CA GLU B 209 -42.57 13.64 7.91
C GLU B 209 -41.70 13.90 9.13
N LYS B 210 -40.95 12.87 9.53
CA LYS B 210 -40.12 12.89 10.72
C LYS B 210 -39.09 14.02 10.65
N ALA B 211 -38.79 14.45 9.42
CA ALA B 211 -37.91 15.59 9.19
C ALA B 211 -38.70 16.90 9.11
N GLY B 212 -40.03 16.81 9.24
CA GLY B 212 -40.90 17.96 9.22
C GLY B 212 -40.86 18.72 7.91
N LEU B 213 -40.62 18.01 6.81
CA LEU B 213 -40.41 18.62 5.50
C LEU B 213 -41.53 18.40 4.48
N SER B 214 -42.73 18.07 4.96
CA SER B 214 -43.83 17.63 4.09
C SER B 214 -44.50 18.73 3.25
N ASP B 215 -44.39 19.97 3.66
CA ASP B 215 -44.87 21.09 2.85
C ASP B 215 -43.95 21.34 1.65
N ARG B 216 -42.68 20.95 1.79
CA ARG B 216 -41.64 21.27 0.80
C ARG B 216 -41.20 20.11 -0.09
N ILE B 217 -41.53 18.87 0.29
CA ILE B 217 -41.07 17.69 -0.47
C ILE B 217 -42.19 16.76 -0.90
N GLU B 218 -42.34 16.59 -2.21
CA GLU B 218 -43.40 15.77 -2.80
C GLU B 218 -42.86 14.56 -3.56
N TYR B 219 -43.62 13.47 -3.51
CA TYR B 219 -43.34 12.29 -4.30
C TYR B 219 -44.20 12.24 -5.56
N VAL B 220 -43.58 11.84 -6.66
CA VAL B 220 -44.32 11.40 -7.82
C VAL B 220 -43.99 9.94 -7.90
N ILE B 221 -45.03 9.12 -7.80
CA ILE B 221 -44.86 7.69 -7.64
C ILE B 221 -44.90 6.93 -8.98
N GLY B 222 -43.93 6.06 -9.18
CA GLY B 222 -43.92 5.19 -10.35
C GLY B 222 -42.53 4.96 -10.90
N ASP B 223 -42.42 4.04 -11.84
CA ASP B 223 -41.19 3.84 -12.59
C ASP B 223 -40.87 5.15 -13.33
N ALA B 224 -39.70 5.73 -13.10
CA ALA B 224 -39.35 7.04 -13.71
C ALA B 224 -39.28 7.07 -15.25
N LEU B 225 -39.13 5.90 -15.86
CA LEU B 225 -39.09 5.81 -17.32
C LEU B 225 -40.49 5.81 -17.92
N ARG B 226 -41.50 5.62 -17.07
CA ARG B 226 -42.88 5.55 -17.55
C ARG B 226 -43.71 6.75 -17.13
N THR B 227 -43.35 7.36 -16.01
CA THR B 227 -44.17 8.38 -15.39
C THR B 227 -43.72 9.79 -15.79
N GLU B 228 -44.65 10.73 -15.85
CA GLU B 228 -44.29 12.10 -16.20
C GLU B 228 -43.59 12.78 -15.04
N TRP B 229 -42.65 13.66 -15.36
CA TRP B 229 -41.98 14.47 -14.36
C TRP B 229 -42.53 15.89 -14.47
N PRO B 230 -42.44 16.66 -13.38
CA PRO B 230 -42.79 18.08 -13.47
C PRO B 230 -41.76 18.82 -14.33
N ARG B 231 -42.19 19.89 -14.98
CA ARG B 231 -41.32 20.63 -15.89
C ARG B 231 -40.78 21.90 -15.25
N GLU B 232 -39.96 22.61 -16.01
CA GLU B 232 -39.42 23.89 -15.56
C GLU B 232 -38.86 23.82 -14.14
N GLN B 233 -37.92 22.89 -13.94
CA GLN B 233 -37.23 22.71 -12.68
C GLN B 233 -35.91 23.46 -12.72
N ASP B 234 -35.43 23.88 -11.57
CA ASP B 234 -34.15 24.57 -11.51
C ASP B 234 -33.00 23.59 -11.41
N ALA B 235 -33.29 22.41 -10.87
CA ALA B 235 -32.25 21.39 -10.72
C ALA B 235 -32.81 19.97 -10.74
N ILE B 236 -32.06 19.07 -11.37
CA ILE B 236 -32.42 17.67 -11.39
C ILE B 236 -31.29 16.82 -10.82
N LEU B 237 -31.62 15.92 -9.90
CA LEU B 237 -30.61 15.05 -9.36
C LEU B 237 -30.91 13.62 -9.73
N MET B 238 -29.88 12.93 -10.21
CA MET B 238 -29.95 11.51 -10.51
C MET B 238 -28.80 10.76 -9.80
N SER B 239 -29.10 10.21 -8.63
CA SER B 239 -28.11 9.58 -7.79
C SER B 239 -28.28 8.06 -7.82
N TYR B 240 -27.37 7.35 -8.47
CA TYR B 240 -27.43 5.90 -8.64
C TYR B 240 -28.56 5.42 -9.56
N LEU B 241 -29.13 6.32 -10.34
CA LEU B 241 -30.19 5.90 -11.23
C LEU B 241 -29.62 5.12 -12.41
N PHE B 242 -28.55 5.65 -13.01
CA PHE B 242 -27.95 5.05 -14.20
C PHE B 242 -27.45 3.62 -14.02
N SER B 243 -26.83 3.34 -12.88
CA SER B 243 -26.25 2.03 -12.60
C SER B 243 -27.27 0.89 -12.68
N GLY B 244 -28.51 1.17 -12.28
CA GLY B 244 -29.56 0.16 -12.26
C GLY B 244 -30.63 0.33 -13.34
N VAL B 245 -30.27 1.03 -14.43
CA VAL B 245 -31.15 1.24 -15.56
C VAL B 245 -30.51 0.65 -16.82
N ALA B 246 -31.30 0.04 -17.69
CA ALA B 246 -30.79 -0.55 -18.94
C ALA B 246 -29.99 0.46 -19.75
N GLY B 247 -28.86 0.02 -20.29
CA GLY B 247 -27.95 0.91 -20.97
C GLY B 247 -28.57 1.73 -22.07
N ASP B 248 -29.53 1.14 -22.77
CA ASP B 248 -30.13 1.75 -23.95
C ASP B 248 -31.08 2.87 -23.56
N GLU B 249 -31.26 3.05 -22.26
CA GLU B 249 -32.10 4.11 -21.73
C GLU B 249 -31.29 5.36 -21.36
N HIS B 250 -29.97 5.29 -21.41
CA HIS B 250 -29.13 6.36 -20.85
C HIS B 250 -29.19 7.70 -21.61
N ASP B 251 -29.08 7.64 -22.93
CA ASP B 251 -29.10 8.85 -23.74
C ASP B 251 -30.42 9.55 -23.55
N SER B 252 -31.49 8.78 -23.55
CA SER B 252 -32.80 9.40 -23.48
C SER B 252 -33.05 10.03 -22.09
N LEU B 253 -32.49 9.43 -21.04
CA LEU B 253 -32.59 10.03 -19.71
C LEU B 253 -31.97 11.41 -19.73
N LEU B 254 -30.79 11.51 -20.30
CA LEU B 254 -30.13 12.80 -20.44
C LEU B 254 -31.03 13.77 -21.24
N LYS B 255 -31.65 13.29 -22.31
CA LYS B 255 -32.54 14.13 -23.11
C LYS B 255 -33.72 14.64 -22.28
N ARG B 256 -34.40 13.74 -21.56
CA ARG B 256 -35.53 14.14 -20.73
C ARG B 256 -35.13 15.15 -19.65
N ALA B 257 -33.93 15.00 -19.11
CA ALA B 257 -33.52 15.87 -18.02
C ALA B 257 -33.38 17.28 -18.57
N TYR B 258 -32.63 17.41 -19.65
CA TYR B 258 -32.47 18.69 -20.33
C TYR B 258 -33.82 19.37 -20.57
N ASP B 259 -34.76 18.60 -21.11
CA ASP B 259 -36.04 19.12 -21.51
C ASP B 259 -36.88 19.58 -20.30
N HIS B 260 -36.61 19.05 -19.10
CA HIS B 260 -37.41 19.38 -17.91
C HIS B 260 -36.79 20.44 -17.02
N LEU B 261 -35.71 21.04 -17.51
CA LEU B 261 -34.96 22.03 -16.78
C LEU B 261 -35.25 23.39 -17.44
N VAL B 262 -35.37 24.46 -16.65
CA VAL B 262 -35.44 25.80 -17.22
C VAL B 262 -34.10 26.18 -17.82
N PRO B 263 -34.10 27.13 -18.77
CA PRO B 263 -32.83 27.65 -19.27
C PRO B 263 -31.95 28.15 -18.13
N GLY B 264 -30.74 27.61 -18.01
CA GLY B 264 -29.88 27.92 -16.88
C GLY B 264 -30.00 26.94 -15.72
N GLY B 265 -30.90 25.96 -15.85
CA GLY B 265 -31.07 24.95 -14.81
C GLY B 265 -29.91 23.98 -14.80
N ARG B 266 -29.67 23.31 -13.68
CA ARG B 266 -28.55 22.38 -13.59
C ARG B 266 -28.92 20.91 -13.41
N LEU B 267 -28.11 20.05 -14.01
CA LEU B 267 -28.26 18.62 -13.90
C LEU B 267 -27.10 18.04 -13.08
N LEU B 268 -27.41 17.18 -12.12
CA LEU B 268 -26.42 16.59 -11.26
C LEU B 268 -26.58 15.08 -11.31
N ILE B 269 -25.56 14.42 -11.85
CA ILE B 269 -25.55 12.97 -11.94
C ILE B 269 -24.53 12.47 -10.93
N HIS B 270 -24.96 11.57 -10.05
CA HIS B 270 -24.08 11.05 -9.04
C HIS B 270 -24.17 9.57 -9.19
N ASP B 271 -23.03 8.93 -9.44
CA ASP B 271 -23.04 7.51 -9.71
C ASP B 271 -21.67 6.88 -9.65
N PHE B 272 -21.68 5.56 -9.81
CA PHE B 272 -20.47 4.78 -9.89
C PHE B 272 -19.92 4.94 -11.29
N VAL B 273 -18.88 5.73 -11.43
CA VAL B 273 -18.31 5.97 -12.75
C VAL B 273 -16.87 5.50 -12.83
N VAL B 274 -16.53 4.73 -13.86
CA VAL B 274 -15.12 4.36 -14.01
C VAL B 274 -14.42 5.36 -14.92
N THR B 275 -13.10 5.49 -14.78
CA THR B 275 -12.32 6.30 -15.72
C THR B 275 -12.35 5.64 -17.09
N ALA B 276 -12.24 6.46 -18.13
CA ALA B 276 -12.33 5.99 -19.51
C ALA B 276 -11.29 4.93 -19.86
N ASP B 277 -10.11 5.00 -19.23
CA ASP B 277 -9.09 3.97 -19.45
C ASP B 277 -9.46 2.61 -18.78
N ARG B 278 -10.53 2.61 -17.99
CA ARG B 278 -11.15 1.39 -17.49
C ARG B 278 -10.21 0.63 -16.57
N THR B 279 -9.66 1.37 -15.66
CA THR B 279 -8.62 0.88 -14.79
C THR B 279 -9.07 1.03 -13.34
N GLY B 280 -10.10 1.83 -13.12
CA GLY B 280 -10.68 2.03 -11.82
C GLY B 280 -11.67 3.19 -11.83
N PRO B 281 -12.13 3.79 -10.64
CA PRO B 281 -11.64 3.16 -9.39
C PRO B 281 -12.30 1.83 -9.06
N LYS B 282 -11.63 1.07 -8.21
CA LYS B 282 -12.02 -0.29 -7.91
C LYS B 282 -13.44 -0.47 -7.42
N LEU B 283 -13.86 0.35 -6.47
CA LEU B 283 -15.17 0.19 -5.86
C LEU B 283 -16.27 0.49 -6.87
N ALA B 284 -16.03 1.44 -7.76
CA ALA B 284 -17.02 1.77 -8.81
C ALA B 284 -17.17 0.60 -9.79
N ALA B 285 -16.07 0.04 -10.24
CA ALA B 285 -16.12 -1.08 -11.16
C ALA B 285 -16.89 -2.24 -10.49
N LEU B 286 -16.56 -2.51 -9.23
CA LEU B 286 -17.21 -3.61 -8.50
C LEU B 286 -18.70 -3.38 -8.34
N TRP B 287 -19.10 -2.18 -7.91
CA TRP B 287 -20.52 -1.88 -7.81
C TRP B 287 -21.26 -1.97 -9.15
N GLN B 288 -20.62 -1.54 -10.23
CA GLN B 288 -21.28 -1.64 -11.54
C GLN B 288 -21.60 -3.09 -11.85
N LEU B 289 -20.64 -3.96 -11.58
CA LEU B 289 -20.84 -5.39 -11.71
C LEU B 289 -21.96 -5.88 -10.76
N GLN B 290 -21.96 -5.39 -9.52
CA GLN B 290 -23.00 -5.81 -8.59
C GLN B 290 -24.36 -5.47 -9.19
N HIS B 291 -24.47 -4.29 -9.76
CA HIS B 291 -25.73 -3.86 -10.37
C HIS B 291 -26.14 -4.75 -11.55
N THR B 292 -25.17 -5.21 -12.31
CA THR B 292 -25.41 -6.12 -13.43
C THR B 292 -26.04 -7.47 -13.05
N ALA B 293 -25.78 -7.94 -11.83
CA ALA B 293 -26.38 -9.20 -11.38
C ALA B 293 -27.90 -9.15 -11.51
N PHE B 294 -28.47 -8.00 -11.16
CA PHE B 294 -29.91 -7.85 -11.25
C PHE B 294 -30.38 -6.83 -12.30
N THR B 295 -29.46 -6.35 -13.11
CA THR B 295 -29.79 -5.47 -14.24
C THR B 295 -29.03 -5.95 -15.45
N PRO B 296 -29.50 -7.05 -16.06
CA PRO B 296 -28.74 -7.74 -17.11
C PRO B 296 -28.49 -6.91 -18.37
N GLU B 297 -29.20 -5.80 -18.57
CA GLU B 297 -28.89 -4.90 -19.68
C GLU B 297 -28.10 -3.64 -19.32
N ALA B 298 -27.58 -3.59 -18.08
CA ALA B 298 -26.68 -2.52 -17.64
C ALA B 298 -25.46 -2.41 -18.56
N ARG B 299 -24.95 -1.18 -18.69
CA ARG B 299 -23.67 -0.92 -19.33
C ARG B 299 -22.79 -0.14 -18.37
N SER B 300 -21.47 -0.27 -18.49
CA SER B 300 -20.56 0.50 -17.64
C SER B 300 -20.53 1.95 -18.03
N LEU B 301 -20.61 2.80 -17.01
CA LEU B 301 -20.63 4.23 -17.13
C LEU B 301 -19.21 4.71 -16.92
N ASP B 302 -18.65 5.42 -17.89
CA ASP B 302 -17.34 6.04 -17.73
C ASP B 302 -17.41 7.55 -17.88
N ASP B 303 -16.38 8.23 -17.40
CA ASP B 303 -16.39 9.68 -17.34
C ASP B 303 -16.33 10.40 -18.70
N GLU B 304 -15.57 9.88 -19.66
CA GLU B 304 -15.56 10.50 -20.98
C GLU B 304 -16.91 10.34 -21.67
N TRP B 305 -17.51 9.16 -21.56
CA TRP B 305 -18.81 8.95 -22.19
C TRP B 305 -19.79 9.93 -21.60
N LEU B 306 -19.82 10.00 -20.28
CA LEU B 306 -20.74 10.90 -19.58
C LEU B 306 -20.58 12.36 -20.04
N ALA B 307 -19.35 12.86 -20.01
CA ALA B 307 -19.08 14.23 -20.45
C ALA B 307 -19.47 14.49 -21.92
N GLU B 308 -19.17 13.55 -22.80
CA GLU B 308 -19.44 13.79 -24.21
C GLU B 308 -20.92 13.84 -24.46
N GLN B 309 -21.62 12.88 -23.89
CA GLN B 309 -23.03 12.77 -24.10
C GLN B 309 -23.80 13.96 -23.51
N LEU B 310 -23.34 14.45 -22.36
CA LEU B 310 -23.97 15.62 -21.76
C LEU B 310 -23.86 16.79 -22.74
N LYS B 311 -22.76 16.83 -23.48
CA LYS B 311 -22.51 17.91 -24.42
C LYS B 311 -23.38 17.77 -25.66
N LYS B 312 -23.52 16.54 -26.16
CA LYS B 312 -24.39 16.24 -27.29
C LYS B 312 -25.84 16.56 -27.00
N THR B 313 -26.19 16.63 -25.74
CA THR B 313 -27.58 16.84 -25.38
C THR B 313 -27.83 18.32 -25.38
N GLY B 314 -26.73 19.09 -25.39
CA GLY B 314 -26.82 20.53 -25.39
C GLY B 314 -26.39 21.24 -24.12
N PHE B 315 -25.96 20.49 -23.11
CA PHE B 315 -25.51 21.10 -21.85
C PHE B 315 -24.20 21.84 -22.02
N THR B 316 -24.01 22.93 -21.28
CA THR B 316 -22.69 23.59 -21.17
C THR B 316 -22.14 23.47 -19.76
N ASP B 317 -20.91 23.96 -19.60
CA ASP B 317 -20.24 23.95 -18.31
C ASP B 317 -20.16 22.52 -17.74
N VAL B 318 -19.93 21.56 -18.64
CA VAL B 318 -19.90 20.16 -18.25
C VAL B 318 -18.63 19.86 -17.46
N LYS B 319 -18.80 19.20 -16.33
CA LYS B 319 -17.70 18.99 -15.39
C LYS B 319 -17.91 17.67 -14.63
N VAL B 320 -16.89 16.83 -14.61
CA VAL B 320 -16.94 15.57 -13.87
C VAL B 320 -15.84 15.45 -12.82
N GLY B 321 -16.23 15.13 -11.58
CA GLY B 321 -15.28 14.99 -10.48
C GLY B 321 -15.65 13.93 -9.45
N PRO B 322 -14.82 13.77 -8.42
CA PRO B 322 -15.02 12.77 -7.37
C PRO B 322 -16.08 13.17 -6.35
N MET B 323 -16.89 12.22 -5.89
CA MET B 323 -17.78 12.46 -4.77
C MET B 323 -17.33 11.64 -3.55
N ILE B 324 -17.70 10.37 -3.54
CA ILE B 324 -17.33 9.50 -2.44
C ILE B 324 -16.00 8.85 -2.81
N PRO B 325 -14.94 9.19 -2.04
CA PRO B 325 -13.57 8.77 -2.33
C PRO B 325 -13.49 7.31 -2.76
N GLY B 326 -12.82 7.08 -3.89
CA GLY B 326 -12.72 5.75 -4.46
C GLY B 326 -14.03 5.10 -4.91
N MET B 327 -15.14 5.82 -4.90
CA MET B 327 -16.40 5.13 -5.17
C MET B 327 -17.36 5.74 -6.20
N THR B 328 -17.69 7.03 -6.05
CA THR B 328 -18.58 7.67 -7.00
C THR B 328 -18.03 8.96 -7.54
N MET B 329 -18.60 9.40 -8.65
CA MET B 329 -18.28 10.70 -9.20
C MET B 329 -19.54 11.55 -9.29
N LEU B 330 -19.37 12.87 -9.35
CA LEU B 330 -20.47 13.80 -9.55
C LEU B 330 -20.22 14.52 -10.83
N ALA B 331 -21.20 14.49 -11.73
CA ALA B 331 -21.15 15.19 -13.00
C ALA B 331 -22.10 16.38 -12.92
N GLU B 332 -21.62 17.56 -13.33
CA GLU B 332 -22.40 18.80 -13.30
C GLU B 332 -22.55 19.32 -14.72
N ALA B 333 -23.73 19.84 -15.06
CA ALA B 333 -23.98 20.40 -16.37
C ALA B 333 -25.11 21.43 -16.31
N VAL B 334 -24.95 22.52 -17.07
CA VAL B 334 -25.99 23.53 -17.14
C VAL B 334 -26.67 23.55 -18.49
N ARG B 335 -28.00 23.66 -18.47
CA ARG B 335 -28.73 23.95 -19.70
C ARG B 335 -28.54 25.42 -20.01
N PRO B 336 -28.11 25.73 -21.23
CA PRO B 336 -27.75 27.11 -21.59
C PRO B 336 -28.88 28.09 -21.33
N GLU B 337 -28.53 29.30 -20.90
CA GLU B 337 -29.52 30.35 -20.60
C GLU B 337 -29.91 31.21 -21.82
N THR C 2 3.80 -7.80 -7.02
CA THR C 2 2.92 -6.96 -7.84
C THR C 2 3.75 -5.89 -8.55
N LEU C 3 3.30 -5.44 -9.72
CA LEU C 3 3.99 -4.40 -10.48
C LEU C 3 3.19 -3.11 -10.49
N LEU C 4 3.89 -1.99 -10.38
CA LEU C 4 3.25 -0.68 -10.37
C LEU C 4 2.64 -0.33 -11.74
N THR C 5 1.55 0.42 -11.73
CA THR C 5 0.83 0.75 -12.96
C THR C 5 0.49 2.23 -13.10
N ASN C 6 0.30 2.91 -11.98
CA ASN C 6 -0.25 4.26 -12.05
C ASN C 6 0.61 5.34 -11.40
N ALA C 7 0.13 6.57 -11.48
CA ALA C 7 0.93 7.71 -11.05
C ALA C 7 1.11 7.67 -9.53
N GLU C 8 0.02 7.44 -8.81
CA GLU C 8 0.05 7.39 -7.35
C GLU C 8 1.16 6.45 -6.86
N GLU C 9 1.23 5.27 -7.46
CA GLU C 9 2.20 4.25 -7.04
C GLU C 9 3.64 4.65 -7.31
N ILE C 10 3.87 5.37 -8.41
CA ILE C 10 5.21 5.87 -8.67
C ILE C 10 5.53 7.07 -7.79
N SER C 11 4.59 8.00 -7.66
CA SER C 11 4.77 9.09 -6.70
C SER C 11 5.11 8.52 -5.33
N ASP C 12 4.43 7.46 -4.92
CA ASP C 12 4.68 6.91 -3.59
C ASP C 12 6.15 6.60 -3.43
N ILE C 13 6.77 6.05 -4.49
CA ILE C 13 8.20 5.75 -4.48
C ILE C 13 9.04 7.03 -4.55
N ALA C 14 8.75 7.87 -5.54
CA ALA C 14 9.53 9.08 -5.77
C ALA C 14 9.58 9.96 -4.52
N PHE C 15 8.47 10.09 -3.80
CA PHE C 15 8.40 10.98 -2.66
C PHE C 15 8.53 10.27 -1.30
N GLY C 16 8.90 9.01 -1.32
CA GLY C 16 9.20 8.31 -0.08
C GLY C 16 10.22 9.01 0.81
N PHE C 17 11.19 9.70 0.22
CA PHE C 17 12.21 10.37 1.03
C PHE C 17 11.57 11.44 1.92
N MET C 18 10.50 12.05 1.47
CA MET C 18 9.88 13.06 2.31
C MET C 18 9.25 12.41 3.51
N GLY C 19 8.60 11.26 3.29
CA GLY C 19 8.06 10.46 4.36
C GLY C 19 9.12 10.15 5.40
N SER C 20 10.25 9.63 4.95
CA SER C 20 11.34 9.25 5.87
C SER C 20 11.75 10.44 6.74
N LYS C 21 11.89 11.60 6.11
CA LYS C 21 12.38 12.80 6.82
C LYS C 21 11.37 13.35 7.80
N ALA C 22 10.09 13.16 7.52
CA ALA C 22 9.05 13.57 8.46
C ALA C 22 9.21 12.79 9.76
N LEU C 23 9.45 11.50 9.63
CA LEU C 23 9.61 10.63 10.77
C LEU C 23 10.87 11.01 11.56
N PHE C 24 11.98 11.21 10.85
CA PHE C 24 13.25 11.57 11.46
C PHE C 24 13.22 12.91 12.20
N ALA C 25 12.75 13.95 11.54
CA ALA C 25 12.58 15.25 12.20
C ALA C 25 11.80 15.09 13.49
N ALA C 26 10.72 14.32 13.42
CA ALA C 26 9.86 14.15 14.59
C ALA C 26 10.63 13.51 15.73
N LEU C 27 11.42 12.50 15.40
CA LEU C 27 12.21 11.82 16.42
C LEU C 27 13.23 12.77 17.07
N HIS C 28 14.00 13.51 16.26
CA HIS C 28 15.00 14.45 16.80
C HIS C 28 14.36 15.40 17.79
N HIS C 29 13.07 15.66 17.62
CA HIS C 29 12.38 16.62 18.47
C HIS C 29 11.42 16.03 19.51
N GLY C 30 11.48 14.70 19.67
CA GLY C 30 10.74 14.01 20.72
C GLY C 30 9.23 14.18 20.64
N VAL C 31 8.72 14.24 19.42
CA VAL C 31 7.28 14.32 19.20
C VAL C 31 6.51 13.18 19.89
N PHE C 32 6.85 11.95 19.55
CA PHE C 32 6.10 10.80 20.04
C PHE C 32 6.25 10.65 21.54
N THR C 33 7.45 10.90 22.06
CA THR C 33 7.63 10.89 23.50
C THR C 33 6.72 11.93 24.20
N CYS C 34 6.63 13.14 23.66
CA CYS C 34 5.66 14.09 24.20
C CYS C 34 4.20 13.61 24.11
N LEU C 35 3.86 12.82 23.10
CA LEU C 35 2.47 12.44 22.90
C LEU C 35 2.08 11.25 23.77
N ALA C 36 3.06 10.67 24.45
CA ALA C 36 2.85 9.44 25.19
C ALA C 36 1.86 9.57 26.35
N ASP C 37 1.69 10.78 26.87
CA ASP C 37 0.80 10.97 28.01
C ASP C 37 -0.60 11.35 27.56
N GLY C 38 -0.87 11.20 26.27
CA GLY C 38 -2.20 11.47 25.74
C GLY C 38 -2.17 12.55 24.69
N PRO C 39 -3.24 12.63 23.88
CA PRO C 39 -3.31 13.55 22.74
C PRO C 39 -3.12 15.03 23.11
N LEU C 40 -2.57 15.80 22.18
CA LEU C 40 -2.18 17.18 22.46
C LEU C 40 -2.53 18.08 21.28
N SER C 41 -3.03 19.27 21.58
CA SER C 41 -3.28 20.29 20.57
C SER C 41 -1.95 20.78 20.02
N VAL C 42 -2.01 21.50 18.91
CA VAL C 42 -0.79 22.06 18.34
C VAL C 42 -0.08 22.97 19.34
N GLU C 43 -0.87 23.75 20.09
CA GLU C 43 -0.34 24.69 21.09
C GLU C 43 0.37 23.98 22.22
N GLU C 44 -0.28 22.95 22.76
CA GLU C 44 0.31 22.17 23.84
C GLU C 44 1.57 21.46 23.36
N MET C 45 1.61 21.10 22.08
CA MET C 45 2.77 20.41 21.53
C MET C 45 3.93 21.38 21.48
N ALA C 46 3.64 22.62 21.13
CA ALA C 46 4.66 23.66 21.03
C ALA C 46 5.26 23.92 22.40
N ALA C 47 4.42 23.97 23.43
CA ALA C 47 4.91 24.18 24.79
C ALA C 47 5.95 23.13 25.13
N ALA C 48 5.60 21.87 24.90
CA ALA C 48 6.47 20.77 25.30
C ALA C 48 7.79 20.62 24.51
N THR C 49 7.93 21.31 23.38
CA THR C 49 9.09 21.04 22.53
C THR C 49 9.90 22.26 22.14
N GLY C 50 9.36 23.45 22.42
CA GLY C 50 10.00 24.66 22.00
C GLY C 50 9.83 24.95 20.52
N LEU C 51 9.18 24.04 19.80
CA LEU C 51 8.90 24.24 18.38
C LEU C 51 7.79 25.26 18.21
N HIS C 52 7.83 26.00 17.10
CA HIS C 52 6.79 26.97 16.81
C HIS C 52 5.50 26.28 16.35
N PRO C 53 4.36 26.77 16.79
CA PRO C 53 3.04 26.21 16.45
C PRO C 53 2.89 25.87 14.96
N ASP C 54 3.07 26.85 14.09
CA ASP C 54 2.82 26.62 12.67
C ASP C 54 3.65 25.48 12.13
N ARG C 55 4.88 25.36 12.62
CA ARG C 55 5.77 24.28 12.20
C ARG C 55 5.46 22.93 12.83
N VAL C 56 4.98 22.91 14.08
CA VAL C 56 4.52 21.63 14.63
C VAL C 56 3.31 21.18 13.83
N GLN C 57 2.44 22.11 13.51
CA GLN C 57 1.27 21.79 12.73
C GLN C 57 1.66 21.13 11.40
N THR C 58 2.67 21.66 10.73
CA THR C 58 3.12 21.10 9.45
C THR C 58 3.73 19.71 9.63
N LEU C 59 4.58 19.57 10.63
CA LEU C 59 5.18 18.28 10.91
C LEU C 59 4.12 17.23 11.25
N LEU C 60 3.18 17.62 12.11
CA LEU C 60 2.14 16.71 12.59
C LEU C 60 1.16 16.31 11.47
N THR C 61 0.85 17.25 10.58
CA THR C 61 -0.05 16.97 9.47
C THR C 61 0.58 15.95 8.51
N ALA C 62 1.87 16.12 8.24
CA ALA C 62 2.63 15.18 7.45
C ALA C 62 2.52 13.78 8.06
N LEU C 63 2.85 13.67 9.34
CA LEU C 63 2.82 12.40 10.07
C LEU C 63 1.43 11.77 10.10
N ALA C 64 0.38 12.58 10.23
CA ALA C 64 -0.97 12.04 10.32
C ALA C 64 -1.35 11.42 8.98
N SER C 65 -0.91 12.04 7.89
CA SER C 65 -1.19 11.54 6.54
C SER C 65 -0.42 10.25 6.22
N LEU C 66 0.57 9.95 7.05
CA LEU C 66 1.33 8.70 6.93
C LEU C 66 0.75 7.62 7.85
N GLY C 67 -0.15 8.01 8.73
CA GLY C 67 -0.71 7.09 9.70
C GLY C 67 0.13 6.92 10.95
N VAL C 68 1.13 7.77 11.12
CA VAL C 68 2.03 7.59 12.27
C VAL C 68 1.40 8.16 13.54
N VAL C 69 0.63 9.22 13.39
CA VAL C 69 -0.21 9.70 14.50
C VAL C 69 -1.61 9.84 13.96
N SER C 70 -2.56 9.99 14.87
CA SER C 70 -3.95 10.19 14.51
C SER C 70 -4.19 11.67 14.60
N ALA C 71 -5.23 12.15 13.92
CA ALA C 71 -5.59 13.55 13.98
C ALA C 71 -7.08 13.66 14.24
N VAL C 72 -7.46 14.09 15.44
CA VAL C 72 -8.86 14.13 15.84
C VAL C 72 -9.20 15.38 16.65
N GLU C 73 -10.17 16.15 16.16
CA GLU C 73 -10.62 17.37 16.85
C GLU C 73 -9.51 18.36 17.16
N GLY C 74 -8.65 18.61 16.18
CA GLY C 74 -7.51 19.47 16.39
C GLY C 74 -6.52 18.91 17.41
N ARG C 75 -6.61 17.61 17.68
CA ARG C 75 -5.63 16.97 18.55
C ARG C 75 -4.89 15.82 17.88
N PHE C 76 -3.65 15.62 18.29
CA PHE C 76 -2.83 14.58 17.71
C PHE C 76 -2.47 13.57 18.78
N ALA C 77 -2.40 12.29 18.39
CA ALA C 77 -2.00 11.25 19.32
C ALA C 77 -1.12 10.21 18.64
N ASN C 78 -0.29 9.52 19.41
CA ASN C 78 0.51 8.44 18.87
C ASN C 78 -0.35 7.35 18.26
N SER C 79 0.05 6.88 17.08
CA SER C 79 -0.41 5.59 16.59
C SER C 79 0.15 4.53 17.53
N PRO C 80 -0.51 3.38 17.60
CA PRO C 80 0.00 2.29 18.44
C PRO C 80 1.43 1.94 18.08
N ALA C 81 1.76 1.92 16.78
CA ALA C 81 3.14 1.68 16.37
C ALA C 81 4.09 2.74 16.99
N ALA C 82 3.69 4.00 16.96
CA ALA C 82 4.55 5.05 17.49
C ALA C 82 4.71 4.88 18.98
N GLU C 83 3.62 4.52 19.64
CA GLU C 83 3.61 4.39 21.08
C GLU C 83 4.58 3.28 21.47
N SER C 84 4.62 2.24 20.64
CA SER C 84 5.42 1.06 20.92
C SER C 84 6.90 1.15 20.54
N PHE C 85 7.21 1.93 19.52
CA PHE C 85 8.54 1.85 18.92
C PHE C 85 9.27 3.17 18.80
N LEU C 86 8.59 4.26 19.10
CA LEU C 86 9.15 5.60 18.88
C LEU C 86 9.04 6.47 20.14
N VAL C 87 8.72 5.85 21.26
CA VAL C 87 8.65 6.60 22.52
C VAL C 87 9.85 6.23 23.37
N LYS C 88 10.50 7.23 23.96
CA LYS C 88 11.67 7.00 24.79
C LYS C 88 11.34 6.04 25.92
N GLY C 89 12.16 5.02 26.13
CA GLY C 89 11.96 4.10 27.23
C GLY C 89 10.86 3.07 26.98
N ALA C 90 10.53 2.85 25.71
CA ALA C 90 9.59 1.79 25.39
C ALA C 90 10.37 0.49 25.30
N LYS C 91 9.79 -0.59 25.80
CA LYS C 91 10.45 -1.89 25.78
C LYS C 91 11.11 -2.10 24.42
N TYR C 92 10.42 -1.71 23.35
CA TYR C 92 10.91 -1.98 22.00
C TYR C 92 11.28 -0.72 21.20
N ASP C 93 11.42 0.41 21.88
CA ASP C 93 11.87 1.64 21.26
C ASP C 93 13.07 1.41 20.34
N PHE C 94 12.99 1.90 19.10
CA PHE C 94 14.17 2.00 18.23
C PHE C 94 14.30 3.36 17.53
N GLY C 95 13.70 4.40 18.12
CA GLY C 95 13.73 5.74 17.57
C GLY C 95 15.11 6.34 17.44
N ASP C 96 15.96 6.12 18.43
CA ASP C 96 17.32 6.66 18.39
C ASP C 96 18.17 6.04 17.29
N TYR C 97 17.94 4.78 16.98
CA TYR C 97 18.69 4.16 15.88
C TYR C 97 18.36 4.82 14.53
N LEU C 98 17.06 5.04 14.28
CA LEU C 98 16.61 5.70 13.07
C LEU C 98 17.07 7.14 12.99
N ARG C 99 17.08 7.80 14.13
CA ARG C 99 17.37 9.22 14.26
C ARG C 99 18.85 9.51 13.99
N LEU C 100 19.71 8.65 14.51
CA LEU C 100 21.14 8.94 14.56
C LEU C 100 21.90 8.31 13.41
N GLN C 101 21.77 7.01 13.22
CA GLN C 101 22.46 6.36 12.12
C GLN C 101 21.76 6.54 10.78
N VAL C 102 20.51 6.08 10.68
CA VAL C 102 19.82 6.10 9.40
C VAL C 102 19.63 7.51 8.85
N ASP C 103 19.22 8.43 9.72
CA ASP C 103 19.04 9.80 9.27
C ASP C 103 20.35 10.59 9.13
N ARG C 104 20.99 10.86 10.26
CA ARG C 104 22.18 11.72 10.30
C ARG C 104 23.31 11.29 9.38
N GLN C 105 23.41 9.99 9.13
CA GLN C 105 24.51 9.45 8.35
C GLN C 105 24.09 8.89 6.99
N MET C 106 23.31 7.80 7.03
CA MET C 106 22.93 7.09 5.82
C MET C 106 22.24 7.95 4.75
N TYR C 107 21.32 8.80 5.18
CA TYR C 107 20.55 9.60 4.24
C TYR C 107 21.45 10.50 3.40
N GLY C 108 22.37 11.20 4.09
CA GLY C 108 23.35 12.06 3.45
C GLY C 108 24.23 11.28 2.50
N LEU C 109 24.72 10.13 2.97
CA LEU C 109 25.58 9.29 2.16
C LEU C 109 24.92 8.74 0.92
N LEU C 110 23.59 8.65 0.91
CA LEU C 110 22.94 8.08 -0.28
C LEU C 110 22.92 9.10 -1.41
N ASP C 111 23.27 10.36 -1.12
CA ASP C 111 23.41 11.37 -2.19
C ASP C 111 24.57 11.03 -3.15
N GLN C 112 25.46 10.15 -2.70
CA GLN C 112 26.60 9.76 -3.53
C GLN C 112 26.23 8.67 -4.53
N ILE C 113 25.01 8.16 -4.43
CA ILE C 113 24.65 6.97 -5.20
C ILE C 113 24.72 7.16 -6.72
N GLU C 114 24.26 8.31 -7.25
CA GLU C 114 24.29 8.52 -8.70
C GLU C 114 25.71 8.34 -9.27
N ASP C 115 26.72 8.83 -8.57
CA ASP C 115 28.10 8.65 -9.02
C ASP C 115 28.63 7.24 -8.66
N ALA C 116 28.25 6.74 -7.48
CA ALA C 116 28.74 5.45 -7.02
C ALA C 116 28.35 4.23 -7.87
N ILE C 117 27.13 4.19 -8.42
CA ILE C 117 26.75 3.04 -9.27
C ILE C 117 27.42 3.11 -10.65
N ALA C 118 28.03 4.25 -10.98
CA ALA C 118 28.75 4.35 -12.23
C ALA C 118 30.25 4.27 -11.94
N ASN C 119 30.58 3.88 -10.71
CA ASN C 119 31.96 3.79 -10.23
C ASN C 119 32.75 5.06 -10.56
N ASN C 120 32.22 6.19 -10.10
CA ASN C 120 32.75 7.50 -10.45
C ASN C 120 32.62 8.48 -9.31
N LEU C 121 32.97 8.09 -8.09
CA LEU C 121 32.87 9.02 -6.97
C LEU C 121 33.84 10.17 -7.17
N PRO C 122 33.46 11.36 -6.71
CA PRO C 122 34.45 12.43 -6.61
C PRO C 122 35.47 12.09 -5.51
N ASP C 123 36.66 12.65 -5.62
CA ASP C 123 37.68 12.46 -4.60
C ASP C 123 37.16 12.94 -3.26
N ASP C 124 36.23 13.89 -3.31
CA ASP C 124 35.61 14.45 -2.09
C ASP C 124 34.82 13.42 -1.30
N ALA C 125 34.35 12.38 -1.99
CA ALA C 125 33.36 11.47 -1.42
C ALA C 125 33.96 10.38 -0.54
N THR C 126 33.16 9.94 0.43
CA THR C 126 33.49 8.81 1.29
C THR C 126 33.45 7.54 0.46
N SER C 127 34.59 6.86 0.34
CA SER C 127 34.74 5.79 -0.65
C SER C 127 34.96 4.41 -0.05
N SER C 128 34.86 4.31 1.27
CA SER C 128 34.97 3.02 1.92
C SER C 128 34.79 3.21 3.41
N TYR C 129 34.56 2.11 4.11
CA TYR C 129 34.52 2.14 5.56
C TYR C 129 35.81 2.74 6.12
N ALA C 130 36.95 2.30 5.59
CA ALA C 130 38.25 2.77 6.07
C ALA C 130 38.36 4.29 5.99
N ASP C 131 38.12 4.82 4.80
CA ASP C 131 38.18 6.24 4.53
C ASP C 131 37.18 6.95 5.43
N TRP C 132 36.00 6.35 5.57
CA TRP C 132 34.96 6.95 6.39
C TRP C 132 35.45 7.10 7.84
N PHE C 133 36.05 6.04 8.38
CA PHE C 133 36.38 6.00 9.80
C PHE C 133 37.77 6.53 10.18
N SER C 134 38.41 7.25 9.28
CA SER C 134 39.64 7.97 9.58
C SER C 134 39.32 9.08 10.55
N ASP C 135 38.06 9.49 10.55
CA ASP C 135 37.61 10.60 11.39
C ASP C 135 36.98 10.08 12.67
N PRO C 136 37.74 10.12 13.80
CA PRO C 136 37.27 9.65 15.10
C PRO C 136 35.87 10.15 15.45
N GLU C 137 35.58 11.41 15.14
CA GLU C 137 34.23 11.94 15.32
C GLU C 137 33.24 11.01 14.63
N GLN C 138 33.66 10.51 13.47
CA GLN C 138 32.82 9.69 12.62
C GLN C 138 32.69 8.27 13.13
N ALA C 139 33.82 7.64 13.40
CA ALA C 139 33.82 6.27 13.88
C ALA C 139 32.99 6.15 15.15
N LYS C 140 32.86 7.25 15.89
CA LYS C 140 32.11 7.19 17.14
C LYS C 140 30.59 7.23 16.93
N LEU C 141 30.10 8.14 16.10
CA LEU C 141 28.65 8.24 15.89
C LEU C 141 28.07 7.02 15.16
N TYR C 142 28.89 6.36 14.35
CA TYR C 142 28.42 5.20 13.60
C TYR C 142 28.23 4.03 14.53
N SER C 143 29.34 3.60 15.12
CA SER C 143 29.32 2.49 16.06
C SER C 143 28.42 2.78 17.25
N ASN C 144 28.43 4.03 17.72
CA ASN C 144 27.51 4.41 18.79
C ASN C 144 26.11 3.84 18.59
N SER C 145 25.55 4.02 17.40
CA SER C 145 24.18 3.61 17.15
C SER C 145 24.12 2.22 16.52
N GLN C 146 25.23 1.80 15.91
CA GLN C 146 25.28 0.45 15.35
C GLN C 146 25.45 -0.59 16.44
N HIS C 147 26.46 -0.40 17.27
CA HIS C 147 26.76 -1.34 18.35
C HIS C 147 25.56 -1.60 19.23
N ALA C 148 24.81 -0.55 19.55
CA ALA C 148 23.61 -0.69 20.35
C ALA C 148 22.45 -1.26 19.54
N GLY C 149 22.59 -1.28 18.21
CA GLY C 149 21.56 -1.82 17.34
C GLY C 149 21.82 -3.27 16.97
N SER C 150 23.07 -3.69 17.08
CA SER C 150 23.46 -5.06 16.77
C SER C 150 23.25 -5.96 17.98
N LEU C 151 22.76 -5.39 19.08
CA LEU C 151 22.49 -6.16 20.29
C LEU C 151 21.35 -7.15 20.07
N GLY C 152 20.25 -6.63 19.53
CA GLY C 152 19.15 -7.47 19.10
C GLY C 152 19.64 -8.70 18.34
N PRO C 153 20.13 -8.50 17.09
CA PRO C 153 20.55 -9.66 16.31
C PRO C 153 21.53 -10.54 17.10
N ALA C 154 22.33 -9.90 17.95
CA ALA C 154 23.33 -10.61 18.74
C ALA C 154 22.69 -11.52 19.78
N ARG C 155 21.53 -11.08 20.29
CA ARG C 155 20.78 -11.87 21.27
C ARG C 155 20.16 -13.06 20.57
N GLY C 156 19.50 -12.80 19.44
CA GLY C 156 18.89 -13.84 18.64
C GLY C 156 19.87 -14.88 18.15
N LEU C 157 21.16 -14.54 18.17
CA LEU C 157 22.18 -15.50 17.80
C LEU C 157 22.80 -16.12 19.05
N ALA C 158 22.46 -15.53 20.21
CA ALA C 158 22.86 -16.08 21.50
C ALA C 158 21.85 -17.12 21.95
N LYS C 159 20.71 -17.13 21.25
CA LYS C 159 19.65 -18.11 21.47
C LYS C 159 19.78 -19.29 20.49
N LEU C 160 20.59 -19.12 19.45
CA LEU C 160 20.68 -20.09 18.36
C LEU C 160 21.80 -21.12 18.47
N ILE C 161 23.02 -20.71 18.14
CA ILE C 161 24.14 -21.63 18.16
C ILE C 161 24.69 -21.81 19.57
N ASP C 162 25.51 -22.84 19.75
CA ASP C 162 26.11 -23.10 21.05
C ASP C 162 27.58 -22.76 21.01
N LEU C 163 28.00 -21.81 21.83
CA LEU C 163 29.40 -21.46 21.97
C LEU C 163 29.90 -21.89 23.33
N SER C 164 29.55 -23.12 23.71
CA SER C 164 29.85 -23.67 25.02
C SER C 164 31.15 -24.48 25.03
N GLY C 165 31.67 -24.71 26.23
CA GLY C 165 32.93 -25.42 26.39
C GLY C 165 34.09 -24.44 26.36
N GLY C 166 35.28 -24.95 26.04
CA GLY C 166 36.43 -24.09 25.86
C GLY C 166 36.44 -23.55 24.45
N LYS C 167 35.95 -22.33 24.27
CA LYS C 167 35.77 -21.79 22.93
C LYS C 167 36.41 -20.42 22.66
N LYS C 168 37.18 -20.38 21.59
CA LYS C 168 37.79 -19.17 21.06
C LYS C 168 36.94 -18.60 19.92
N LEU C 169 37.02 -17.30 19.69
CA LEU C 169 36.19 -16.65 18.69
C LEU C 169 36.99 -15.68 17.82
N LEU C 170 36.67 -15.64 16.52
CA LEU C 170 37.28 -14.69 15.59
C LEU C 170 36.24 -13.88 14.83
N ASP C 171 36.02 -12.65 15.30
CA ASP C 171 34.97 -11.79 14.75
C ASP C 171 35.54 -10.84 13.69
N VAL C 172 35.95 -11.39 12.55
CA VAL C 172 36.49 -10.57 11.47
C VAL C 172 35.50 -9.47 11.10
N GLY C 173 36.01 -8.26 10.90
CA GLY C 173 35.17 -7.11 10.67
C GLY C 173 34.24 -6.79 11.83
N GLY C 174 34.76 -6.92 13.04
CA GLY C 174 33.96 -6.97 14.25
C GLY C 174 33.28 -5.75 14.83
N GLY C 175 33.66 -4.54 14.43
CA GLY C 175 33.04 -3.35 14.97
C GLY C 175 33.47 -3.05 16.39
N THR C 176 32.56 -2.54 17.21
CA THR C 176 32.88 -2.27 18.60
C THR C 176 32.46 -3.51 19.38
N GLY C 177 32.61 -4.66 18.75
CA GLY C 177 32.26 -5.95 19.34
C GLY C 177 30.85 -6.11 19.92
N ALA C 178 29.85 -5.55 19.25
CA ALA C 178 28.46 -5.70 19.72
C ALA C 178 28.00 -7.15 19.69
N PHE C 179 28.75 -7.99 18.98
CA PHE C 179 28.47 -9.41 18.95
C PHE C 179 29.33 -10.16 19.96
N ALA C 180 30.65 -10.04 19.83
CA ALA C 180 31.56 -10.68 20.77
C ALA C 180 31.11 -10.50 22.22
N ILE C 181 30.71 -9.28 22.57
CA ILE C 181 30.25 -8.98 23.93
C ILE C 181 29.00 -9.79 24.32
N THR C 182 27.95 -9.74 23.52
CA THR C 182 26.71 -10.43 23.83
C THR C 182 26.86 -11.96 23.85
N LEU C 183 27.87 -12.47 23.15
CA LEU C 183 28.16 -13.90 23.10
C LEU C 183 28.74 -14.45 24.39
N CYS C 184 29.90 -13.91 24.78
CA CYS C 184 30.57 -14.38 25.98
C CYS C 184 29.65 -14.24 27.17
N LYS C 185 29.02 -13.07 27.25
CA LYS C 185 28.15 -12.73 28.36
C LYS C 185 27.05 -13.75 28.49
N ALA C 186 26.73 -14.40 27.37
CA ALA C 186 25.79 -15.49 27.38
C ALA C 186 26.53 -16.77 27.68
N PHE C 187 27.77 -16.86 27.18
CA PHE C 187 28.56 -18.05 27.39
C PHE C 187 29.77 -17.80 28.26
N ALA C 188 29.63 -18.12 29.54
CA ALA C 188 30.67 -17.92 30.54
C ALA C 188 32.08 -18.15 30.01
N ASP C 189 32.31 -19.29 29.38
CA ASP C 189 33.64 -19.58 28.86
C ASP C 189 33.69 -19.40 27.36
N LEU C 190 34.21 -18.26 26.93
CA LEU C 190 34.31 -17.94 25.53
C LEU C 190 35.43 -16.95 25.35
N ALA C 191 36.18 -17.06 24.26
CA ALA C 191 37.27 -16.12 24.01
C ALA C 191 36.78 -15.03 23.08
N ALA C 192 37.72 -14.30 22.47
CA ALA C 192 37.37 -13.24 21.52
C ALA C 192 38.58 -12.59 20.86
N THR C 193 38.37 -12.10 19.65
CA THR C 193 39.46 -11.67 18.80
C THR C 193 38.96 -10.78 17.66
N ILE C 194 38.46 -9.60 18.01
CA ILE C 194 37.86 -8.72 17.02
C ILE C 194 38.88 -7.98 16.18
N VAL C 195 38.84 -8.21 14.87
CA VAL C 195 39.67 -7.48 13.95
C VAL C 195 38.88 -6.28 13.47
N ASP C 196 39.58 -5.21 13.13
CA ASP C 196 38.92 -4.03 12.63
C ASP C 196 39.87 -2.84 12.36
N PHE C 197 39.40 -1.63 12.64
CA PHE C 197 40.11 -0.42 12.30
C PHE C 197 40.52 0.32 13.55
N PRO C 198 41.77 0.92 13.47
CA PRO C 198 42.22 1.48 14.75
C PRO C 198 41.25 2.45 15.37
N ASN C 199 40.57 3.22 14.55
CA ASN C 199 39.70 4.26 15.09
C ASN C 199 38.49 3.66 15.81
N VAL C 200 38.07 2.47 15.40
CA VAL C 200 36.89 1.85 16.02
C VAL C 200 37.26 0.93 17.18
N ALA C 201 38.34 0.16 17.00
CA ALA C 201 38.87 -0.65 18.08
C ALA C 201 38.78 0.14 19.38
N ALA C 202 39.57 1.22 19.46
CA ALA C 202 39.65 2.10 20.62
C ALA C 202 38.31 2.41 21.31
N LEU C 203 37.24 2.49 20.53
CA LEU C 203 35.91 2.73 21.10
C LEU C 203 35.39 1.51 21.84
N GLY C 204 35.58 0.34 21.22
CA GLY C 204 35.07 -0.91 21.75
C GLY C 204 35.78 -1.35 23.01
N LYS C 205 37.05 -1.00 23.11
CA LYS C 205 37.83 -1.22 24.31
C LYS C 205 37.09 -0.58 25.48
N GLY C 206 36.41 0.54 25.19
CA GLY C 206 35.54 1.15 26.18
C GLY C 206 34.28 0.32 26.40
N TYR C 207 33.79 -0.30 25.32
CA TYR C 207 32.61 -1.15 25.40
C TYR C 207 32.89 -2.44 26.15
N VAL C 208 34.06 -3.04 25.95
CA VAL C 208 34.42 -4.25 26.67
C VAL C 208 34.74 -3.93 28.13
N GLU C 209 35.58 -2.92 28.35
CA GLU C 209 35.89 -2.44 29.71
C GLU C 209 34.61 -2.14 30.47
N LYS C 210 33.64 -1.53 29.78
CA LYS C 210 32.36 -1.17 30.40
C LYS C 210 31.38 -2.34 30.45
N ALA C 211 31.91 -3.55 30.40
CA ALA C 211 31.09 -4.74 30.52
C ALA C 211 31.80 -5.74 31.42
N GLY C 212 33.12 -5.60 31.52
CA GLY C 212 33.92 -6.39 32.43
C GLY C 212 34.63 -7.56 31.76
N LEU C 213 34.85 -7.45 30.45
CA LEU C 213 35.39 -8.57 29.69
C LEU C 213 36.76 -8.24 29.11
N SER C 214 37.33 -7.15 29.60
CA SER C 214 38.56 -6.59 29.03
C SER C 214 39.70 -7.59 28.84
N ASP C 215 39.59 -8.79 29.42
CA ASP C 215 40.70 -9.74 29.34
C ASP C 215 40.41 -11.00 28.53
N ARG C 216 39.20 -11.11 28.02
CA ARG C 216 38.84 -12.24 27.15
C ARG C 216 38.84 -11.82 25.67
N ILE C 217 38.37 -10.60 25.42
CA ILE C 217 38.27 -10.05 24.07
C ILE C 217 39.52 -9.23 23.67
N GLU C 218 40.19 -9.62 22.59
CA GLU C 218 41.33 -8.86 22.07
C GLU C 218 40.98 -8.06 20.80
N TYR C 219 42.00 -7.54 20.13
CA TYR C 219 41.79 -6.78 18.90
C TYR C 219 43.03 -6.91 18.03
N VAL C 220 42.83 -7.15 16.75
CA VAL C 220 43.95 -7.36 15.84
C VAL C 220 44.05 -6.29 14.75
N ILE C 221 44.15 -5.04 15.20
CA ILE C 221 44.19 -3.84 14.35
C ILE C 221 44.63 -4.04 12.91
N GLY C 222 43.97 -3.35 12.00
CA GLY C 222 44.36 -3.36 10.60
C GLY C 222 43.22 -3.47 9.61
N ASP C 223 43.57 -3.74 8.35
CA ASP C 223 42.60 -3.92 7.30
C ASP C 223 42.40 -5.39 7.09
N ALA C 224 41.32 -5.91 7.63
CA ALA C 224 41.11 -7.35 7.58
C ALA C 224 41.67 -8.00 6.32
N LEU C 225 41.71 -7.26 5.22
CA LEU C 225 42.18 -7.82 3.96
C LEU C 225 43.70 -7.84 3.85
N ARG C 226 44.37 -7.08 4.72
CA ARG C 226 45.82 -6.93 4.69
C ARG C 226 46.48 -7.57 5.90
N THR C 227 45.79 -7.48 7.05
CA THR C 227 46.28 -7.98 8.33
C THR C 227 45.94 -9.47 8.54
N GLU C 228 46.83 -10.22 9.18
CA GLU C 228 46.62 -11.65 9.40
C GLU C 228 45.83 -11.94 10.68
N TRP C 229 44.97 -12.97 10.63
CA TRP C 229 44.13 -13.35 11.76
C TRP C 229 44.67 -14.56 12.55
N PRO C 230 44.24 -14.69 13.81
CA PRO C 230 44.57 -15.85 14.65
C PRO C 230 44.02 -17.15 14.08
N ARG C 231 44.91 -18.08 13.75
CA ARG C 231 44.54 -19.35 13.14
C ARG C 231 43.86 -20.29 14.13
N GLU C 232 43.30 -21.37 13.58
CA GLU C 232 42.70 -22.44 14.36
C GLU C 232 41.73 -21.93 15.42
N GLN C 233 40.55 -21.53 14.97
CA GLN C 233 39.49 -21.07 15.86
C GLN C 233 38.31 -22.03 15.78
N ASP C 234 37.37 -21.88 16.69
CA ASP C 234 36.14 -22.69 16.65
C ASP C 234 35.02 -21.99 15.88
N ALA C 235 35.15 -20.68 15.68
CA ALA C 235 34.09 -19.89 15.04
C ALA C 235 34.55 -18.52 14.53
N ILE C 236 34.26 -18.23 13.27
CA ILE C 236 34.66 -16.98 12.63
C ILE C 236 33.50 -16.16 12.08
N LEU C 237 32.92 -15.29 12.91
CA LEU C 237 31.77 -14.46 12.53
C LEU C 237 32.12 -13.39 11.48
N MET C 238 31.18 -13.12 10.59
CA MET C 238 31.30 -12.05 9.59
C MET C 238 29.97 -11.36 9.39
N SER C 239 29.69 -10.37 10.22
CA SER C 239 28.43 -9.67 10.19
C SER C 239 28.52 -8.32 9.46
N TYR C 240 27.76 -8.21 8.36
CA TYR C 240 27.73 -7.01 7.54
C TYR C 240 29.08 -6.71 6.90
N LEU C 241 29.98 -7.69 6.91
CA LEU C 241 31.28 -7.51 6.29
C LEU C 241 31.23 -7.51 4.77
N PHE C 242 30.73 -8.59 4.19
CA PHE C 242 30.68 -8.74 2.72
C PHE C 242 29.95 -7.59 2.03
N SER C 243 28.97 -7.03 2.72
CA SER C 243 28.14 -5.96 2.18
C SER C 243 28.91 -4.68 1.90
N GLY C 244 29.88 -4.37 2.77
CA GLY C 244 30.67 -3.16 2.65
C GLY C 244 32.10 -3.41 2.21
N VAL C 245 32.33 -4.51 1.50
CA VAL C 245 33.65 -4.83 0.96
C VAL C 245 33.50 -5.16 -0.52
N ALA C 246 34.48 -4.75 -1.33
CA ALA C 246 34.46 -5.00 -2.76
C ALA C 246 34.24 -6.48 -3.08
N GLY C 247 33.49 -6.75 -4.14
CA GLY C 247 33.02 -8.10 -4.44
C GLY C 247 34.08 -9.06 -4.94
N ASP C 248 35.31 -8.58 -5.07
CA ASP C 248 36.40 -9.39 -5.57
C ASP C 248 37.24 -9.88 -4.39
N GLU C 249 36.89 -9.39 -3.21
CA GLU C 249 37.47 -9.87 -1.96
C GLU C 249 36.60 -10.99 -1.42
N HIS C 250 35.52 -11.30 -2.12
CA HIS C 250 34.54 -12.25 -1.61
C HIS C 250 35.03 -13.69 -1.67
N ASP C 251 35.39 -14.14 -2.87
CA ASP C 251 35.92 -15.49 -3.01
C ASP C 251 37.14 -15.70 -2.11
N SER C 252 38.07 -14.76 -2.13
CA SER C 252 39.27 -14.87 -1.31
C SER C 252 38.98 -14.79 0.20
N LEU C 253 37.91 -14.10 0.56
CA LEU C 253 37.47 -14.07 1.95
C LEU C 253 36.92 -15.42 2.35
N LEU C 254 36.48 -16.18 1.35
CA LEU C 254 35.89 -17.49 1.58
C LEU C 254 36.98 -18.53 1.87
N LYS C 255 38.06 -18.47 1.10
CA LYS C 255 39.20 -19.37 1.33
C LYS C 255 39.87 -19.03 2.66
N ARG C 256 40.30 -17.78 2.78
CA ARG C 256 40.95 -17.32 4.00
C ARG C 256 40.24 -17.81 5.26
N ALA C 257 38.94 -17.59 5.33
CA ALA C 257 38.17 -17.95 6.53
C ALA C 257 38.21 -19.45 6.82
N TYR C 258 38.45 -20.24 5.78
CA TYR C 258 38.51 -21.70 5.94
C TYR C 258 39.76 -22.08 6.72
N ASP C 259 40.88 -21.47 6.36
CA ASP C 259 42.16 -21.79 6.96
C ASP C 259 42.12 -21.69 8.49
N HIS C 260 41.80 -20.49 8.99
CA HIS C 260 41.93 -20.19 10.42
C HIS C 260 40.92 -20.87 11.33
N LEU C 261 40.29 -21.92 10.84
CA LEU C 261 39.37 -22.70 11.68
C LEU C 261 39.94 -24.06 12.03
N VAL C 262 39.57 -24.58 13.20
CA VAL C 262 39.89 -25.94 13.59
C VAL C 262 39.00 -26.91 12.82
N PRO C 263 39.59 -27.78 11.98
CA PRO C 263 38.78 -28.75 11.24
C PRO C 263 37.61 -29.26 12.07
N GLY C 264 36.41 -28.84 11.72
CA GLY C 264 35.23 -29.14 12.50
C GLY C 264 34.59 -27.88 13.07
N GLY C 265 35.18 -26.73 12.73
CA GLY C 265 34.72 -25.43 13.23
C GLY C 265 33.78 -24.73 12.27
N ARG C 266 32.80 -24.02 12.82
CA ARG C 266 31.75 -23.40 12.01
C ARG C 266 32.05 -21.96 11.56
N LEU C 267 31.59 -21.63 10.36
CA LEU C 267 31.65 -20.25 9.86
C LEU C 267 30.24 -19.64 9.82
N LEU C 268 30.13 -18.39 10.20
CA LEU C 268 28.87 -17.67 10.13
C LEU C 268 28.99 -16.38 9.31
N ILE C 269 28.10 -16.24 8.33
CA ILE C 269 27.98 -15.00 7.58
C ILE C 269 26.61 -14.38 7.86
N HIS C 270 26.62 -13.21 8.47
CA HIS C 270 25.42 -12.43 8.63
C HIS C 270 25.51 -11.24 7.69
N ASP C 271 24.44 -10.97 6.95
CA ASP C 271 24.50 -9.96 5.91
C ASP C 271 23.18 -9.80 5.16
N PHE C 272 23.12 -8.74 4.37
CA PHE C 272 22.02 -8.52 3.45
C PHE C 272 22.18 -9.47 2.28
N VAL C 273 21.22 -10.36 2.14
CA VAL C 273 21.21 -11.33 1.05
C VAL C 273 19.82 -11.32 0.42
N VAL C 274 19.77 -11.26 -0.90
CA VAL C 274 18.51 -11.32 -1.61
C VAL C 274 18.24 -12.75 -2.08
N THR C 275 16.97 -13.14 -2.21
CA THR C 275 16.67 -14.44 -2.81
C THR C 275 17.23 -14.46 -4.23
N ALA C 276 17.66 -15.64 -4.67
CA ALA C 276 18.27 -15.80 -6.00
C ALA C 276 17.46 -15.22 -7.16
N ASP C 277 16.15 -15.11 -7.00
CA ASP C 277 15.30 -14.62 -8.10
C ASP C 277 15.30 -13.09 -8.21
N ARG C 278 16.08 -12.44 -7.36
CA ARG C 278 16.30 -11.00 -7.45
C ARG C 278 15.00 -10.21 -7.29
N THR C 279 14.19 -10.56 -6.30
CA THR C 279 12.92 -9.90 -6.11
C THR C 279 12.74 -9.42 -4.68
N GLY C 280 13.72 -9.70 -3.85
CA GLY C 280 13.65 -9.30 -2.47
C GLY C 280 14.50 -10.17 -1.55
N PRO C 281 14.42 -10.04 -0.15
CA PRO C 281 13.45 -9.04 0.35
C PRO C 281 13.83 -7.61 0.05
N LYS C 282 12.85 -6.73 0.16
CA LYS C 282 13.01 -5.32 -0.12
C LYS C 282 14.11 -4.65 0.70
N LEU C 283 14.05 -4.76 2.02
CA LEU C 283 15.03 -4.09 2.86
C LEU C 283 16.46 -4.57 2.59
N ALA C 284 16.59 -5.84 2.21
CA ALA C 284 17.90 -6.41 1.94
C ALA C 284 18.44 -5.80 0.66
N ALA C 285 17.56 -5.64 -0.32
CA ALA C 285 17.94 -5.09 -1.60
C ALA C 285 18.32 -3.60 -1.45
N LEU C 286 17.52 -2.85 -0.70
CA LEU C 286 17.75 -1.43 -0.49
C LEU C 286 19.04 -1.18 0.28
N TRP C 287 19.32 -2.03 1.28
CA TRP C 287 20.50 -1.85 2.11
C TRP C 287 21.78 -2.10 1.30
N GLN C 288 21.73 -3.04 0.35
CA GLN C 288 22.89 -3.32 -0.49
C GLN C 288 23.15 -2.07 -1.32
N LEU C 289 22.09 -1.44 -1.80
CA LEU C 289 22.23 -0.21 -2.56
C LEU C 289 22.80 0.91 -1.68
N GLN C 290 22.31 1.03 -0.45
CA GLN C 290 22.87 2.00 0.49
C GLN C 290 24.35 1.76 0.67
N HIS C 291 24.75 0.52 0.90
CA HIS C 291 26.17 0.23 1.11
C HIS C 291 26.99 0.42 -0.17
N THR C 292 26.36 0.26 -1.32
CA THR C 292 27.05 0.53 -2.58
C THR C 292 27.41 2.02 -2.73
N ALA C 293 26.71 2.88 -2.00
CA ALA C 293 26.96 4.33 -2.03
C ALA C 293 28.39 4.67 -1.60
N PHE C 294 28.88 3.96 -0.59
CA PHE C 294 30.23 4.21 -0.10
C PHE C 294 31.08 2.95 -0.25
N THR C 295 30.65 2.07 -1.16
CA THR C 295 31.43 0.89 -1.52
C THR C 295 31.21 0.61 -2.99
N PRO C 296 31.62 1.54 -3.87
CA PRO C 296 31.30 1.45 -5.30
C PRO C 296 31.70 0.13 -5.97
N GLU C 297 32.43 -0.72 -5.26
CA GLU C 297 32.85 -1.99 -5.86
C GLU C 297 32.07 -3.18 -5.30
N ALA C 298 31.09 -2.89 -4.44
CA ALA C 298 30.26 -3.92 -3.81
C ALA C 298 29.52 -4.80 -4.81
N ARG C 299 29.24 -6.03 -4.39
CA ARG C 299 28.47 -6.97 -5.18
C ARG C 299 27.18 -7.34 -4.45
N SER C 300 26.10 -7.55 -5.21
CA SER C 300 24.84 -8.03 -4.63
C SER C 300 24.91 -9.50 -4.28
N LEU C 301 24.76 -9.79 -2.99
CA LEU C 301 24.75 -11.15 -2.46
C LEU C 301 23.38 -11.84 -2.55
N ASP C 302 23.31 -12.96 -3.26
CA ASP C 302 22.08 -13.74 -3.23
C ASP C 302 22.29 -15.03 -2.43
N ASP C 303 21.21 -15.69 -2.05
CA ASP C 303 21.31 -16.90 -1.23
C ASP C 303 21.94 -18.08 -1.96
N GLU C 304 21.70 -18.20 -3.27
CA GLU C 304 22.23 -19.31 -4.04
C GLU C 304 23.72 -19.20 -4.30
N TRP C 305 24.16 -18.03 -4.74
CA TRP C 305 25.58 -17.84 -5.00
C TRP C 305 26.32 -18.23 -3.75
N LEU C 306 25.80 -17.74 -2.62
CA LEU C 306 26.45 -17.94 -1.34
C LEU C 306 26.61 -19.42 -1.04
N ALA C 307 25.49 -20.07 -0.71
CA ALA C 307 25.49 -21.51 -0.47
C ALA C 307 26.39 -22.22 -1.49
N GLU C 308 26.28 -21.82 -2.75
CA GLU C 308 27.13 -22.38 -3.78
C GLU C 308 28.62 -22.26 -3.47
N GLN C 309 29.14 -21.05 -3.50
CA GLN C 309 30.58 -20.84 -3.32
C GLN C 309 31.13 -21.41 -2.02
N LEU C 310 30.32 -21.41 -0.97
CA LEU C 310 30.75 -22.02 0.29
C LEU C 310 31.18 -23.44 0.03
N LYS C 311 30.21 -24.27 -0.33
CA LYS C 311 30.47 -25.66 -0.66
C LYS C 311 31.67 -25.79 -1.58
N LYS C 312 31.79 -24.85 -2.51
CA LYS C 312 32.86 -24.88 -3.51
C LYS C 312 34.22 -24.56 -2.89
N THR C 313 34.20 -23.97 -1.70
CA THR C 313 35.43 -23.61 -1.01
C THR C 313 35.85 -24.71 -0.05
N GLY C 314 34.91 -25.58 0.32
CA GLY C 314 35.22 -26.75 1.12
C GLY C 314 34.21 -27.03 2.21
N PHE C 315 33.50 -26.00 2.65
CA PHE C 315 32.57 -26.16 3.75
C PHE C 315 31.55 -27.25 3.48
N THR C 316 30.78 -27.59 4.51
CA THR C 316 29.85 -28.70 4.43
C THR C 316 28.58 -28.44 5.23
N ASP C 317 27.50 -29.12 4.86
CA ASP C 317 26.19 -28.88 5.44
C ASP C 317 25.91 -27.38 5.68
N VAL C 318 26.16 -26.59 4.65
CA VAL C 318 25.89 -25.16 4.70
C VAL C 318 24.38 -24.91 4.75
N LYS C 319 23.98 -23.98 5.61
CA LYS C 319 22.56 -23.63 5.75
C LYS C 319 22.35 -22.12 5.71
N VAL C 320 21.70 -21.65 4.65
CA VAL C 320 21.37 -20.25 4.51
C VAL C 320 19.91 -20.02 4.85
N GLY C 321 19.65 -19.21 5.87
CA GLY C 321 18.29 -18.94 6.29
C GLY C 321 18.09 -17.58 6.91
N PRO C 322 16.75 -17.19 7.07
CA PRO C 322 16.60 -15.84 7.65
C PRO C 322 17.31 -15.57 8.96
N MET C 323 17.11 -14.36 9.46
CA MET C 323 17.81 -13.79 10.60
C MET C 323 17.46 -12.32 10.53
N ILE C 324 16.72 -11.80 11.49
CA ILE C 324 16.09 -10.49 11.30
C ILE C 324 15.27 -10.51 10.02
N PRO C 325 14.07 -11.09 10.09
CA PRO C 325 13.27 -11.36 8.90
C PRO C 325 13.09 -10.15 8.00
N GLY C 326 13.19 -10.38 6.69
CA GLY C 326 12.90 -9.35 5.71
C GLY C 326 14.06 -8.39 5.49
N MET C 327 15.17 -8.62 6.17
CA MET C 327 16.33 -7.72 6.07
C MET C 327 17.67 -8.45 5.94
N THR C 328 17.91 -9.42 6.82
CA THR C 328 19.16 -10.18 6.71
C THR C 328 18.94 -11.69 6.73
N MET C 329 19.98 -12.40 6.30
CA MET C 329 20.02 -13.84 6.39
C MET C 329 21.25 -14.27 7.17
N LEU C 330 21.24 -15.52 7.62
CA LEU C 330 22.42 -16.10 8.26
C LEU C 330 22.89 -17.34 7.54
N ALA C 331 24.09 -17.28 6.97
CA ALA C 331 24.74 -18.46 6.43
C ALA C 331 25.32 -19.22 7.61
N GLU C 332 25.65 -20.50 7.40
CA GLU C 332 26.17 -21.33 8.48
C GLU C 332 26.79 -22.59 7.91
N ALA C 333 28.12 -22.65 7.88
CA ALA C 333 28.82 -23.82 7.36
C ALA C 333 29.71 -24.43 8.44
N VAL C 334 30.29 -25.59 8.12
CA VAL C 334 31.12 -26.32 9.07
C VAL C 334 32.35 -26.84 8.37
N ARG C 335 33.52 -26.67 8.99
CA ARG C 335 34.77 -27.08 8.36
C ARG C 335 35.04 -28.57 8.55
N PRO C 336 35.31 -29.27 7.44
CA PRO C 336 35.62 -30.70 7.46
C PRO C 336 36.63 -31.05 8.54
N THR D 2 -2.15 -2.39 10.69
CA THR D 2 -2.78 -1.08 10.71
C THR D 2 -4.17 -1.14 11.31
N LEU D 3 -4.66 0.00 11.76
CA LEU D 3 -6.02 0.13 12.24
C LEU D 3 -6.70 1.09 11.29
N LEU D 4 -7.87 0.72 10.80
CA LEU D 4 -8.60 1.55 9.85
C LEU D 4 -9.08 2.88 10.44
N THR D 5 -9.12 3.91 9.61
CA THR D 5 -9.59 5.22 10.02
C THR D 5 -10.65 5.76 9.04
N ASN D 6 -10.49 5.51 7.74
CA ASN D 6 -11.38 6.03 6.68
C ASN D 6 -12.65 5.22 6.44
N ALA D 7 -13.66 5.88 5.89
CA ALA D 7 -14.83 5.18 5.44
C ALA D 7 -14.51 4.31 4.22
N GLU D 8 -13.55 4.74 3.40
CA GLU D 8 -13.14 3.98 2.23
C GLU D 8 -12.48 2.66 2.62
N GLU D 9 -11.81 2.67 3.77
CA GLU D 9 -11.13 1.47 4.23
C GLU D 9 -12.12 0.41 4.69
N ILE D 10 -13.25 0.82 5.26
CA ILE D 10 -14.30 -0.11 5.63
C ILE D 10 -14.94 -0.71 4.37
N SER D 11 -15.20 0.15 3.38
CA SER D 11 -15.75 -0.23 2.08
C SER D 11 -14.89 -1.26 1.35
N ASP D 12 -13.57 -1.09 1.38
CA ASP D 12 -12.69 -2.10 0.79
C ASP D 12 -13.00 -3.49 1.36
N ILE D 13 -13.20 -3.58 2.67
CA ILE D 13 -13.49 -4.86 3.28
C ILE D 13 -14.93 -5.29 2.99
N ALA D 14 -15.86 -4.36 3.18
CA ALA D 14 -17.27 -4.68 3.05
C ALA D 14 -17.59 -5.23 1.66
N PHE D 15 -16.91 -4.70 0.64
CA PHE D 15 -17.24 -5.09 -0.73
C PHE D 15 -16.22 -6.06 -1.33
N GLY D 16 -15.34 -6.58 -0.49
CA GLY D 16 -14.43 -7.65 -0.90
C GLY D 16 -15.14 -8.77 -1.67
N PHE D 17 -16.37 -9.09 -1.26
CA PHE D 17 -17.13 -10.17 -1.89
C PHE D 17 -17.39 -9.93 -3.38
N MET D 18 -17.44 -8.66 -3.77
CA MET D 18 -17.62 -8.36 -5.18
C MET D 18 -16.36 -8.64 -6.00
N GLY D 19 -15.18 -8.43 -5.42
CA GLY D 19 -13.93 -8.80 -6.07
C GLY D 19 -13.82 -10.31 -6.25
N SER D 20 -14.21 -11.05 -5.22
CA SER D 20 -14.23 -12.50 -5.34
C SER D 20 -15.11 -12.93 -6.52
N LYS D 21 -16.36 -12.47 -6.56
CA LYS D 21 -17.29 -12.91 -7.61
C LYS D 21 -16.83 -12.50 -9.00
N ALA D 22 -16.17 -11.34 -9.11
CA ALA D 22 -15.64 -10.91 -10.38
C ALA D 22 -14.63 -11.92 -10.91
N LEU D 23 -13.66 -12.27 -10.07
CA LEU D 23 -12.68 -13.29 -10.41
C LEU D 23 -13.39 -14.60 -10.77
N PHE D 24 -14.40 -14.97 -9.99
CA PHE D 24 -15.07 -16.27 -10.20
C PHE D 24 -15.86 -16.31 -11.50
N ALA D 25 -16.57 -15.24 -11.80
CA ALA D 25 -17.33 -15.20 -13.05
C ALA D 25 -16.39 -15.33 -14.23
N ALA D 26 -15.33 -14.54 -14.21
CA ALA D 26 -14.32 -14.54 -15.25
C ALA D 26 -13.82 -15.96 -15.55
N LEU D 27 -13.70 -16.77 -14.50
CA LEU D 27 -13.25 -18.14 -14.63
C LEU D 27 -14.31 -19.08 -15.24
N HIS D 28 -15.58 -18.93 -14.83
CA HIS D 28 -16.63 -19.75 -15.40
C HIS D 28 -16.75 -19.49 -16.88
N HIS D 29 -16.46 -18.26 -17.29
CA HIS D 29 -16.56 -17.94 -18.70
C HIS D 29 -15.20 -18.01 -19.43
N GLY D 30 -14.20 -18.61 -18.78
CA GLY D 30 -12.86 -18.77 -19.35
C GLY D 30 -12.21 -17.53 -19.94
N VAL D 31 -12.37 -16.39 -19.27
CA VAL D 31 -11.79 -15.12 -19.70
C VAL D 31 -10.26 -15.17 -19.81
N PHE D 32 -9.61 -15.58 -18.74
CA PHE D 32 -8.15 -15.59 -18.75
C PHE D 32 -7.60 -16.49 -19.86
N THR D 33 -8.22 -17.63 -20.07
CA THR D 33 -7.78 -18.54 -21.11
C THR D 33 -7.90 -17.92 -22.51
N CYS D 34 -8.95 -17.12 -22.75
CA CYS D 34 -9.13 -16.43 -24.03
C CYS D 34 -8.03 -15.41 -24.30
N LEU D 35 -7.40 -14.93 -23.23
CA LEU D 35 -6.39 -13.89 -23.30
C LEU D 35 -4.96 -14.43 -23.41
N ALA D 36 -4.83 -15.76 -23.29
CA ALA D 36 -3.52 -16.41 -23.30
C ALA D 36 -2.80 -16.13 -24.60
N ASP D 37 -3.55 -16.02 -25.69
CA ASP D 37 -2.96 -15.79 -26.99
C ASP D 37 -2.68 -14.33 -27.29
N GLY D 38 -2.67 -13.50 -26.24
CA GLY D 38 -2.41 -12.09 -26.40
C GLY D 38 -3.63 -11.21 -26.16
N PRO D 39 -3.43 -9.89 -26.16
CA PRO D 39 -4.43 -8.91 -25.74
C PRO D 39 -5.66 -8.89 -26.64
N LEU D 40 -6.83 -8.63 -26.06
CA LEU D 40 -8.06 -8.55 -26.83
C LEU D 40 -8.84 -7.31 -26.48
N SER D 41 -9.65 -6.85 -27.43
CA SER D 41 -10.58 -5.75 -27.20
C SER D 41 -11.88 -6.34 -26.69
N VAL D 42 -12.77 -5.48 -26.21
CA VAL D 42 -14.06 -5.92 -25.72
C VAL D 42 -14.87 -6.60 -26.83
N GLU D 43 -14.85 -6.00 -28.02
CA GLU D 43 -15.54 -6.59 -29.16
C GLU D 43 -14.99 -7.97 -29.44
N GLU D 44 -13.67 -8.07 -29.41
CA GLU D 44 -13.00 -9.33 -29.68
C GLU D 44 -13.32 -10.39 -28.64
N MET D 45 -13.20 -10.03 -27.36
CA MET D 45 -13.60 -10.90 -26.27
C MET D 45 -15.06 -11.37 -26.45
N ALA D 46 -15.96 -10.44 -26.72
CA ALA D 46 -17.38 -10.77 -26.92
C ALA D 46 -17.53 -11.80 -28.01
N ALA D 47 -16.79 -11.59 -29.10
CA ALA D 47 -16.79 -12.49 -30.23
C ALA D 47 -16.21 -13.85 -29.83
N ALA D 48 -15.23 -13.83 -28.92
CA ALA D 48 -14.59 -15.08 -28.50
C ALA D 48 -15.39 -15.88 -27.48
N THR D 49 -16.40 -15.26 -26.85
CA THR D 49 -17.12 -15.92 -25.76
C THR D 49 -18.62 -15.94 -25.94
N GLY D 50 -19.11 -15.28 -26.97
CA GLY D 50 -20.56 -15.18 -27.15
C GLY D 50 -21.24 -14.37 -26.05
N LEU D 51 -20.43 -13.62 -25.28
CA LEU D 51 -20.97 -12.70 -24.29
C LEU D 51 -21.24 -11.34 -24.94
N HIS D 52 -22.29 -10.66 -24.50
CA HIS D 52 -22.58 -9.32 -25.00
C HIS D 52 -21.43 -8.36 -24.66
N PRO D 53 -21.04 -7.50 -25.61
CA PRO D 53 -19.91 -6.58 -25.47
C PRO D 53 -20.03 -5.72 -24.21
N ASP D 54 -21.23 -5.18 -23.95
CA ASP D 54 -21.45 -4.33 -22.79
C ASP D 54 -21.16 -5.00 -21.44
N ARG D 55 -21.59 -6.25 -21.26
CA ARG D 55 -21.31 -6.99 -20.02
C ARG D 55 -19.86 -7.48 -19.93
N VAL D 56 -19.26 -7.78 -21.08
CA VAL D 56 -17.86 -8.12 -21.11
C VAL D 56 -17.06 -6.92 -20.59
N GLN D 57 -17.48 -5.72 -20.98
CA GLN D 57 -16.75 -4.52 -20.56
C GLN D 57 -16.81 -4.36 -19.05
N THR D 58 -18.01 -4.41 -18.48
CA THR D 58 -18.18 -4.28 -17.04
C THR D 58 -17.29 -5.27 -16.32
N LEU D 59 -17.24 -6.50 -16.83
CA LEU D 59 -16.46 -7.55 -16.18
C LEU D 59 -14.95 -7.29 -16.25
N LEU D 60 -14.46 -6.97 -17.44
CA LEU D 60 -13.05 -6.75 -17.66
C LEU D 60 -12.59 -5.46 -16.98
N THR D 61 -13.49 -4.49 -16.87
CA THR D 61 -13.16 -3.29 -16.09
C THR D 61 -13.00 -3.66 -14.60
N ALA D 62 -13.91 -4.51 -14.11
CA ALA D 62 -13.80 -4.96 -12.74
C ALA D 62 -12.46 -5.64 -12.52
N LEU D 63 -12.12 -6.57 -13.41
CA LEU D 63 -10.86 -7.31 -13.35
C LEU D 63 -9.61 -6.41 -13.40
N ALA D 64 -9.61 -5.44 -14.29
CA ALA D 64 -8.45 -4.56 -14.43
C ALA D 64 -8.28 -3.73 -13.16
N SER D 65 -9.38 -3.26 -12.58
CA SER D 65 -9.30 -2.47 -11.34
C SER D 65 -8.77 -3.29 -10.15
N LEU D 66 -8.72 -4.61 -10.31
CA LEU D 66 -8.22 -5.50 -9.27
C LEU D 66 -6.77 -5.88 -9.60
N GLY D 67 -6.33 -5.55 -10.80
CA GLY D 67 -4.98 -5.86 -11.22
C GLY D 67 -4.84 -7.28 -11.74
N VAL D 68 -5.97 -7.95 -11.95
CA VAL D 68 -5.93 -9.33 -12.46
C VAL D 68 -5.71 -9.32 -13.95
N VAL D 69 -6.15 -8.25 -14.60
CA VAL D 69 -5.74 -7.99 -15.97
C VAL D 69 -5.25 -6.56 -16.08
N SER D 70 -4.55 -6.28 -17.18
CA SER D 70 -4.14 -4.93 -17.52
C SER D 70 -5.03 -4.38 -18.64
N ALA D 71 -5.23 -3.06 -18.63
CA ALA D 71 -6.04 -2.39 -19.63
C ALA D 71 -5.18 -1.32 -20.29
N VAL D 72 -4.73 -1.60 -21.52
CA VAL D 72 -3.91 -0.63 -22.24
C VAL D 72 -4.40 -0.38 -23.67
N GLU D 73 -4.57 0.89 -24.00
CA GLU D 73 -5.09 1.32 -25.31
C GLU D 73 -6.24 0.47 -25.85
N GLY D 74 -7.31 0.37 -25.06
CA GLY D 74 -8.53 -0.30 -25.47
C GLY D 74 -8.50 -1.82 -25.42
N ARG D 75 -7.34 -2.39 -25.09
CA ARG D 75 -7.21 -3.84 -25.07
C ARG D 75 -6.83 -4.37 -23.70
N PHE D 76 -7.21 -5.62 -23.46
CA PHE D 76 -6.97 -6.25 -22.19
C PHE D 76 -5.99 -7.40 -22.31
N ALA D 77 -5.13 -7.56 -21.31
CA ALA D 77 -4.16 -8.66 -21.27
C ALA D 77 -4.08 -9.29 -19.88
N ASN D 78 -3.78 -10.58 -19.82
CA ASN D 78 -3.61 -11.25 -18.54
C ASN D 78 -2.49 -10.59 -17.77
N SER D 79 -2.60 -10.58 -16.46
CA SER D 79 -1.49 -10.19 -15.62
C SER D 79 -0.64 -11.42 -15.53
N PRO D 80 0.65 -11.26 -15.20
CA PRO D 80 1.55 -12.39 -15.04
C PRO D 80 0.99 -13.41 -14.05
N ALA D 81 0.25 -12.96 -13.04
CA ALA D 81 -0.40 -13.87 -12.09
C ALA D 81 -1.50 -14.66 -12.79
N ALA D 82 -2.29 -13.98 -13.61
CA ALA D 82 -3.33 -14.67 -14.35
C ALA D 82 -2.74 -15.66 -15.37
N GLU D 83 -1.60 -15.29 -15.95
CA GLU D 83 -0.92 -16.15 -16.94
C GLU D 83 -0.42 -17.44 -16.32
N SER D 84 0.11 -17.34 -15.12
CA SER D 84 0.67 -18.51 -14.46
C SER D 84 -0.40 -19.35 -13.77
N PHE D 85 -1.46 -18.71 -13.29
CA PHE D 85 -2.35 -19.35 -12.30
C PHE D 85 -3.81 -19.53 -12.71
N LEU D 86 -4.26 -18.83 -13.75
CA LEU D 86 -5.67 -18.78 -14.08
C LEU D 86 -6.00 -19.27 -15.49
N VAL D 87 -4.97 -19.49 -16.31
CA VAL D 87 -5.13 -19.98 -17.67
C VAL D 87 -5.16 -21.51 -17.67
N LYS D 88 -6.21 -22.09 -18.24
CA LYS D 88 -6.33 -23.53 -18.34
C LYS D 88 -5.14 -24.13 -19.12
N GLY D 89 -4.46 -25.09 -18.50
CA GLY D 89 -3.26 -25.66 -19.09
C GLY D 89 -1.96 -25.17 -18.47
N ALA D 90 -1.98 -23.95 -17.95
CA ALA D 90 -0.78 -23.40 -17.33
C ALA D 90 -0.29 -24.37 -16.26
N LYS D 91 1.01 -24.38 -16.05
CA LYS D 91 1.65 -25.30 -15.12
C LYS D 91 1.11 -25.20 -13.70
N TYR D 92 0.74 -23.99 -13.27
CA TYR D 92 0.30 -23.74 -11.90
C TYR D 92 -1.17 -23.32 -11.78
N ASP D 93 -1.94 -23.62 -12.83
CA ASP D 93 -3.35 -23.25 -12.91
C ASP D 93 -4.15 -23.83 -11.75
N PHE D 94 -4.70 -22.97 -10.89
CA PHE D 94 -5.66 -23.44 -9.90
C PHE D 94 -7.05 -22.84 -10.07
N GLY D 95 -7.38 -22.48 -11.30
CA GLY D 95 -8.65 -21.88 -11.64
C GLY D 95 -9.87 -22.71 -11.29
N ASP D 96 -9.86 -24.00 -11.64
CA ASP D 96 -11.01 -24.84 -11.35
C ASP D 96 -11.25 -25.03 -9.86
N TYR D 97 -10.19 -24.96 -9.08
CA TYR D 97 -10.34 -25.01 -7.63
C TYR D 97 -11.11 -23.79 -7.14
N LEU D 98 -10.70 -22.61 -7.58
CA LEU D 98 -11.40 -21.41 -7.19
C LEU D 98 -12.85 -21.49 -7.69
N ARG D 99 -12.98 -21.89 -8.94
CA ARG D 99 -14.24 -21.89 -9.65
C ARG D 99 -15.22 -22.91 -9.04
N LEU D 100 -14.75 -24.13 -8.84
CA LEU D 100 -15.65 -25.23 -8.52
C LEU D 100 -15.86 -25.40 -7.02
N GLN D 101 -14.79 -25.29 -6.25
CA GLN D 101 -14.86 -25.43 -4.81
C GLN D 101 -15.16 -24.10 -4.06
N VAL D 102 -14.33 -23.08 -4.27
CA VAL D 102 -14.46 -21.82 -3.52
C VAL D 102 -15.71 -21.05 -3.86
N ASP D 103 -15.93 -20.82 -5.14
CA ASP D 103 -17.13 -20.13 -5.59
C ASP D 103 -18.37 -21.02 -5.39
N ARG D 104 -18.50 -22.08 -6.20
CA ARG D 104 -19.72 -22.90 -6.22
C ARG D 104 -20.17 -23.39 -4.84
N GLN D 105 -19.23 -23.72 -3.97
CA GLN D 105 -19.60 -24.27 -2.68
C GLN D 105 -19.47 -23.31 -1.48
N MET D 106 -18.30 -22.72 -1.26
CA MET D 106 -18.07 -21.89 -0.06
C MET D 106 -18.82 -20.56 -0.04
N TYR D 107 -18.96 -19.94 -1.20
CA TYR D 107 -19.57 -18.62 -1.27
C TYR D 107 -20.99 -18.60 -0.73
N GLY D 108 -21.81 -19.53 -1.22
CA GLY D 108 -23.19 -19.63 -0.77
C GLY D 108 -23.29 -20.16 0.65
N LEU D 109 -22.36 -21.04 1.01
CA LEU D 109 -22.34 -21.59 2.38
C LEU D 109 -22.15 -20.48 3.43
N LEU D 110 -21.27 -19.53 3.13
CA LEU D 110 -20.98 -18.44 4.06
C LEU D 110 -22.18 -17.52 4.18
N ASP D 111 -23.13 -17.63 3.26
CA ASP D 111 -24.32 -16.80 3.34
C ASP D 111 -25.13 -17.20 4.58
N GLN D 112 -24.57 -18.12 5.36
CA GLN D 112 -25.23 -18.59 6.57
C GLN D 112 -24.45 -18.36 7.89
N ILE D 113 -23.31 -17.67 7.87
CA ILE D 113 -22.52 -17.56 9.09
C ILE D 113 -23.25 -16.83 10.24
N GLU D 114 -24.16 -15.93 9.89
CA GLU D 114 -24.87 -15.19 10.93
C GLU D 114 -25.47 -16.15 11.94
N ASP D 115 -26.32 -17.06 11.45
CA ASP D 115 -26.94 -18.09 12.28
C ASP D 115 -25.95 -19.17 12.70
N ALA D 116 -25.06 -19.55 11.78
CA ALA D 116 -24.08 -20.57 12.06
C ALA D 116 -23.22 -20.15 13.25
N ILE D 117 -22.81 -18.89 13.26
CA ILE D 117 -21.97 -18.39 14.33
C ILE D 117 -22.70 -18.38 15.69
N ALA D 118 -24.02 -18.28 15.66
CA ALA D 118 -24.78 -18.20 16.90
C ALA D 118 -25.31 -19.57 17.34
N ASN D 119 -24.85 -20.63 16.68
CA ASN D 119 -25.34 -22.00 16.90
C ASN D 119 -26.85 -22.03 16.70
N ASN D 120 -27.30 -21.29 15.69
CA ASN D 120 -28.71 -21.10 15.41
C ASN D 120 -29.11 -21.66 14.04
N LEU D 121 -28.37 -22.66 13.55
CA LEU D 121 -28.51 -23.14 12.17
C LEU D 121 -29.60 -24.20 11.96
N PRO D 122 -30.60 -23.87 11.12
CA PRO D 122 -31.60 -24.82 10.60
C PRO D 122 -31.14 -25.44 9.27
N SER D 143 -9.22 -30.53 -8.53
CA SER D 143 -8.39 -31.62 -7.98
C SER D 143 -6.99 -31.68 -8.59
N ASN D 144 -6.90 -31.67 -9.92
CA ASN D 144 -5.65 -31.34 -10.62
C ASN D 144 -5.29 -29.89 -10.28
N SER D 145 -6.33 -29.07 -10.12
CA SER D 145 -6.18 -27.69 -9.70
C SER D 145 -5.51 -27.67 -8.34
N GLN D 146 -6.06 -28.45 -7.41
CA GLN D 146 -5.52 -28.51 -6.06
C GLN D 146 -4.04 -28.88 -6.11
N HIS D 147 -3.71 -29.92 -6.87
CA HIS D 147 -2.33 -30.35 -7.00
C HIS D 147 -1.42 -29.21 -7.50
N ALA D 148 -1.74 -28.68 -8.68
CA ALA D 148 -0.97 -27.58 -9.28
C ALA D 148 -0.81 -26.40 -8.32
N GLY D 149 -1.88 -26.06 -7.60
CA GLY D 149 -1.82 -25.00 -6.60
C GLY D 149 -0.84 -25.27 -5.46
N SER D 150 -0.60 -26.54 -5.13
CA SER D 150 0.26 -26.87 -4.01
C SER D 150 1.78 -26.83 -4.32
N LEU D 151 2.12 -26.84 -5.60
CA LEU D 151 3.51 -26.97 -6.01
C LEU D 151 4.39 -25.82 -5.50
N GLY D 152 3.98 -24.58 -5.72
CA GLY D 152 4.75 -23.45 -5.22
C GLY D 152 5.00 -23.54 -3.72
N PRO D 153 3.92 -23.70 -2.93
CA PRO D 153 4.05 -23.86 -1.47
C PRO D 153 5.02 -24.98 -1.13
N ALA D 154 4.89 -26.10 -1.82
CA ALA D 154 5.78 -27.24 -1.63
C ALA D 154 7.24 -26.89 -1.94
N ARG D 155 7.47 -26.03 -2.94
CA ARG D 155 8.80 -25.52 -3.23
C ARG D 155 9.31 -24.73 -2.03
N GLY D 156 8.46 -23.81 -1.57
CA GLY D 156 8.78 -22.99 -0.42
C GLY D 156 9.20 -23.83 0.77
N LEU D 157 8.47 -24.93 1.02
CA LEU D 157 8.76 -25.77 2.18
C LEU D 157 10.08 -26.51 2.02
N ALA D 158 10.40 -26.91 0.79
CA ALA D 158 11.66 -27.59 0.53
C ALA D 158 12.84 -26.70 0.89
N LYS D 159 12.61 -25.39 0.98
CA LYS D 159 13.67 -24.47 1.36
C LYS D 159 13.82 -24.33 2.87
N LEU D 160 12.79 -24.76 3.62
CA LEU D 160 12.76 -24.59 5.07
C LEU D 160 13.38 -25.75 5.86
N ILE D 161 13.73 -26.82 5.17
CA ILE D 161 14.22 -28.00 5.85
C ILE D 161 15.23 -28.77 5.01
N ASP D 162 15.75 -29.85 5.58
CA ASP D 162 16.74 -30.66 4.89
C ASP D 162 16.53 -32.15 5.20
N LEU D 163 16.22 -32.93 4.16
CA LEU D 163 16.01 -34.37 4.30
C LEU D 163 17.06 -35.14 3.49
N SER D 164 18.23 -34.53 3.35
CA SER D 164 19.34 -35.13 2.62
C SER D 164 19.86 -36.40 3.31
N GLY D 165 20.60 -37.20 2.55
CA GLY D 165 21.27 -38.37 3.08
C GLY D 165 20.38 -39.55 3.46
N GLY D 166 19.64 -40.05 2.47
CA GLY D 166 18.84 -41.26 2.63
C GLY D 166 17.88 -41.31 3.80
N LYS D 167 16.92 -40.38 3.84
CA LYS D 167 15.94 -40.40 4.92
C LYS D 167 14.65 -41.08 4.48
N LYS D 168 13.78 -41.35 5.45
CA LYS D 168 12.46 -41.91 5.18
C LYS D 168 11.37 -40.93 5.63
N LEU D 169 10.47 -40.59 4.72
CA LEU D 169 9.50 -39.53 4.94
C LEU D 169 8.06 -40.04 4.87
N LEU D 170 7.27 -39.75 5.90
CA LEU D 170 5.88 -40.15 5.91
C LEU D 170 4.99 -38.91 5.79
N ASP D 171 4.17 -38.86 4.75
CA ASP D 171 3.28 -37.72 4.53
C ASP D 171 1.87 -38.15 4.89
N VAL D 172 1.47 -37.95 6.14
CA VAL D 172 0.18 -38.42 6.58
C VAL D 172 -0.97 -37.58 6.04
N GLY D 173 -1.68 -38.12 5.06
CA GLY D 173 -2.76 -37.39 4.45
C GLY D 173 -2.33 -36.63 3.22
N GLY D 174 -1.21 -37.05 2.64
CA GLY D 174 -0.55 -36.34 1.57
C GLY D 174 -1.31 -36.09 0.29
N GLY D 175 -2.51 -36.63 0.18
CA GLY D 175 -3.31 -36.41 -1.01
C GLY D 175 -2.65 -36.87 -2.29
N THR D 176 -2.70 -36.05 -3.33
CA THR D 176 -2.14 -36.42 -4.60
C THR D 176 -0.62 -36.31 -4.61
N GLY D 177 -0.05 -36.03 -3.44
CA GLY D 177 1.39 -36.08 -3.29
C GLY D 177 2.25 -34.95 -3.80
N ALA D 178 1.70 -33.75 -4.00
CA ALA D 178 2.49 -32.62 -4.50
C ALA D 178 3.67 -32.28 -3.58
N PHE D 179 3.49 -32.46 -2.28
CA PHE D 179 4.57 -32.19 -1.33
C PHE D 179 5.61 -33.31 -1.32
N ALA D 180 5.14 -34.56 -1.29
CA ALA D 180 6.05 -35.69 -1.38
C ALA D 180 6.90 -35.58 -2.64
N ILE D 181 6.25 -35.26 -3.75
CA ILE D 181 6.91 -35.20 -5.05
C ILE D 181 7.92 -34.08 -5.12
N THR D 182 7.54 -32.90 -4.61
CA THR D 182 8.42 -31.74 -4.61
C THR D 182 9.66 -31.97 -3.73
N LEU D 183 9.47 -32.62 -2.59
CA LEU D 183 10.55 -32.89 -1.66
C LEU D 183 11.51 -33.98 -2.18
N CYS D 184 10.97 -34.97 -2.91
CA CYS D 184 11.84 -35.98 -3.53
C CYS D 184 12.69 -35.40 -4.65
N LYS D 185 12.12 -34.46 -5.42
CA LYS D 185 12.87 -33.78 -6.48
C LYS D 185 14.01 -33.02 -5.83
N ALA D 186 13.75 -32.49 -4.64
CA ALA D 186 14.73 -31.68 -3.91
C ALA D 186 15.88 -32.50 -3.32
N PHE D 187 15.52 -33.64 -2.72
CA PHE D 187 16.49 -34.48 -2.02
C PHE D 187 16.73 -35.85 -2.68
N ALA D 188 17.93 -35.99 -3.22
CA ALA D 188 18.35 -37.13 -4.03
C ALA D 188 17.81 -38.47 -3.58
N ASP D 189 18.08 -38.83 -2.32
CA ASP D 189 17.71 -40.18 -1.89
C ASP D 189 16.57 -40.23 -0.89
N LEU D 190 15.71 -39.22 -0.93
CA LEU D 190 14.53 -39.21 -0.08
C LEU D 190 13.54 -40.25 -0.58
N ALA D 191 13.13 -41.16 0.30
CA ALA D 191 12.04 -42.10 0.01
C ALA D 191 10.79 -41.63 0.74
N ALA D 192 9.65 -41.63 0.04
CA ALA D 192 8.42 -41.16 0.65
C ALA D 192 7.33 -42.21 0.66
N THR D 193 6.56 -42.22 1.75
CA THR D 193 5.34 -42.98 1.86
C THR D 193 4.20 -41.99 2.04
N ILE D 194 3.18 -42.10 1.19
CA ILE D 194 1.98 -41.29 1.32
C ILE D 194 0.81 -42.14 1.80
N VAL D 195 0.09 -41.66 2.80
CA VAL D 195 -1.06 -42.36 3.36
C VAL D 195 -2.34 -41.57 3.09
N ASP D 196 -3.24 -42.11 2.27
CA ASP D 196 -4.47 -41.42 1.93
C ASP D 196 -5.50 -42.34 1.24
N PHE D 197 -6.63 -41.77 0.83
CA PHE D 197 -7.73 -42.54 0.25
C PHE D 197 -7.49 -43.04 -1.18
N PRO D 198 -8.11 -44.19 -1.52
CA PRO D 198 -7.99 -44.88 -2.80
C PRO D 198 -8.13 -43.95 -4.01
N ASN D 199 -9.25 -43.24 -4.06
CA ASN D 199 -9.50 -42.29 -5.13
C ASN D 199 -8.33 -41.33 -5.39
N VAL D 200 -7.88 -40.64 -4.33
CA VAL D 200 -6.74 -39.72 -4.44
C VAL D 200 -5.44 -40.46 -4.76
N ALA D 201 -5.27 -41.65 -4.20
CA ALA D 201 -4.08 -42.46 -4.44
C ALA D 201 -3.90 -42.72 -5.94
N ALA D 202 -5.00 -43.10 -6.58
CA ALA D 202 -5.02 -43.37 -8.02
C ALA D 202 -4.46 -42.19 -8.79
N LEU D 203 -4.91 -40.99 -8.45
CA LEU D 203 -4.41 -39.79 -9.12
C LEU D 203 -2.96 -39.48 -8.70
N GLY D 204 -2.64 -39.69 -7.43
CA GLY D 204 -1.30 -39.59 -6.93
C GLY D 204 -0.29 -40.51 -7.62
N LYS D 205 -0.64 -41.75 -7.84
CA LYS D 205 0.28 -42.65 -8.50
C LYS D 205 0.65 -42.09 -9.85
N GLY D 206 -0.30 -41.41 -10.46
CA GLY D 206 -0.09 -40.86 -11.78
C GLY D 206 0.80 -39.64 -11.79
N TYR D 207 0.73 -38.85 -10.74
CA TYR D 207 1.58 -37.68 -10.66
C TYR D 207 3.01 -38.11 -10.35
N VAL D 208 3.13 -39.15 -9.55
CA VAL D 208 4.42 -39.71 -9.19
C VAL D 208 5.16 -40.18 -10.43
N GLU D 209 4.44 -40.86 -11.33
CA GLU D 209 5.06 -41.36 -12.53
C GLU D 209 5.40 -40.23 -13.46
N LYS D 210 4.52 -39.25 -13.55
CA LYS D 210 4.77 -38.11 -14.40
C LYS D 210 6.08 -37.48 -14.00
N ALA D 211 6.46 -37.72 -12.75
CA ALA D 211 7.69 -37.18 -12.22
C ALA D 211 8.79 -38.22 -12.29
N GLY D 212 8.41 -39.47 -12.43
CA GLY D 212 9.37 -40.55 -12.52
C GLY D 212 9.86 -40.97 -11.15
N LEU D 213 9.03 -40.77 -10.15
CA LEU D 213 9.45 -41.08 -8.79
C LEU D 213 8.91 -42.41 -8.29
N SER D 214 8.35 -43.20 -9.20
CA SER D 214 7.69 -44.44 -8.79
C SER D 214 8.59 -45.33 -7.93
N ASP D 215 9.89 -45.20 -8.15
CA ASP D 215 10.86 -45.98 -7.40
C ASP D 215 10.94 -45.53 -5.94
N ARG D 216 10.66 -44.25 -5.70
CA ARG D 216 10.87 -43.66 -4.37
C ARG D 216 9.60 -43.29 -3.59
N ILE D 217 8.48 -43.13 -4.27
CA ILE D 217 7.24 -42.79 -3.57
C ILE D 217 6.20 -43.90 -3.64
N GLU D 218 5.67 -44.28 -2.49
CA GLU D 218 4.78 -45.43 -2.37
C GLU D 218 3.54 -45.07 -1.57
N TYR D 219 2.36 -45.31 -2.15
CA TYR D 219 1.11 -45.09 -1.43
C TYR D 219 0.72 -46.27 -0.55
N VAL D 220 0.44 -45.97 0.70
CA VAL D 220 -0.32 -46.88 1.55
C VAL D 220 -1.77 -46.39 1.50
N ILE D 221 -2.67 -47.23 1.00
CA ILE D 221 -4.03 -46.77 0.75
C ILE D 221 -4.93 -46.97 1.96
N GLY D 222 -5.70 -45.93 2.26
CA GLY D 222 -6.65 -45.97 3.36
C GLY D 222 -6.89 -44.62 3.98
N ASP D 223 -7.78 -44.61 4.96
CA ASP D 223 -8.05 -43.44 5.75
C ASP D 223 -6.93 -43.33 6.76
N ALA D 224 -6.19 -42.23 6.70
CA ALA D 224 -5.01 -42.05 7.50
C ALA D 224 -5.20 -42.19 9.00
N LEU D 225 -6.40 -42.53 9.44
CA LEU D 225 -6.70 -42.43 10.87
C LEU D 225 -6.47 -43.61 11.83
N ARG D 226 -7.09 -44.78 11.71
CA ARG D 226 -7.84 -45.35 10.59
C ARG D 226 -7.00 -46.39 9.87
N THR D 227 -5.87 -45.97 9.30
CA THR D 227 -4.96 -46.90 8.66
C THR D 227 -3.63 -46.95 9.39
N GLU D 228 -2.90 -48.03 9.20
CA GLU D 228 -1.65 -48.24 9.95
C GLU D 228 -0.40 -47.69 9.25
N TRP D 229 0.46 -47.01 10.01
CA TRP D 229 1.62 -46.35 9.43
C TRP D 229 2.92 -47.13 9.60
N PRO D 230 3.87 -46.96 8.65
CA PRO D 230 5.25 -47.44 8.78
C PRO D 230 5.95 -46.73 9.92
N ARG D 231 7.00 -47.33 10.47
CA ARG D 231 7.67 -46.77 11.65
C ARG D 231 9.13 -46.44 11.39
N GLU D 232 9.84 -46.04 12.43
CA GLU D 232 11.25 -45.63 12.30
C GLU D 232 11.38 -44.67 11.13
N GLN D 233 10.50 -43.68 11.11
CA GLN D 233 10.49 -42.67 10.07
C GLN D 233 11.46 -41.56 10.43
N ASP D 234 12.03 -40.90 9.43
CA ASP D 234 12.94 -39.77 9.69
C ASP D 234 12.21 -38.43 9.75
N ALA D 235 11.04 -38.38 9.11
CA ALA D 235 10.25 -37.16 9.08
C ALA D 235 8.81 -37.53 8.80
N ILE D 236 7.89 -36.86 9.48
CA ILE D 236 6.48 -37.05 9.24
C ILE D 236 5.86 -35.70 8.89
N LEU D 237 5.16 -35.63 7.76
CA LEU D 237 4.55 -34.39 7.32
C LEU D 237 3.05 -34.48 7.50
N MET D 238 2.46 -33.44 8.09
CA MET D 238 1.01 -33.30 8.18
C MET D 238 0.63 -31.94 7.60
N SER D 239 0.04 -31.97 6.41
CA SER D 239 -0.23 -30.78 5.62
C SER D 239 -1.72 -30.62 5.47
N TYR D 240 -2.29 -29.67 6.21
CA TYR D 240 -3.74 -29.46 6.30
C TYR D 240 -4.49 -30.63 6.93
N LEU D 241 -3.77 -31.46 7.67
CA LEU D 241 -4.38 -32.58 8.39
C LEU D 241 -5.04 -32.10 9.68
N PHE D 242 -4.34 -31.28 10.46
CA PHE D 242 -4.88 -30.78 11.72
C PHE D 242 -6.16 -29.98 11.54
N SER D 243 -6.09 -28.92 10.76
CA SER D 243 -7.29 -28.17 10.42
C SER D 243 -8.41 -29.13 10.05
N GLY D 244 -8.12 -30.10 9.17
CA GLY D 244 -9.16 -30.98 8.63
C GLY D 244 -9.51 -32.19 9.48
N VAL D 245 -9.56 -31.99 10.80
CA VAL D 245 -9.69 -33.11 11.73
C VAL D 245 -10.22 -32.61 13.07
N ALA D 246 -11.13 -33.37 13.67
CA ALA D 246 -11.74 -32.97 14.93
C ALA D 246 -10.69 -32.69 16.01
N GLY D 247 -11.11 -32.06 17.10
CA GLY D 247 -10.19 -31.71 18.18
C GLY D 247 -9.77 -32.89 19.05
N ASP D 248 -10.70 -33.81 19.31
CA ASP D 248 -10.46 -34.96 20.17
C ASP D 248 -9.24 -35.73 19.70
N GLU D 249 -9.03 -35.70 18.39
CA GLU D 249 -8.07 -36.57 17.75
C GLU D 249 -6.67 -35.98 17.68
N HIS D 250 -6.45 -34.80 18.23
CA HIS D 250 -5.16 -34.14 18.06
C HIS D 250 -4.01 -34.72 18.88
N ASP D 251 -4.22 -34.91 20.19
CA ASP D 251 -3.11 -35.37 21.04
C ASP D 251 -2.74 -36.83 20.79
N SER D 252 -3.75 -37.67 20.57
CA SER D 252 -3.56 -39.08 20.22
C SER D 252 -3.17 -39.23 18.73
N LEU D 253 -2.76 -38.12 18.14
CA LEU D 253 -2.35 -38.07 16.75
C LEU D 253 -0.94 -37.52 16.78
N LEU D 254 -0.73 -36.59 17.71
CA LEU D 254 0.60 -36.10 18.05
C LEU D 254 1.46 -37.22 18.62
N LYS D 255 0.85 -38.00 19.52
CA LYS D 255 1.55 -39.10 20.17
C LYS D 255 1.90 -40.13 19.12
N ARG D 256 0.90 -40.48 18.31
CA ARG D 256 1.04 -41.52 17.30
C ARG D 256 2.14 -41.18 16.32
N ALA D 257 2.38 -39.88 16.13
CA ALA D 257 3.44 -39.41 15.25
C ALA D 257 4.77 -39.38 15.98
N TYR D 258 4.73 -39.42 17.30
CA TYR D 258 5.96 -39.48 18.09
C TYR D 258 6.52 -40.90 18.07
N ASP D 259 5.63 -41.84 18.33
CA ASP D 259 5.92 -43.27 18.33
C ASP D 259 6.59 -43.71 17.01
N HIS D 260 5.94 -43.41 15.89
CA HIS D 260 6.43 -43.82 14.57
C HIS D 260 7.61 -43.01 14.07
N LEU D 261 8.28 -42.27 14.94
CA LEU D 261 9.51 -41.60 14.54
C LEU D 261 10.74 -42.27 15.11
N VAL D 262 11.90 -41.95 14.55
CA VAL D 262 13.16 -42.40 15.09
C VAL D 262 13.66 -41.32 16.03
N PRO D 263 14.52 -41.68 16.98
CA PRO D 263 15.24 -40.64 17.71
C PRO D 263 15.97 -39.74 16.72
N GLY D 264 15.79 -38.44 16.84
CA GLY D 264 16.35 -37.50 15.89
C GLY D 264 15.37 -37.15 14.78
N GLY D 265 14.28 -37.90 14.70
CA GLY D 265 13.23 -37.66 13.72
C GLY D 265 12.64 -36.26 13.80
N ARG D 266 11.98 -35.84 12.73
CA ARG D 266 11.43 -34.49 12.64
C ARG D 266 9.95 -34.50 12.27
N LEU D 267 9.14 -33.78 13.05
CA LEU D 267 7.71 -33.64 12.76
C LEU D 267 7.44 -32.30 12.11
N LEU D 268 6.61 -32.31 11.08
CA LEU D 268 6.33 -31.10 10.33
C LEU D 268 4.83 -30.92 10.20
N ILE D 269 4.32 -29.81 10.73
CA ILE D 269 2.89 -29.53 10.64
C ILE D 269 2.68 -28.24 9.89
N HIS D 270 2.08 -28.37 8.71
CA HIS D 270 1.80 -27.22 7.85
C HIS D 270 0.30 -27.09 7.87
N ASP D 271 -0.21 -25.90 8.22
CA ASP D 271 -1.66 -25.72 8.37
C ASP D 271 -2.05 -24.25 8.58
N PHE D 272 -3.36 -24.00 8.62
CA PHE D 272 -3.89 -22.67 8.90
C PHE D 272 -3.77 -22.36 10.38
N VAL D 273 -2.84 -21.48 10.72
CA VAL D 273 -2.58 -21.17 12.11
C VAL D 273 -2.54 -19.67 12.32
N VAL D 274 -3.24 -19.19 13.35
CA VAL D 274 -3.14 -17.79 13.74
C VAL D 274 -2.14 -17.61 14.90
N THR D 275 -1.51 -16.44 14.97
CA THR D 275 -0.62 -16.13 16.07
C THR D 275 -1.42 -16.01 17.37
N ALA D 276 -0.77 -16.28 18.50
CA ALA D 276 -1.44 -16.25 19.79
C ALA D 276 -1.93 -14.86 20.25
N ASP D 277 -1.42 -13.81 19.64
CA ASP D 277 -1.88 -12.47 19.98
C ASP D 277 -3.12 -12.09 19.16
N ARG D 278 -3.56 -13.00 18.30
CA ARG D 278 -4.84 -12.88 17.62
C ARG D 278 -4.90 -11.78 16.58
N THR D 279 -3.77 -11.39 16.00
CA THR D 279 -3.79 -10.38 14.95
C THR D 279 -3.66 -10.94 13.53
N GLY D 280 -3.63 -12.25 13.39
CA GLY D 280 -3.46 -12.83 12.07
C GLY D 280 -2.70 -14.15 12.03
N PRO D 281 -2.17 -14.65 10.82
CA PRO D 281 -2.35 -13.78 9.63
C PRO D 281 -3.77 -13.75 9.05
N LYS D 282 -4.01 -12.77 8.19
CA LYS D 282 -5.34 -12.49 7.67
C LYS D 282 -6.04 -13.68 7.05
N LEU D 283 -5.44 -14.23 6.01
CA LEU D 283 -6.07 -15.30 5.27
C LEU D 283 -6.34 -16.48 6.17
N ALA D 284 -5.40 -16.78 7.07
CA ALA D 284 -5.60 -17.89 7.99
C ALA D 284 -6.80 -17.63 8.93
N ALA D 285 -6.89 -16.41 9.44
CA ALA D 285 -7.99 -16.09 10.36
C ALA D 285 -9.35 -16.10 9.66
N LEU D 286 -9.38 -15.61 8.42
CA LEU D 286 -10.63 -15.70 7.64
C LEU D 286 -10.99 -17.17 7.45
N TRP D 287 -10.00 -17.97 7.10
CA TRP D 287 -10.29 -19.38 6.85
C TRP D 287 -10.81 -20.07 8.13
N GLN D 288 -10.18 -19.79 9.27
CA GLN D 288 -10.56 -20.41 10.54
C GLN D 288 -11.95 -20.01 10.98
N LEU D 289 -12.40 -18.82 10.57
CA LEU D 289 -13.68 -18.30 11.04
C LEU D 289 -14.81 -19.15 10.50
N GLN D 290 -14.77 -19.40 9.21
CA GLN D 290 -15.81 -20.17 8.54
C GLN D 290 -15.68 -21.65 8.86
N HIS D 291 -14.44 -22.14 8.97
CA HIS D 291 -14.26 -23.54 9.29
C HIS D 291 -14.89 -23.91 10.64
N THR D 292 -14.53 -23.18 11.70
CA THR D 292 -15.04 -23.50 13.04
C THR D 292 -16.48 -23.08 13.27
N ALA D 293 -17.01 -22.19 12.43
CA ALA D 293 -18.39 -21.79 12.55
C ALA D 293 -19.29 -22.90 12.00
N PHE D 294 -18.83 -23.54 10.93
CA PHE D 294 -19.60 -24.59 10.30
C PHE D 294 -19.14 -26.01 10.69
N THR D 295 -18.03 -26.10 11.41
CA THR D 295 -17.51 -27.39 11.87
C THR D 295 -17.15 -27.28 13.34
N PRO D 296 -18.17 -27.21 14.21
CA PRO D 296 -17.98 -26.85 15.63
C PRO D 296 -16.99 -27.75 16.39
N GLU D 297 -16.85 -29.01 15.98
CA GLU D 297 -15.89 -29.93 16.62
C GLU D 297 -14.44 -29.56 16.31
N ALA D 298 -14.25 -28.77 15.26
CA ALA D 298 -12.92 -28.35 14.86
C ALA D 298 -12.29 -27.41 15.88
N ARG D 299 -10.96 -27.33 15.86
CA ARG D 299 -10.24 -26.46 16.77
C ARG D 299 -9.66 -25.29 16.00
N SER D 300 -9.71 -24.11 16.61
CA SER D 300 -8.97 -22.98 16.06
C SER D 300 -7.50 -23.08 16.47
N LEU D 301 -6.65 -23.33 15.49
CA LEU D 301 -5.23 -23.52 15.72
C LEU D 301 -4.51 -22.21 15.94
N ASP D 302 -3.85 -22.09 17.10
CA ASP D 302 -2.87 -21.02 17.30
C ASP D 302 -1.49 -21.55 17.64
N ASP D 303 -0.48 -20.79 17.25
CA ASP D 303 0.92 -21.20 17.36
C ASP D 303 1.41 -21.52 18.77
N GLU D 304 1.06 -20.72 19.76
CA GLU D 304 1.53 -20.99 21.12
C GLU D 304 0.94 -22.29 21.64
N TRP D 305 -0.32 -22.56 21.35
CA TRP D 305 -0.94 -23.83 21.74
C TRP D 305 -0.35 -25.01 20.98
N LEU D 306 0.20 -24.73 19.81
CA LEU D 306 0.77 -25.77 18.99
C LEU D 306 2.14 -26.17 19.55
N ALA D 307 2.97 -25.17 19.85
CA ALA D 307 4.23 -25.45 20.51
C ALA D 307 3.96 -26.25 21.78
N GLU D 308 3.12 -25.68 22.67
CA GLU D 308 2.80 -26.29 23.96
C GLU D 308 2.38 -27.76 23.89
N GLN D 309 1.47 -28.08 22.98
CA GLN D 309 0.99 -29.44 22.87
C GLN D 309 2.05 -30.39 22.31
N LEU D 310 3.01 -29.84 21.60
CA LEU D 310 4.14 -30.61 21.08
C LEU D 310 5.07 -31.00 22.22
N LYS D 311 5.40 -30.04 23.08
CA LYS D 311 6.26 -30.30 24.23
C LYS D 311 5.64 -31.38 25.08
N LYS D 312 4.40 -31.14 25.52
CA LYS D 312 3.66 -32.14 26.29
C LYS D 312 3.93 -33.53 25.77
N THR D 313 3.89 -33.68 24.44
CA THR D 313 4.04 -34.98 23.77
C THR D 313 5.46 -35.54 23.86
N GLY D 314 6.46 -34.65 23.91
CA GLY D 314 7.83 -35.08 24.16
C GLY D 314 8.88 -34.46 23.27
N PHE D 315 8.47 -33.60 22.35
CA PHE D 315 9.36 -33.01 21.36
C PHE D 315 10.20 -31.91 21.97
N THR D 316 11.34 -31.63 21.37
CA THR D 316 12.07 -30.42 21.72
C THR D 316 12.39 -29.70 20.43
N ASP D 317 13.18 -28.63 20.51
CA ASP D 317 13.50 -27.85 19.32
C ASP D 317 12.27 -27.27 18.62
N VAL D 318 11.13 -27.32 19.30
CA VAL D 318 9.86 -26.83 18.74
C VAL D 318 10.01 -25.41 18.21
N LYS D 319 9.54 -25.20 16.98
CA LYS D 319 9.68 -23.91 16.29
C LYS D 319 8.52 -23.71 15.32
N VAL D 320 7.74 -22.65 15.52
CA VAL D 320 6.61 -22.34 14.65
C VAL D 320 6.88 -21.09 13.81
N GLY D 321 6.86 -21.25 12.49
CA GLY D 321 7.15 -20.14 11.60
C GLY D 321 6.19 -20.04 10.43
N PRO D 322 6.32 -18.98 9.63
CA PRO D 322 5.48 -18.81 8.45
C PRO D 322 5.91 -19.74 7.33
N MET D 323 4.95 -20.20 6.55
CA MET D 323 5.22 -21.07 5.42
C MET D 323 4.72 -20.38 4.15
N ILE D 324 3.43 -20.51 3.86
CA ILE D 324 2.85 -19.76 2.76
C ILE D 324 2.53 -18.37 3.27
N PRO D 325 3.11 -17.36 2.62
CA PRO D 325 3.12 -15.97 3.09
C PRO D 325 1.70 -15.45 3.32
N GLY D 326 1.41 -15.06 4.55
CA GLY D 326 0.10 -14.51 4.87
C GLY D 326 -1.03 -15.52 4.97
N MET D 327 -0.70 -16.81 4.91
CA MET D 327 -1.73 -17.83 4.86
C MET D 327 -1.53 -19.05 5.78
N THR D 328 -0.33 -19.61 5.79
CA THR D 328 -0.15 -20.81 6.57
C THR D 328 1.16 -20.79 7.33
N MET D 329 1.24 -21.64 8.34
CA MET D 329 2.47 -21.72 9.11
C MET D 329 3.05 -23.13 9.10
N LEU D 330 4.37 -23.21 9.25
CA LEU D 330 5.03 -24.49 9.45
C LEU D 330 5.58 -24.65 10.87
N ALA D 331 5.02 -25.59 11.61
CA ALA D 331 5.48 -25.93 12.96
C ALA D 331 6.33 -27.19 12.93
N GLU D 332 7.61 -27.07 13.27
CA GLU D 332 8.51 -28.23 13.30
C GLU D 332 8.96 -28.66 14.71
N ALA D 333 9.23 -29.95 14.86
CA ALA D 333 9.53 -30.55 16.16
C ALA D 333 10.39 -31.83 16.01
N VAL D 334 11.07 -32.21 17.08
CA VAL D 334 12.04 -33.31 17.02
C VAL D 334 11.88 -34.26 18.19
N ARG D 335 11.84 -35.57 17.91
CA ARG D 335 11.99 -36.55 18.96
C ARG D 335 13.45 -36.49 19.33
N PRO D 336 13.73 -36.14 20.59
CA PRO D 336 15.13 -35.89 21.00
C PRO D 336 16.06 -37.09 20.74
N GLU D 337 17.34 -36.81 20.57
CA GLU D 337 18.32 -37.86 20.35
C GLU D 337 18.54 -38.66 21.64
#